data_6ZLA
#
_entry.id   6ZLA
#
_cell.length_a   214.503
_cell.length_b   78.529
_cell.length_c   87.949
_cell.angle_alpha   90.000
_cell.angle_beta   91.010
_cell.angle_gamma   90.000
#
_symmetry.space_group_name_H-M   'C 1 2 1'
#
loop_
_entity.id
_entity.type
_entity.pdbx_description
1 polymer 'Epimerase domain-containing protein'
2 non-polymer NICOTINAMIDE-ADENINE-DINUCLEOTIDE
3 water water
#
_entity_poly.entity_id   1
_entity_poly.type   'polypeptide(L)'
_entity_poly.pdbx_seq_one_letter_code
;MKILVTGAAGFIGSHLCQALLKNSAYHVVGIDHFIGPTPATLKTGNIQSLELNSRFQFIREDILNTDLSKLLQDIDVVYH
LAAIPGVRTSWGKDFQPYVTNNIMVTQQLLEACKHIKLDKFIHISTSSVYGEKSGAVSEDLLPIPLSPYGVTKLSGEHLC
HVYHKNFHIPIVILRYFTVYGPRQRPDMAFHRLIKQMLEDKPLTIFGDGTQTRDFTYIDDCIRGTVAALETKKNIIGEVI
NIGGKEQASILDIISMLEKISGKSATKNFLKSVPGEPKQTWADISKASTLLQYSPTVSLSDGLEAEYDYIKQLYKGDAAW
SHPQFEK
;
_entity_poly.pdbx_strand_id   A,B,C,D
#
loop_
_chem_comp.id
_chem_comp.type
_chem_comp.name
_chem_comp.formula
NAD non-polymer NICOTINAMIDE-ADENINE-DINUCLEOTIDE 'C21 H27 N7 O14 P2'
#
# COMPACT_ATOMS: atom_id res chain seq x y z
N MET A 1 -21.55 21.64 6.62
CA MET A 1 -20.38 20.82 6.19
C MET A 1 -20.86 19.53 5.49
N LYS A 2 -20.25 19.16 4.38
CA LYS A 2 -20.67 17.97 3.62
C LYS A 2 -19.50 16.96 3.50
N ILE A 3 -19.77 15.70 3.81
CA ILE A 3 -18.71 14.67 3.99
C ILE A 3 -19.03 13.47 3.10
N LEU A 4 -18.07 13.04 2.28
CA LEU A 4 -18.10 11.78 1.49
C LEU A 4 -17.46 10.69 2.34
N VAL A 5 -18.18 9.61 2.58
CA VAL A 5 -17.63 8.37 3.15
C VAL A 5 -17.68 7.31 2.06
N THR A 6 -16.51 6.85 1.59
CA THR A 6 -16.39 5.67 0.70
C THR A 6 -16.46 4.42 1.58
N GLY A 7 -17.08 3.36 1.07
CA GLY A 7 -17.27 2.10 1.82
C GLY A 7 -18.29 2.23 2.94
N ALA A 8 -19.30 3.10 2.75
CA ALA A 8 -20.31 3.50 3.75
C ALA A 8 -21.29 2.38 4.15
N ALA A 9 -21.44 1.29 3.36
CA ALA A 9 -22.28 0.12 3.71
C ALA A 9 -21.46 -0.92 4.49
N GLY A 10 -20.16 -0.75 4.62
CA GLY A 10 -19.29 -1.70 5.35
C GLY A 10 -19.43 -1.59 6.86
N PHE A 11 -18.66 -2.42 7.54
CA PHE A 11 -18.61 -2.51 9.02
C PHE A 11 -18.34 -1.11 9.58
N ILE A 12 -17.17 -0.54 9.33
CA ILE A 12 -16.73 0.75 9.97
C ILE A 12 -17.44 1.94 9.30
N GLY A 13 -17.55 1.92 7.98
CA GLY A 13 -18.17 3.03 7.23
C GLY A 13 -19.60 3.26 7.67
N SER A 14 -20.38 2.18 7.89
CA SER A 14 -21.81 2.26 8.31
C SER A 14 -21.91 2.93 9.69
N HIS A 15 -21.02 2.59 10.64
CA HIS A 15 -20.98 3.28 11.96
C HIS A 15 -20.46 4.72 11.83
N LEU A 16 -19.45 4.98 11.00
CA LEU A 16 -18.94 6.36 10.87
C LEU A 16 -20.01 7.31 10.35
N CYS A 17 -20.70 6.92 9.29
CA CYS A 17 -21.77 7.73 8.68
C CYS A 17 -22.80 8.07 9.77
N GLN A 18 -23.11 7.11 10.64
CA GLN A 18 -24.15 7.33 11.68
C GLN A 18 -23.61 8.31 12.73
N ALA A 19 -22.33 8.21 13.11
CA ALA A 19 -21.74 9.09 14.16
C ALA A 19 -21.68 10.52 13.61
N LEU A 20 -21.36 10.67 12.33
CA LEU A 20 -21.29 12.00 11.71
C LEU A 20 -22.68 12.64 11.77
N LEU A 21 -23.75 11.88 11.53
CA LEU A 21 -25.10 12.46 11.33
C LEU A 21 -25.72 12.87 12.68
N LYS A 22 -25.11 12.51 13.80
CA LYS A 22 -25.52 13.06 15.13
C LYS A 22 -25.26 14.57 15.19
N ASN A 23 -24.29 15.11 14.44
CA ASN A 23 -24.11 16.57 14.30
C ASN A 23 -25.11 17.06 13.24
N SER A 24 -26.09 17.89 13.64
CA SER A 24 -27.22 18.31 12.79
C SER A 24 -26.70 19.26 11.70
N ALA A 25 -25.47 19.76 11.83
CA ALA A 25 -24.76 20.57 10.81
C ALA A 25 -24.21 19.69 9.67
N TYR A 26 -23.99 18.38 9.87
CA TYR A 26 -23.25 17.53 8.89
C TYR A 26 -24.22 16.89 7.89
N HIS A 27 -23.85 16.88 6.61
CA HIS A 27 -24.56 16.15 5.54
C HIS A 27 -23.58 15.09 5.02
N VAL A 28 -24.04 13.85 4.86
CA VAL A 28 -23.15 12.72 4.46
C VAL A 28 -23.62 12.10 3.15
N VAL A 29 -22.66 11.85 2.26
CA VAL A 29 -22.82 11.04 1.03
C VAL A 29 -21.98 9.78 1.22
N GLY A 30 -22.62 8.62 1.16
CA GLY A 30 -21.95 7.32 1.21
C GLY A 30 -21.96 6.70 -0.16
N ILE A 31 -20.84 6.10 -0.55
CA ILE A 31 -20.75 5.29 -1.79
C ILE A 31 -20.22 3.91 -1.41
N ASP A 32 -20.83 2.88 -1.96
CA ASP A 32 -20.50 1.46 -1.71
C ASP A 32 -21.05 0.64 -2.87
N HIS A 33 -20.23 -0.28 -3.36
CA HIS A 33 -20.55 -1.16 -4.52
C HIS A 33 -20.89 -2.57 -4.02
N PHE A 34 -20.85 -2.85 -2.72
CA PHE A 34 -21.27 -4.16 -2.11
C PHE A 34 -20.39 -5.29 -2.65
N ILE A 35 -19.10 -5.20 -2.36
CA ILE A 35 -18.10 -6.24 -2.76
C ILE A 35 -17.20 -6.52 -1.55
N GLY A 36 -16.25 -7.41 -1.73
CA GLY A 36 -15.37 -7.84 -0.65
C GLY A 36 -15.99 -9.01 0.10
N PRO A 37 -15.45 -9.32 1.29
CA PRO A 37 -15.75 -10.59 1.97
C PRO A 37 -17.14 -10.72 2.60
N THR A 38 -17.78 -9.61 3.00
CA THR A 38 -19.16 -9.59 3.55
C THR A 38 -20.20 -9.72 2.43
N PRO A 39 -21.00 -10.82 2.35
CA PRO A 39 -22.06 -10.92 1.35
C PRO A 39 -23.05 -9.74 1.43
N ALA A 40 -23.58 -9.33 0.27
CA ALA A 40 -24.50 -8.19 0.07
C ALA A 40 -25.76 -8.38 0.92
N THR A 41 -26.22 -9.63 1.03
CA THR A 41 -27.39 -10.01 1.87
C THR A 41 -27.12 -9.43 3.26
N LEU A 42 -26.04 -9.85 3.94
CA LEU A 42 -25.69 -9.47 5.34
C LEU A 42 -25.36 -7.96 5.45
N LYS A 43 -24.89 -7.35 4.36
CA LYS A 43 -24.33 -5.96 4.33
C LYS A 43 -25.49 -4.95 4.35
N THR A 44 -26.59 -5.23 3.64
CA THR A 44 -27.79 -4.35 3.51
C THR A 44 -28.27 -3.88 4.89
N GLY A 45 -28.17 -4.75 5.89
CA GLY A 45 -28.59 -4.43 7.27
C GLY A 45 -27.77 -3.30 7.88
N ASN A 46 -26.55 -3.07 7.39
CA ASN A 46 -25.60 -2.12 8.00
C ASN A 46 -26.13 -0.68 7.86
N ILE A 47 -26.86 -0.41 6.77
CA ILE A 47 -27.36 0.96 6.45
C ILE A 47 -28.87 1.10 6.72
N GLN A 48 -29.52 0.12 7.35
CA GLN A 48 -30.98 0.17 7.65
C GLN A 48 -31.31 1.52 8.30
N SER A 49 -30.75 1.83 9.46
CA SER A 49 -31.03 3.12 10.16
C SER A 49 -30.51 4.31 9.33
N LEU A 50 -29.37 4.16 8.66
CA LEU A 50 -28.69 5.26 7.93
C LEU A 50 -29.63 5.87 6.92
N GLU A 51 -30.38 5.02 6.23
CA GLU A 51 -31.23 5.48 5.11
C GLU A 51 -32.50 6.12 5.67
N LEU A 52 -32.73 6.06 6.97
CA LEU A 52 -33.87 6.78 7.58
C LEU A 52 -33.53 8.28 7.71
N ASN A 53 -32.24 8.64 7.63
CA ASN A 53 -31.74 10.00 7.93
C ASN A 53 -31.77 10.81 6.64
N SER A 54 -32.58 11.88 6.63
CA SER A 54 -32.77 12.85 5.52
C SER A 54 -31.44 13.49 5.10
N ARG A 55 -30.46 13.61 6.02
CA ARG A 55 -29.15 14.25 5.71
C ARG A 55 -28.16 13.20 5.23
N PHE A 56 -28.62 12.00 4.89
CA PHE A 56 -27.77 10.94 4.28
C PHE A 56 -28.25 10.68 2.86
N GLN A 57 -27.31 10.66 1.92
CA GLN A 57 -27.51 10.30 0.51
C GLN A 57 -26.64 9.08 0.21
N PHE A 58 -27.21 8.03 -0.36
CA PHE A 58 -26.49 6.76 -0.64
C PHE A 58 -26.37 6.59 -2.15
N ILE A 59 -25.17 6.25 -2.61
CA ILE A 59 -24.91 5.89 -4.04
C ILE A 59 -24.38 4.47 -4.08
N ARG A 60 -25.10 3.56 -4.74
CA ARG A 60 -24.67 2.16 -4.94
C ARG A 60 -23.96 2.10 -6.31
N GLU A 61 -22.67 2.42 -6.32
CA GLU A 61 -21.84 2.45 -7.57
C GLU A 61 -20.41 2.06 -7.21
N ASP A 62 -19.72 1.47 -8.18
CA ASP A 62 -18.25 1.30 -8.13
C ASP A 62 -17.64 2.70 -8.21
N ILE A 63 -16.78 3.04 -7.26
CA ILE A 63 -15.93 4.28 -7.30
C ILE A 63 -15.25 4.38 -8.66
N LEU A 64 -14.78 3.26 -9.23
CA LEU A 64 -14.06 3.23 -10.55
C LEU A 64 -15.04 3.33 -11.74
N ASN A 65 -16.34 3.36 -11.49
CA ASN A 65 -17.36 3.41 -12.57
C ASN A 65 -18.48 4.35 -12.10
N THR A 66 -18.12 5.57 -11.73
CA THR A 66 -19.03 6.62 -11.24
C THR A 66 -18.43 7.97 -11.63
N ASP A 67 -19.28 9.00 -11.69
CA ASP A 67 -18.88 10.37 -12.03
C ASP A 67 -18.30 11.03 -10.77
N LEU A 68 -16.97 11.07 -10.66
CA LEU A 68 -16.25 11.46 -9.42
C LEU A 68 -16.35 12.99 -9.20
N SER A 69 -16.27 13.79 -10.26
CA SER A 69 -16.45 15.27 -10.21
C SER A 69 -17.83 15.59 -9.62
N LYS A 70 -18.85 14.81 -9.98
CA LYS A 70 -20.24 14.93 -9.49
C LYS A 70 -20.31 14.45 -8.03
N LEU A 71 -19.70 13.30 -7.74
CA LEU A 71 -19.67 12.74 -6.38
C LEU A 71 -18.94 13.73 -5.45
N LEU A 72 -17.96 14.50 -5.96
CA LEU A 72 -17.09 15.35 -5.10
C LEU A 72 -17.51 16.82 -5.14
N GLN A 73 -18.51 17.22 -5.92
CA GLN A 73 -18.94 18.65 -5.90
C GLN A 73 -19.61 18.92 -4.55
N ASP A 74 -19.18 20.00 -3.92
CA ASP A 74 -19.70 20.52 -2.64
C ASP A 74 -19.18 19.65 -1.48
N ILE A 75 -18.20 18.77 -1.69
CA ILE A 75 -17.67 17.93 -0.57
C ILE A 75 -16.55 18.69 0.16
N ASP A 76 -16.68 18.86 1.46
CA ASP A 76 -15.68 19.53 2.33
C ASP A 76 -14.64 18.52 2.77
N VAL A 77 -15.09 17.30 3.11
CA VAL A 77 -14.23 16.25 3.73
C VAL A 77 -14.51 14.90 3.09
N VAL A 78 -13.43 14.20 2.71
CA VAL A 78 -13.52 12.79 2.25
C VAL A 78 -12.98 11.90 3.37
N TYR A 79 -13.75 10.88 3.73
CA TYR A 79 -13.27 9.73 4.53
C TYR A 79 -13.20 8.56 3.57
N HIS A 80 -12.01 8.06 3.27
CA HIS A 80 -11.86 6.96 2.29
C HIS A 80 -11.66 5.63 3.00
N LEU A 81 -12.73 4.83 3.16
CA LEU A 81 -12.72 3.52 3.85
C LEU A 81 -12.93 2.37 2.84
N ALA A 82 -13.36 2.63 1.62
CA ALA A 82 -13.57 1.56 0.60
C ALA A 82 -12.25 0.84 0.37
N ALA A 83 -12.27 -0.49 0.49
CA ALA A 83 -11.09 -1.37 0.37
C ALA A 83 -11.62 -2.78 0.17
N ILE A 84 -10.77 -3.68 -0.27
CA ILE A 84 -10.92 -5.14 -0.05
C ILE A 84 -9.97 -5.51 1.09
N PRO A 85 -10.51 -5.76 2.31
CA PRO A 85 -9.69 -6.18 3.45
C PRO A 85 -9.59 -7.71 3.63
N GLY A 86 -8.67 -8.22 4.45
CA GLY A 86 -8.63 -9.63 4.92
C GLY A 86 -7.81 -10.56 4.04
N TRP A 91 -4.70 -13.46 -2.29
CA TRP A 91 -3.63 -14.42 -2.68
C TRP A 91 -3.73 -14.88 -4.14
N GLY A 92 -2.81 -15.75 -4.57
CA GLY A 92 -2.93 -16.63 -5.75
C GLY A 92 -3.22 -15.91 -7.04
N LYS A 93 -4.43 -16.12 -7.58
CA LYS A 93 -5.08 -15.29 -8.64
C LYS A 93 -6.21 -14.43 -8.05
N ASP A 94 -6.46 -14.55 -6.75
CA ASP A 94 -7.39 -13.66 -6.02
C ASP A 94 -6.77 -12.24 -5.91
N PHE A 95 -5.61 -11.94 -6.52
CA PHE A 95 -4.78 -10.73 -6.17
C PHE A 95 -5.33 -9.47 -6.84
N GLN A 96 -5.90 -9.59 -8.03
CA GLN A 96 -6.30 -8.41 -8.85
C GLN A 96 -7.29 -7.53 -8.08
N PRO A 97 -8.34 -8.09 -7.44
CA PRO A 97 -9.29 -7.27 -6.67
C PRO A 97 -8.67 -6.39 -5.58
N TYR A 98 -7.60 -6.84 -4.95
CA TYR A 98 -6.83 -6.04 -3.97
C TYR A 98 -6.19 -4.84 -4.68
N VAL A 99 -5.56 -5.09 -5.82
CA VAL A 99 -4.88 -4.01 -6.63
C VAL A 99 -5.94 -3.01 -7.11
N THR A 100 -7.04 -3.50 -7.72
CA THR A 100 -8.12 -2.67 -8.26
C THR A 100 -8.70 -1.79 -7.13
N ASN A 101 -9.04 -2.38 -5.99
CA ASN A 101 -9.91 -1.69 -5.00
C ASN A 101 -9.04 -0.98 -3.94
N ASN A 102 -7.77 -1.33 -3.77
CA ASN A 102 -6.96 -0.69 -2.69
C ASN A 102 -5.96 0.29 -3.31
N ILE A 103 -5.51 0.05 -4.55
CA ILE A 103 -4.52 0.95 -5.22
C ILE A 103 -5.25 1.83 -6.25
N MET A 104 -5.90 1.26 -7.29
CA MET A 104 -6.46 2.06 -8.41
C MET A 104 -7.58 2.95 -7.88
N VAL A 105 -8.43 2.43 -6.99
CA VAL A 105 -9.50 3.26 -6.38
C VAL A 105 -8.85 4.45 -5.69
N THR A 106 -7.78 4.23 -4.91
CA THR A 106 -7.21 5.36 -4.12
C THR A 106 -6.60 6.38 -5.10
N GLN A 107 -5.87 5.92 -6.11
CA GLN A 107 -5.27 6.80 -7.13
C GLN A 107 -6.32 7.64 -7.85
N GLN A 108 -7.39 7.03 -8.35
CA GLN A 108 -8.50 7.74 -9.06
C GLN A 108 -9.21 8.73 -8.13
N LEU A 109 -9.48 8.38 -6.86
CA LEU A 109 -10.07 9.35 -5.90
C LEU A 109 -9.13 10.53 -5.74
N LEU A 110 -7.84 10.25 -5.60
CA LEU A 110 -6.88 11.35 -5.30
C LEU A 110 -6.80 12.26 -6.54
N GLU A 111 -6.80 11.66 -7.75
CA GLU A 111 -6.75 12.42 -9.02
C GLU A 111 -7.91 13.40 -9.05
N ALA A 112 -9.11 12.93 -8.73
CA ALA A 112 -10.36 13.74 -8.79
C ALA A 112 -10.36 14.79 -7.67
N CYS A 113 -9.64 14.57 -6.59
CA CYS A 113 -9.57 15.56 -5.48
C CYS A 113 -8.60 16.69 -5.83
N LYS A 114 -7.76 16.59 -6.86
CA LYS A 114 -6.85 17.72 -7.26
C LYS A 114 -7.64 18.98 -7.61
N HIS A 115 -8.74 18.83 -8.35
CA HIS A 115 -9.56 19.91 -8.96
C HIS A 115 -10.64 20.36 -7.97
N ILE A 116 -10.37 20.29 -6.68
CA ILE A 116 -11.41 20.36 -5.61
C ILE A 116 -10.75 21.02 -4.40
N LYS A 117 -11.50 21.77 -3.61
CA LYS A 117 -10.99 22.40 -2.38
C LYS A 117 -11.51 21.60 -1.18
N LEU A 118 -10.68 20.72 -0.64
CA LEU A 118 -11.02 19.89 0.54
C LEU A 118 -10.39 20.54 1.77
N ASP A 119 -11.04 20.45 2.92
CA ASP A 119 -10.36 20.64 4.24
C ASP A 119 -9.42 19.45 4.48
N LYS A 120 -9.94 18.22 4.34
CA LYS A 120 -9.19 16.97 4.66
C LYS A 120 -9.60 15.83 3.74
N PHE A 121 -8.61 15.04 3.34
CA PHE A 121 -8.76 13.70 2.76
C PHE A 121 -8.27 12.70 3.81
N ILE A 122 -9.21 12.13 4.56
CA ILE A 122 -8.92 11.16 5.65
C ILE A 122 -8.96 9.75 5.06
N HIS A 123 -7.77 9.21 4.85
CA HIS A 123 -7.50 7.91 4.23
C HIS A 123 -7.36 6.89 5.35
N ILE A 124 -8.23 5.88 5.33
CA ILE A 124 -8.17 4.82 6.36
C ILE A 124 -7.33 3.69 5.79
N SER A 125 -6.34 3.28 6.59
CA SER A 125 -5.37 2.20 6.34
C SER A 125 -5.45 1.21 7.51
N THR A 126 -4.47 0.35 7.63
CA THR A 126 -4.56 -0.88 8.45
C THR A 126 -3.18 -1.15 9.09
N SER A 127 -3.18 -1.80 10.25
CA SER A 127 -1.97 -2.26 10.99
C SER A 127 -1.27 -3.39 10.23
N SER A 128 -1.93 -4.02 9.26
CA SER A 128 -1.35 -5.07 8.38
C SER A 128 -0.24 -4.46 7.52
N VAL A 129 -0.14 -3.14 7.40
CA VAL A 129 1.02 -2.58 6.63
C VAL A 129 2.30 -2.86 7.42
N TYR A 130 2.23 -3.02 8.73
CA TYR A 130 3.49 -3.06 9.55
C TYR A 130 4.17 -4.42 9.36
N GLY A 131 3.38 -5.48 9.23
CA GLY A 131 3.92 -6.85 9.30
C GLY A 131 4.21 -7.16 10.76
N GLU A 132 5.30 -7.85 11.07
CA GLU A 132 5.45 -8.54 12.38
C GLU A 132 6.26 -7.68 13.35
N LYS A 133 5.72 -7.32 14.51
CA LYS A 133 6.47 -6.51 15.51
C LYS A 133 6.08 -6.96 16.93
N SER A 134 7.08 -7.32 17.73
CA SER A 134 6.93 -7.61 19.17
C SER A 134 6.87 -6.28 19.91
N GLY A 135 5.87 -6.09 20.78
CA GLY A 135 5.72 -4.89 21.61
C GLY A 135 4.90 -3.80 20.94
N ALA A 136 5.19 -2.56 21.31
CA ALA A 136 4.52 -1.32 20.90
C ALA A 136 4.80 -1.08 19.42
N VAL A 137 3.77 -0.86 18.60
CA VAL A 137 3.92 -0.61 17.14
C VAL A 137 3.65 0.85 16.90
N SER A 138 4.67 1.60 16.51
CA SER A 138 4.54 3.06 16.38
C SER A 138 4.71 3.47 14.92
N GLU A 139 4.27 4.69 14.60
CA GLU A 139 4.08 5.16 13.18
C GLU A 139 5.43 5.36 12.51
N ASP A 140 6.54 5.45 13.28
CA ASP A 140 7.93 5.59 12.73
C ASP A 140 8.51 4.22 12.39
N LEU A 141 7.80 3.12 12.68
CA LEU A 141 8.36 1.78 12.44
C LEU A 141 8.37 1.46 10.95
N LEU A 142 9.46 0.84 10.48
CA LEU A 142 9.69 0.48 9.05
C LEU A 142 8.67 -0.58 8.65
N PRO A 143 7.67 -0.27 7.77
CA PRO A 143 6.63 -1.24 7.45
C PRO A 143 7.22 -2.33 6.53
N ILE A 144 6.93 -3.61 6.83
CA ILE A 144 7.30 -4.80 6.00
C ILE A 144 6.05 -5.69 5.97
N PRO A 145 5.03 -5.35 5.17
CA PRO A 145 3.77 -6.08 5.20
C PRO A 145 4.03 -7.55 4.84
N LEU A 146 3.20 -8.46 5.37
CA LEU A 146 3.37 -9.92 5.17
C LEU A 146 2.14 -10.52 4.50
N SER A 147 1.18 -9.70 4.08
CA SER A 147 -0.01 -10.13 3.30
C SER A 147 -0.22 -9.25 2.07
N PRO A 148 -0.91 -9.77 1.03
CA PRO A 148 -1.35 -8.98 -0.12
C PRO A 148 -2.15 -7.73 0.27
N TYR A 149 -3.10 -7.89 1.20
CA TYR A 149 -3.87 -6.79 1.82
C TYR A 149 -2.91 -5.68 2.28
N GLY A 150 -1.98 -6.04 3.16
CA GLY A 150 -1.04 -5.06 3.74
C GLY A 150 -0.27 -4.34 2.61
N VAL A 151 0.21 -5.11 1.65
CA VAL A 151 1.02 -4.56 0.52
C VAL A 151 0.16 -3.52 -0.21
N THR A 152 -1.07 -3.86 -0.60
CA THR A 152 -1.89 -2.96 -1.45
C THR A 152 -2.35 -1.76 -0.62
N LYS A 153 -2.64 -1.95 0.67
CA LYS A 153 -3.08 -0.80 1.52
C LYS A 153 -1.89 0.14 1.70
N LEU A 154 -0.67 -0.39 1.87
CA LEU A 154 0.51 0.49 2.11
C LEU A 154 0.78 1.32 0.85
N SER A 155 0.62 0.70 -0.32
CA SER A 155 0.66 1.37 -1.64
C SER A 155 -0.35 2.53 -1.68
N GLY A 156 -1.58 2.31 -1.18
CA GLY A 156 -2.60 3.37 -1.07
C GLY A 156 -2.09 4.55 -0.23
N GLU A 157 -1.46 4.27 0.91
CA GLU A 157 -0.87 5.32 1.79
C GLU A 157 0.19 6.08 1.01
N HIS A 158 1.10 5.37 0.36
CA HIS A 158 2.20 6.01 -0.40
C HIS A 158 1.59 6.95 -1.45
N LEU A 159 0.49 6.58 -2.11
CA LEU A 159 -0.14 7.48 -3.13
C LEU A 159 -0.65 8.74 -2.41
N CYS A 160 -1.24 8.59 -1.23
CA CYS A 160 -1.70 9.76 -0.42
C CYS A 160 -0.53 10.76 -0.26
N HIS A 161 0.68 10.29 0.06
CA HIS A 161 1.87 11.17 0.27
C HIS A 161 2.31 11.78 -1.06
N VAL A 162 2.33 11.00 -2.12
CA VAL A 162 2.64 11.52 -3.49
C VAL A 162 1.68 12.68 -3.82
N TYR A 163 0.38 12.51 -3.60
CA TYR A 163 -0.64 13.53 -3.95
C TYR A 163 -0.62 14.69 -2.95
N HIS A 164 -0.26 14.47 -1.69
CA HIS A 164 -0.03 15.59 -0.73
C HIS A 164 1.21 16.39 -1.18
N LYS A 165 2.33 15.75 -1.38
CA LYS A 165 3.58 16.49 -1.70
C LYS A 165 3.40 17.21 -3.05
N ASN A 166 2.91 16.54 -4.09
CA ASN A 166 2.88 17.13 -5.45
C ASN A 166 1.70 18.11 -5.62
N PHE A 167 0.48 17.79 -5.15
CA PHE A 167 -0.75 18.57 -5.50
C PHE A 167 -1.44 19.13 -4.26
N HIS A 168 -0.83 19.03 -3.09
CA HIS A 168 -1.33 19.67 -1.82
C HIS A 168 -2.72 19.13 -1.45
N ILE A 169 -3.01 17.86 -1.74
CA ILE A 169 -4.25 17.23 -1.21
C ILE A 169 -4.04 17.04 0.30
N PRO A 170 -4.95 17.55 1.13
CA PRO A 170 -4.72 17.58 2.57
C PRO A 170 -5.01 16.23 3.27
N ILE A 171 -4.14 15.27 2.99
CA ILE A 171 -4.27 13.85 3.40
C ILE A 171 -3.97 13.74 4.89
N VAL A 172 -4.69 12.82 5.52
CA VAL A 172 -4.45 12.29 6.89
C VAL A 172 -4.58 10.79 6.75
N ILE A 173 -3.64 10.04 7.30
CA ILE A 173 -3.72 8.55 7.30
C ILE A 173 -4.02 8.07 8.74
N LEU A 174 -5.15 7.38 8.92
CA LEU A 174 -5.42 6.59 10.14
C LEU A 174 -5.12 5.10 9.89
N ARG A 175 -4.24 4.51 10.68
CA ARG A 175 -4.01 3.04 10.64
C ARG A 175 -4.82 2.39 11.76
N TYR A 176 -5.92 1.72 11.39
CA TYR A 176 -6.80 1.00 12.34
C TYR A 176 -6.08 -0.31 12.69
N PHE A 177 -6.08 -0.67 13.96
CA PHE A 177 -5.75 -2.02 14.45
C PHE A 177 -7.10 -2.72 14.58
N THR A 178 -7.10 -4.02 14.81
CA THR A 178 -8.27 -4.91 14.76
C THR A 178 -9.47 -4.26 15.46
N VAL A 179 -10.51 -3.98 14.69
CA VAL A 179 -11.76 -3.31 15.18
C VAL A 179 -12.80 -4.42 15.32
N TYR A 180 -13.57 -4.42 16.42
CA TYR A 180 -14.62 -5.44 16.65
C TYR A 180 -15.87 -4.76 17.17
N GLY A 181 -17.00 -5.47 17.15
CA GLY A 181 -18.27 -5.01 17.73
C GLY A 181 -19.44 -5.33 16.81
N PRO A 182 -20.64 -4.77 17.07
CA PRO A 182 -21.78 -4.93 16.17
C PRO A 182 -21.34 -4.59 14.73
N ARG A 183 -21.70 -5.47 13.79
CA ARG A 183 -21.53 -5.33 12.32
C ARG A 183 -20.14 -5.81 11.91
N GLN A 184 -19.33 -6.31 12.85
CA GLN A 184 -17.99 -6.84 12.47
C GLN A 184 -18.13 -7.81 11.29
N ARG A 185 -17.22 -7.73 10.30
CA ARG A 185 -17.24 -8.56 9.05
C ARG A 185 -17.23 -10.03 9.44
N PRO A 186 -17.93 -10.91 8.68
CA PRO A 186 -18.02 -12.34 9.01
C PRO A 186 -16.73 -13.15 8.85
N ASP A 187 -15.73 -12.61 8.13
CA ASP A 187 -14.40 -13.24 7.96
C ASP A 187 -13.54 -12.98 9.21
N MET A 188 -13.95 -12.09 10.11
CA MET A 188 -13.07 -11.68 11.22
C MET A 188 -13.25 -12.64 12.40
N ALA A 189 -12.20 -12.73 13.22
CA ALA A 189 -12.03 -13.73 14.28
C ALA A 189 -13.24 -13.73 15.24
N PHE A 190 -13.58 -12.59 15.86
CA PHE A 190 -14.62 -12.48 16.91
C PHE A 190 -15.98 -12.91 16.34
N HIS A 191 -16.29 -12.49 15.12
CA HIS A 191 -17.53 -12.91 14.44
C HIS A 191 -17.54 -14.45 14.31
N ARG A 192 -16.40 -15.02 13.90
CA ARG A 192 -16.32 -16.47 13.60
C ARG A 192 -16.41 -17.24 14.92
N LEU A 193 -15.68 -16.83 15.95
CA LEU A 193 -15.70 -17.49 17.28
C LEU A 193 -17.14 -17.44 17.82
N ILE A 194 -17.75 -16.26 17.81
CA ILE A 194 -19.11 -16.06 18.38
C ILE A 194 -20.11 -16.90 17.57
N LYS A 195 -20.04 -16.90 16.25
CA LYS A 195 -21.02 -17.70 15.45
C LYS A 195 -20.82 -19.20 15.76
N GLN A 196 -19.58 -19.64 15.98
CA GLN A 196 -19.28 -21.06 16.31
C GLN A 196 -19.84 -21.38 17.71
N MET A 197 -19.62 -20.51 18.71
CA MET A 197 -20.17 -20.64 20.09
C MET A 197 -21.71 -20.71 20.06
N LEU A 198 -22.37 -19.82 19.32
CA LEU A 198 -23.85 -19.81 19.16
C LEU A 198 -24.37 -21.12 18.55
N GLU A 199 -23.60 -21.72 17.65
CA GLU A 199 -23.98 -22.93 16.88
C GLU A 199 -23.49 -24.21 17.58
N ASP A 200 -23.04 -24.12 18.85
CA ASP A 200 -22.39 -25.24 19.58
C ASP A 200 -21.51 -26.00 18.58
N LYS A 201 -20.43 -25.36 18.13
CA LYS A 201 -19.42 -25.99 17.24
C LYS A 201 -18.04 -25.81 17.85
N PRO A 202 -17.02 -26.55 17.34
CA PRO A 202 -15.64 -26.31 17.74
C PRO A 202 -15.18 -24.91 17.29
N LEU A 203 -14.58 -24.17 18.23
CA LEU A 203 -13.95 -22.86 17.97
C LEU A 203 -12.57 -23.10 17.34
N THR A 204 -12.47 -22.84 16.03
CA THR A 204 -11.19 -22.77 15.27
C THR A 204 -10.25 -21.79 16.00
N ILE A 205 -9.00 -22.21 16.29
CA ILE A 205 -7.92 -21.41 16.95
C ILE A 205 -6.58 -21.74 16.27
N PHE A 206 -5.99 -20.79 15.54
CA PHE A 206 -4.71 -20.98 14.81
C PHE A 206 -3.56 -20.69 15.79
N GLY A 207 -2.63 -21.63 15.99
CA GLY A 207 -1.58 -21.54 17.04
C GLY A 207 -2.16 -21.91 18.39
N ASP A 208 -1.46 -21.64 19.51
CA ASP A 208 -1.93 -22.03 20.86
C ASP A 208 -2.84 -20.95 21.47
N GLY A 209 -3.01 -19.81 20.78
CA GLY A 209 -3.98 -18.75 21.13
C GLY A 209 -3.66 -18.00 22.42
N THR A 210 -2.40 -17.97 22.86
CA THR A 210 -1.92 -17.17 24.02
C THR A 210 -1.29 -15.85 23.56
N GLN A 211 -1.01 -15.70 22.25
CA GLN A 211 -0.45 -14.45 21.67
C GLN A 211 -1.45 -13.31 21.96
N THR A 212 -0.99 -12.21 22.60
CA THR A 212 -1.84 -11.06 22.97
C THR A 212 -1.77 -9.99 21.88
N ARG A 213 -2.93 -9.44 21.55
CA ARG A 213 -3.11 -8.49 20.43
C ARG A 213 -3.93 -7.31 20.95
N ASP A 214 -3.84 -6.23 20.19
CA ASP A 214 -4.60 -4.98 20.39
C ASP A 214 -6.01 -5.16 19.77
N PHE A 215 -7.09 -4.76 20.44
CA PHE A 215 -8.46 -4.77 19.84
C PHE A 215 -9.18 -3.45 20.11
N THR A 216 -9.81 -2.86 19.08
CA THR A 216 -10.53 -1.56 19.21
C THR A 216 -12.05 -1.76 19.03
N TYR A 217 -12.82 -1.39 20.05
CA TYR A 217 -14.30 -1.40 19.95
C TYR A 217 -14.73 -0.37 18.91
N ILE A 218 -15.72 -0.70 18.07
CA ILE A 218 -16.15 0.18 16.94
C ILE A 218 -16.32 1.62 17.45
N ASP A 219 -16.99 1.82 18.59
CA ASP A 219 -17.34 3.18 19.06
C ASP A 219 -16.05 3.96 19.36
N ASP A 220 -15.02 3.29 19.89
CA ASP A 220 -13.70 3.93 20.12
C ASP A 220 -13.04 4.24 18.77
N CYS A 221 -12.99 3.30 17.84
CA CYS A 221 -12.49 3.53 16.46
C CYS A 221 -13.17 4.79 15.89
N ILE A 222 -14.49 4.89 15.98
CA ILE A 222 -15.30 5.98 15.34
C ILE A 222 -15.05 7.33 16.05
N ARG A 223 -14.94 7.36 17.37
CA ARG A 223 -14.56 8.61 18.08
C ARG A 223 -13.20 9.12 17.57
N GLY A 224 -12.22 8.24 17.43
CA GLY A 224 -10.90 8.62 16.90
C GLY A 224 -11.00 9.11 15.45
N THR A 225 -11.88 8.51 14.66
CA THR A 225 -12.04 8.86 13.22
C THR A 225 -12.68 10.24 13.10
N VAL A 226 -13.67 10.49 13.94
CA VAL A 226 -14.40 11.79 13.98
C VAL A 226 -13.45 12.87 14.48
N ALA A 227 -12.60 12.54 15.46
CA ALA A 227 -11.63 13.51 16.04
C ALA A 227 -10.58 13.88 14.96
N ALA A 228 -10.32 13.04 13.98
CA ALA A 228 -9.42 13.38 12.85
C ALA A 228 -10.02 14.54 12.06
N LEU A 229 -11.34 14.65 12.01
CA LEU A 229 -12.00 15.79 11.32
C LEU A 229 -12.08 17.00 12.26
N GLU A 230 -12.33 16.79 13.55
CA GLU A 230 -12.77 17.88 14.46
C GLU A 230 -11.60 18.46 15.27
N THR A 231 -10.42 17.85 15.27
CA THR A 231 -9.25 18.33 16.05
C THR A 231 -8.88 19.75 15.61
N LYS A 232 -8.36 20.56 16.53
CA LYS A 232 -7.91 21.95 16.28
C LYS A 232 -6.43 21.89 15.90
N LYS A 233 -5.75 20.78 16.19
CA LYS A 233 -4.34 20.61 15.76
C LYS A 233 -4.25 20.51 14.24
N ASN A 234 -3.11 20.90 13.68
CA ASN A 234 -2.71 20.67 12.27
C ASN A 234 -2.17 19.23 12.18
N ILE A 235 -2.93 18.32 11.57
CA ILE A 235 -2.56 16.87 11.42
C ILE A 235 -2.36 16.51 9.93
N ILE A 236 -2.33 17.50 9.05
CA ILE A 236 -2.22 17.25 7.58
C ILE A 236 -0.85 16.61 7.35
N GLY A 237 -0.78 15.48 6.64
CA GLY A 237 0.48 14.78 6.31
C GLY A 237 0.80 13.68 7.32
N GLU A 238 0.07 13.57 8.43
CA GLU A 238 0.39 12.64 9.52
C GLU A 238 -0.21 11.26 9.28
N VAL A 239 0.51 10.27 9.74
CA VAL A 239 0.03 8.88 9.90
C VAL A 239 -0.28 8.70 11.38
N ILE A 240 -1.49 8.22 11.73
CA ILE A 240 -1.93 8.09 13.15
C ILE A 240 -2.48 6.69 13.39
N ASN A 241 -1.91 5.97 14.36
CA ASN A 241 -2.47 4.66 14.80
C ASN A 241 -3.73 4.91 15.63
N ILE A 242 -4.76 4.12 15.36
CA ILE A 242 -6.03 4.05 16.15
C ILE A 242 -6.12 2.60 16.60
N GLY A 243 -5.86 2.39 17.90
CA GLY A 243 -5.80 1.08 18.55
C GLY A 243 -6.59 1.08 19.84
N GLY A 244 -6.56 -0.04 20.54
CA GLY A 244 -7.58 -0.38 21.54
C GLY A 244 -7.15 -0.10 22.95
N LYS A 245 -8.16 -0.18 23.83
CA LYS A 245 -8.02 0.02 25.29
C LYS A 245 -7.24 -1.14 25.94
N GLU A 246 -7.72 -2.37 25.74
CA GLU A 246 -7.22 -3.59 26.43
C GLU A 246 -6.63 -4.55 25.41
N GLN A 247 -5.61 -5.29 25.81
CA GLN A 247 -5.02 -6.33 24.94
C GLN A 247 -5.44 -7.69 25.53
N ALA A 248 -5.47 -8.74 24.70
CA ALA A 248 -6.03 -10.05 25.09
C ALA A 248 -5.57 -11.11 24.08
N SER A 249 -5.34 -12.32 24.59
CA SER A 249 -5.12 -13.57 23.83
C SER A 249 -6.47 -14.05 23.28
N ILE A 250 -6.46 -14.89 22.25
CA ILE A 250 -7.69 -15.59 21.76
C ILE A 250 -8.29 -16.45 22.90
N LEU A 251 -7.48 -16.96 23.83
CA LEU A 251 -8.01 -17.75 24.98
C LEU A 251 -8.65 -16.81 26.01
N ASP A 252 -8.07 -15.63 26.27
CA ASP A 252 -8.77 -14.59 27.09
C ASP A 252 -10.13 -14.28 26.43
N ILE A 253 -10.18 -14.03 25.10
CA ILE A 253 -11.45 -13.65 24.43
C ILE A 253 -12.47 -14.77 24.70
N ILE A 254 -12.10 -16.03 24.45
CA ILE A 254 -13.04 -17.17 24.65
C ILE A 254 -13.49 -17.24 26.12
N SER A 255 -12.58 -17.10 27.08
CA SER A 255 -12.92 -16.97 28.53
C SER A 255 -14.09 -16.00 28.69
N MET A 256 -13.93 -14.76 28.20
CA MET A 256 -14.91 -13.67 28.40
C MET A 256 -16.22 -14.01 27.68
N LEU A 257 -16.17 -14.72 26.55
CA LEU A 257 -17.36 -15.13 25.76
C LEU A 257 -18.14 -16.20 26.53
N GLU A 258 -17.44 -17.16 27.14
CA GLU A 258 -18.06 -18.23 27.98
C GLU A 258 -18.75 -17.57 29.18
N LYS A 259 -18.12 -16.58 29.79
CA LYS A 259 -18.74 -15.78 30.87
C LYS A 259 -20.02 -15.13 30.31
N ILE A 260 -20.01 -14.63 29.07
CA ILE A 260 -21.14 -13.85 28.46
C ILE A 260 -22.30 -14.82 28.19
N SER A 261 -22.01 -15.94 27.54
CA SER A 261 -23.02 -16.90 27.02
C SER A 261 -23.37 -17.94 28.09
N GLY A 262 -22.47 -18.21 29.04
CA GLY A 262 -22.59 -19.31 30.02
C GLY A 262 -22.49 -20.66 29.34
N LYS A 263 -21.70 -20.77 28.27
CA LYS A 263 -21.40 -22.02 27.53
C LYS A 263 -19.96 -22.43 27.83
N SER A 264 -19.50 -23.52 27.21
CA SER A 264 -18.10 -24.02 27.24
C SER A 264 -17.71 -24.50 25.85
N ALA A 265 -16.50 -24.13 25.41
CA ALA A 265 -16.04 -24.18 24.00
C ALA A 265 -15.20 -25.43 23.76
N THR A 266 -15.62 -26.27 22.82
CA THR A 266 -14.74 -27.30 22.22
C THR A 266 -13.69 -26.55 21.39
N LYS A 267 -12.53 -26.29 21.99
CA LYS A 267 -11.40 -25.62 21.28
C LYS A 267 -10.80 -26.58 20.27
N ASN A 268 -10.71 -26.16 19.01
CA ASN A 268 -9.97 -26.84 17.92
C ASN A 268 -8.72 -26.00 17.61
N PHE A 269 -7.53 -26.44 18.07
CA PHE A 269 -6.27 -25.65 18.06
C PHE A 269 -5.63 -25.64 16.65
N GLU A 276 3.50 -13.96 14.35
CA GLU A 276 3.29 -14.73 15.62
C GLU A 276 4.24 -14.26 16.73
N PRO A 277 4.39 -12.95 17.00
CA PRO A 277 5.02 -12.51 18.24
C PRO A 277 4.08 -12.79 19.43
N LYS A 278 4.63 -13.05 20.61
CA LYS A 278 3.82 -13.39 21.82
C LYS A 278 2.85 -12.25 22.11
N GLN A 279 3.22 -11.01 21.77
CA GLN A 279 2.74 -9.78 22.42
C GLN A 279 3.00 -8.57 21.51
N THR A 280 1.94 -7.90 21.09
CA THR A 280 2.02 -6.68 20.25
C THR A 280 0.85 -5.77 20.60
N TRP A 281 1.05 -4.47 20.51
CA TRP A 281 -0.07 -3.50 20.66
C TRP A 281 0.22 -2.28 19.81
N ALA A 282 -0.84 -1.58 19.41
CA ALA A 282 -0.77 -0.22 18.84
C ALA A 282 -0.15 0.76 19.85
N ASP A 283 0.90 1.47 19.48
CA ASP A 283 1.26 2.72 20.18
C ASP A 283 0.23 3.79 19.76
N ILE A 284 -0.65 4.23 20.66
CA ILE A 284 -1.69 5.27 20.39
C ILE A 284 -1.29 6.63 20.98
N SER A 285 -0.01 6.90 21.23
CA SER A 285 0.46 8.18 21.83
C SER A 285 0.32 9.36 20.85
N LYS A 286 0.58 9.14 19.56
CA LYS A 286 0.39 10.19 18.52
C LYS A 286 -1.08 10.60 18.51
N ALA A 287 -2.01 9.63 18.47
CA ALA A 287 -3.48 9.88 18.49
C ALA A 287 -3.90 10.55 19.80
N SER A 288 -3.31 10.18 20.94
CA SER A 288 -3.61 10.84 22.24
C SER A 288 -3.28 12.34 22.14
N THR A 289 -2.08 12.66 21.67
CA THR A 289 -1.56 14.04 21.52
C THR A 289 -2.34 14.81 20.44
N LEU A 290 -2.58 14.23 19.27
CA LEU A 290 -3.12 15.01 18.13
C LEU A 290 -4.64 15.00 18.14
N LEU A 291 -5.28 13.91 18.60
CA LEU A 291 -6.75 13.72 18.47
C LEU A 291 -7.46 13.73 19.83
N GLN A 292 -6.75 13.85 20.95
CA GLN A 292 -7.33 13.62 22.32
C GLN A 292 -7.97 12.23 22.35
N TYR A 293 -7.42 11.29 21.62
CA TYR A 293 -8.04 9.96 21.47
C TYR A 293 -7.75 9.15 22.73
N SER A 294 -8.79 8.56 23.29
CA SER A 294 -8.69 7.73 24.51
C SER A 294 -9.75 6.64 24.43
N PRO A 295 -9.38 5.40 24.08
CA PRO A 295 -10.37 4.35 23.97
C PRO A 295 -10.96 4.06 25.36
N THR A 296 -12.30 4.02 25.48
CA THR A 296 -13.01 3.92 26.80
C THR A 296 -13.79 2.60 26.95
N VAL A 297 -13.97 1.79 25.91
CA VAL A 297 -14.89 0.62 26.01
C VAL A 297 -14.05 -0.60 26.37
N SER A 298 -14.47 -1.33 27.42
CA SER A 298 -13.79 -2.57 27.88
C SER A 298 -14.10 -3.70 26.90
N LEU A 299 -13.18 -4.66 26.77
CA LEU A 299 -13.44 -5.90 26.02
C LEU A 299 -14.75 -6.55 26.47
N SER A 300 -15.02 -6.61 27.79
CA SER A 300 -16.20 -7.35 28.32
C SER A 300 -17.49 -6.65 27.86
N ASP A 301 -17.57 -5.33 27.92
CA ASP A 301 -18.71 -4.57 27.37
C ASP A 301 -18.78 -4.77 25.85
N GLY A 302 -17.65 -4.57 25.16
CA GLY A 302 -17.55 -4.69 23.69
C GLY A 302 -17.95 -6.06 23.19
N LEU A 303 -17.46 -7.11 23.83
CA LEU A 303 -17.77 -8.50 23.42
C LEU A 303 -19.26 -8.79 23.68
N GLU A 304 -19.83 -8.27 24.77
CA GLU A 304 -21.29 -8.49 25.04
C GLU A 304 -22.09 -7.93 23.87
N ALA A 305 -21.79 -6.70 23.47
CA ALA A 305 -22.46 -5.98 22.38
C ALA A 305 -22.26 -6.78 21.09
N GLU A 306 -21.05 -7.29 20.78
CA GLU A 306 -20.88 -8.08 19.53
C GLU A 306 -21.66 -9.38 19.63
N TYR A 307 -21.63 -10.04 20.79
CA TYR A 307 -22.36 -11.32 21.01
C TYR A 307 -23.84 -11.14 20.67
N ASP A 308 -24.51 -10.14 21.28
CA ASP A 308 -25.95 -9.85 21.05
C ASP A 308 -26.20 -9.57 19.56
N TYR A 309 -25.28 -8.84 18.89
CA TYR A 309 -25.44 -8.50 17.46
C TYR A 309 -25.48 -9.80 16.64
N ILE A 310 -24.50 -10.70 16.87
CA ILE A 310 -24.34 -11.95 16.06
C ILE A 310 -25.53 -12.89 16.37
N LYS A 311 -25.97 -12.97 17.63
CA LYS A 311 -27.17 -13.74 18.04
C LYS A 311 -28.36 -13.31 17.16
N GLN A 312 -28.69 -12.03 17.20
CA GLN A 312 -29.80 -11.45 16.42
C GLN A 312 -29.56 -11.64 14.93
N LEU A 313 -28.31 -11.45 14.46
CA LEU A 313 -28.01 -11.57 13.02
C LEU A 313 -28.45 -12.95 12.51
N TYR A 314 -28.07 -14.04 13.20
CA TYR A 314 -28.29 -15.42 12.68
C TYR A 314 -29.54 -16.11 13.27
N LYS A 315 -30.04 -15.73 14.46
CA LYS A 315 -31.13 -16.48 15.16
C LYS A 315 -32.34 -15.58 15.34
N GLY A 316 -32.21 -14.30 15.02
CA GLY A 316 -33.25 -13.27 15.26
C GLY A 316 -34.18 -13.10 14.08
N ASP A 317 -35.09 -12.13 14.21
CA ASP A 317 -36.15 -11.82 13.22
C ASP A 317 -36.15 -10.33 12.88
N ALA A 318 -35.09 -9.59 13.20
CA ALA A 318 -34.92 -8.19 12.74
C ALA A 318 -34.98 -8.15 11.21
N ALA A 319 -35.45 -7.04 10.64
CA ALA A 319 -35.37 -6.71 9.19
C ALA A 319 -33.94 -6.94 8.67
N TRP A 320 -32.90 -6.82 9.53
CA TRP A 320 -31.47 -7.00 9.14
C TRP A 320 -30.99 -8.45 9.38
N SER A 321 -31.82 -9.35 9.92
CA SER A 321 -31.51 -10.80 10.01
C SER A 321 -31.51 -11.43 8.61
N MET B 1 24.06 -24.42 -13.69
CA MET B 1 23.04 -23.51 -13.16
C MET B 1 22.29 -22.81 -14.31
N LYS B 2 20.97 -22.73 -14.23
CA LYS B 2 20.16 -22.08 -15.26
C LYS B 2 19.49 -20.85 -14.64
N ILE B 3 19.68 -19.67 -15.27
CA ILE B 3 19.29 -18.35 -14.71
C ILE B 3 18.29 -17.68 -15.65
N LEU B 4 17.13 -17.30 -15.11
CA LEU B 4 16.12 -16.47 -15.83
C LEU B 4 16.45 -15.02 -15.53
N VAL B 5 16.65 -14.22 -16.56
CA VAL B 5 16.79 -12.75 -16.43
C VAL B 5 15.57 -12.13 -17.06
N THR B 6 14.72 -11.45 -16.26
CA THR B 6 13.60 -10.65 -16.79
C THR B 6 14.17 -9.28 -17.15
N GLY B 7 13.65 -8.65 -18.21
CA GLY B 7 14.15 -7.35 -18.71
C GLY B 7 15.53 -7.48 -19.35
N ALA B 8 15.80 -8.65 -19.94
CA ALA B 8 17.13 -9.08 -20.43
C ALA B 8 17.61 -8.25 -21.64
N ALA B 9 16.72 -7.54 -22.35
CA ALA B 9 17.08 -6.74 -23.55
C ALA B 9 17.26 -5.27 -23.15
N GLY B 10 17.04 -4.96 -21.88
CA GLY B 10 17.13 -3.58 -21.38
C GLY B 10 18.57 -3.17 -21.16
N PHE B 11 18.76 -1.97 -20.65
CA PHE B 11 20.07 -1.39 -20.31
C PHE B 11 20.86 -2.36 -19.39
N ILE B 12 20.36 -2.65 -18.19
CA ILE B 12 21.15 -3.39 -17.15
C ILE B 12 21.04 -4.90 -17.44
N GLY B 13 19.85 -5.39 -17.75
CA GLY B 13 19.64 -6.83 -18.01
C GLY B 13 20.53 -7.31 -19.13
N SER B 14 20.79 -6.53 -20.18
CA SER B 14 21.61 -7.00 -21.33
C SER B 14 23.05 -7.18 -20.84
N HIS B 15 23.57 -6.20 -20.08
CA HIS B 15 24.94 -6.25 -19.50
C HIS B 15 25.02 -7.47 -18.57
N LEU B 16 23.95 -7.74 -17.82
CA LEU B 16 23.95 -8.83 -16.80
C LEU B 16 24.00 -10.18 -17.50
N CYS B 17 23.20 -10.40 -18.55
CA CYS B 17 23.27 -11.63 -19.36
C CYS B 17 24.71 -11.81 -19.88
N GLN B 18 25.31 -10.74 -20.40
CA GLN B 18 26.69 -10.76 -20.92
C GLN B 18 27.64 -11.26 -19.83
N ALA B 19 27.55 -10.74 -18.60
CA ALA B 19 28.56 -11.07 -17.55
C ALA B 19 28.34 -12.51 -17.07
N LEU B 20 27.09 -12.96 -16.96
CA LEU B 20 26.80 -14.32 -16.42
C LEU B 20 27.29 -15.36 -17.42
N LEU B 21 27.04 -15.14 -18.71
CA LEU B 21 27.43 -16.07 -19.81
C LEU B 21 28.96 -16.22 -19.93
N LYS B 22 29.77 -15.32 -19.35
CA LYS B 22 31.26 -15.51 -19.26
C LYS B 22 31.57 -16.80 -18.49
N ASN B 23 30.68 -17.21 -17.59
CA ASN B 23 30.83 -18.44 -16.79
C ASN B 23 30.25 -19.58 -17.62
N SER B 24 31.10 -20.53 -18.00
CA SER B 24 30.76 -21.68 -18.88
C SER B 24 29.74 -22.59 -18.18
N ALA B 25 29.71 -22.60 -16.85
CA ALA B 25 28.73 -23.36 -16.04
C ALA B 25 27.30 -22.79 -16.21
N TYR B 26 27.15 -21.53 -16.62
CA TYR B 26 25.86 -20.80 -16.47
C TYR B 26 25.13 -20.83 -17.80
N HIS B 27 23.85 -21.19 -17.76
CA HIS B 27 22.89 -21.12 -18.89
C HIS B 27 21.88 -20.01 -18.53
N VAL B 28 21.56 -19.16 -19.49
CA VAL B 28 20.77 -17.93 -19.26
C VAL B 28 19.56 -17.97 -20.18
N VAL B 29 18.39 -17.74 -19.61
CA VAL B 29 17.13 -17.51 -20.35
C VAL B 29 16.74 -16.05 -20.11
N GLY B 30 16.55 -15.27 -21.18
CA GLY B 30 16.17 -13.86 -21.13
C GLY B 30 14.75 -13.67 -21.65
N ILE B 31 13.93 -12.92 -20.92
CA ILE B 31 12.56 -12.57 -21.39
C ILE B 31 12.43 -11.05 -21.35
N ASP B 32 11.87 -10.47 -22.40
CA ASP B 32 11.71 -9.03 -22.52
C ASP B 32 10.65 -8.77 -23.59
N HIS B 33 9.75 -7.84 -23.31
CA HIS B 33 8.58 -7.55 -24.18
C HIS B 33 8.84 -6.30 -25.02
N PHE B 34 10.03 -5.72 -24.89
CA PHE B 34 10.48 -4.53 -25.66
C PHE B 34 9.52 -3.36 -25.40
N ILE B 35 9.29 -3.00 -24.14
CA ILE B 35 8.42 -1.85 -23.79
C ILE B 35 9.21 -0.87 -22.93
N GLY B 36 8.54 0.19 -22.49
CA GLY B 36 9.15 1.26 -21.71
C GLY B 36 9.77 2.25 -22.68
N PRO B 37 10.65 3.15 -22.21
CA PRO B 37 11.02 4.32 -23.02
C PRO B 37 12.03 4.03 -24.15
N THR B 38 12.82 2.97 -24.06
CA THR B 38 13.85 2.65 -25.07
C THR B 38 13.18 2.09 -26.34
N PRO B 39 13.44 2.65 -27.55
CA PRO B 39 13.02 2.02 -28.81
C PRO B 39 13.55 0.59 -29.08
N ALA B 40 12.81 -0.20 -29.87
CA ALA B 40 13.06 -1.64 -30.13
C ALA B 40 14.44 -1.86 -30.72
N THR B 41 14.80 -1.08 -31.73
CA THR B 41 16.13 -1.20 -32.39
C THR B 41 17.27 -1.13 -31.37
N LEU B 42 17.21 -0.22 -30.42
CA LEU B 42 18.30 -0.13 -29.40
C LEU B 42 18.37 -1.45 -28.61
N LYS B 43 17.23 -2.09 -28.33
CA LYS B 43 17.17 -3.34 -27.53
C LYS B 43 17.69 -4.51 -28.37
N THR B 44 17.27 -4.63 -29.63
CA THR B 44 17.86 -5.63 -30.56
C THR B 44 19.38 -5.42 -30.56
N GLY B 45 19.84 -4.15 -30.55
CA GLY B 45 21.27 -3.77 -30.45
C GLY B 45 21.89 -4.32 -29.16
N ASN B 46 21.22 -4.11 -28.02
CA ASN B 46 21.67 -4.58 -26.68
C ASN B 46 21.94 -6.10 -26.67
N ILE B 47 21.18 -6.94 -27.39
CA ILE B 47 21.30 -8.43 -27.23
C ILE B 47 22.00 -9.04 -28.45
N GLN B 48 22.33 -8.25 -29.47
CA GLN B 48 23.00 -8.73 -30.71
C GLN B 48 24.11 -9.77 -30.35
N SER B 49 24.99 -9.49 -29.36
CA SER B 49 26.04 -10.43 -28.87
C SER B 49 25.43 -11.70 -28.27
N LEU B 50 24.45 -11.56 -27.36
CA LEU B 50 23.89 -12.66 -26.53
C LEU B 50 23.31 -13.76 -27.43
N GLU B 51 22.62 -13.38 -28.50
CA GLU B 51 21.89 -14.30 -29.42
C GLU B 51 22.85 -15.30 -30.08
N LEU B 52 24.10 -14.87 -30.35
CA LEU B 52 25.14 -15.73 -30.95
C LEU B 52 25.49 -16.87 -29.98
N ASN B 53 25.40 -16.64 -28.66
CA ASN B 53 25.86 -17.60 -27.63
C ASN B 53 24.84 -18.73 -27.48
N SER B 54 25.32 -19.97 -27.42
CA SER B 54 24.50 -21.20 -27.44
C SER B 54 23.89 -21.49 -26.06
N ARG B 55 24.44 -20.91 -24.98
CA ARG B 55 23.92 -21.07 -23.58
C ARG B 55 22.91 -19.95 -23.24
N PHE B 56 22.51 -19.16 -24.24
CA PHE B 56 21.54 -18.05 -24.11
C PHE B 56 20.31 -18.36 -24.94
N GLN B 57 19.14 -18.33 -24.29
CA GLN B 57 17.81 -18.38 -24.96
C GLN B 57 17.08 -17.06 -24.70
N PHE B 58 16.48 -16.47 -25.74
CA PHE B 58 15.70 -15.22 -25.61
C PHE B 58 14.23 -15.47 -25.93
N ILE B 59 13.33 -14.88 -25.14
CA ILE B 59 11.86 -14.93 -25.34
C ILE B 59 11.38 -13.48 -25.44
N ARG B 60 10.76 -13.11 -26.58
CA ARG B 60 10.17 -11.76 -26.78
C ARG B 60 8.69 -11.86 -26.51
N GLU B 61 8.33 -11.83 -25.24
CA GLU B 61 6.93 -11.98 -24.78
C GLU B 61 6.74 -11.23 -23.45
N ASP B 62 5.50 -10.82 -23.22
CA ASP B 62 5.05 -10.25 -21.94
C ASP B 62 5.10 -11.35 -20.88
N ILE B 63 5.75 -11.08 -19.76
CA ILE B 63 5.73 -11.96 -18.56
C ILE B 63 4.26 -12.25 -18.17
N LEU B 64 3.33 -11.33 -18.39
CA LEU B 64 1.89 -11.53 -18.03
C LEU B 64 1.14 -12.35 -19.09
N ASN B 65 1.78 -12.71 -20.20
CA ASN B 65 1.09 -13.37 -21.35
C ASN B 65 1.96 -14.53 -21.84
N THR B 66 2.66 -15.19 -20.92
CA THR B 66 3.62 -16.29 -21.24
C THR B 66 3.32 -17.45 -20.29
N ASP B 67 3.68 -18.65 -20.67
CA ASP B 67 3.57 -19.83 -19.77
C ASP B 67 4.76 -19.78 -18.79
N LEU B 68 4.52 -19.30 -17.57
CA LEU B 68 5.59 -19.13 -16.55
C LEU B 68 5.98 -20.49 -15.95
N SER B 69 5.10 -21.49 -16.00
CA SER B 69 5.44 -22.86 -15.53
C SER B 69 6.39 -23.50 -16.54
N LYS B 70 6.17 -23.32 -17.85
CA LYS B 70 7.16 -23.69 -18.90
C LYS B 70 8.47 -22.91 -18.63
N LEU B 71 8.37 -21.59 -18.49
CA LEU B 71 9.52 -20.67 -18.42
C LEU B 71 10.43 -21.05 -17.24
N LEU B 72 9.86 -21.50 -16.12
CA LEU B 72 10.60 -21.65 -14.85
C LEU B 72 10.99 -23.11 -14.57
N GLN B 73 10.63 -24.04 -15.48
CA GLN B 73 10.74 -25.52 -15.30
C GLN B 73 12.04 -25.85 -14.54
N ASP B 74 13.18 -25.62 -15.18
CA ASP B 74 14.51 -26.01 -14.63
C ASP B 74 15.33 -24.77 -14.29
N ILE B 75 14.70 -23.73 -13.75
CA ILE B 75 15.41 -22.46 -13.38
C ILE B 75 15.87 -22.57 -11.93
N ASP B 76 17.14 -22.28 -11.66
CA ASP B 76 17.74 -22.28 -10.30
C ASP B 76 17.74 -20.90 -9.67
N VAL B 77 17.82 -19.86 -10.50
CA VAL B 77 17.97 -18.44 -10.05
C VAL B 77 17.12 -17.54 -10.96
N VAL B 78 16.38 -16.61 -10.35
CA VAL B 78 15.70 -15.50 -11.08
C VAL B 78 16.41 -14.20 -10.72
N TYR B 79 16.78 -13.45 -11.75
CA TYR B 79 17.15 -12.02 -11.68
C TYR B 79 15.93 -11.27 -12.23
N HIS B 80 15.21 -10.54 -11.40
CA HIS B 80 13.98 -9.82 -11.85
C HIS B 80 14.28 -8.32 -12.04
N LEU B 81 14.48 -7.91 -13.29
CA LEU B 81 14.85 -6.52 -13.67
C LEU B 81 13.70 -5.89 -14.46
N ALA B 82 12.74 -6.70 -14.91
CA ALA B 82 11.65 -6.20 -15.77
C ALA B 82 10.87 -5.16 -14.97
N ALA B 83 10.62 -4.00 -15.60
CA ALA B 83 9.91 -2.88 -14.97
C ALA B 83 9.72 -1.78 -16.01
N ILE B 84 8.85 -0.84 -15.70
CA ILE B 84 8.62 0.41 -16.45
C ILE B 84 9.18 1.51 -15.56
N PRO B 85 10.17 2.29 -16.04
CA PRO B 85 10.64 3.49 -15.34
C PRO B 85 9.74 4.73 -15.47
N GLY B 86 10.00 5.76 -14.67
CA GLY B 86 9.17 6.99 -14.59
C GLY B 86 9.42 7.92 -15.77
N TRP B 91 0.53 9.94 -14.70
CA TRP B 91 -0.58 10.51 -13.88
C TRP B 91 -1.92 10.09 -14.47
N GLY B 92 -2.99 10.21 -13.69
CA GLY B 92 -4.35 9.80 -14.07
C GLY B 92 -4.33 8.49 -14.82
N LYS B 93 -4.48 8.54 -16.16
CA LYS B 93 -4.77 7.37 -17.02
C LYS B 93 -3.45 6.64 -17.35
N ASP B 94 -2.33 7.34 -17.27
CA ASP B 94 -0.98 6.74 -17.50
C ASP B 94 -0.54 5.89 -16.29
N PHE B 95 -1.38 5.64 -15.26
CA PHE B 95 -0.92 4.97 -14.00
C PHE B 95 -0.96 3.43 -14.14
N GLN B 96 -1.91 2.87 -14.88
CA GLN B 96 -2.12 1.41 -15.01
C GLN B 96 -0.82 0.72 -15.45
N PRO B 97 -0.07 1.21 -16.46
CA PRO B 97 1.17 0.56 -16.88
C PRO B 97 2.20 0.36 -15.76
N TYR B 98 2.31 1.27 -14.80
CA TYR B 98 3.21 1.13 -13.63
C TYR B 98 2.71 -0.03 -12.77
N VAL B 99 1.39 -0.15 -12.62
CA VAL B 99 0.75 -1.14 -11.73
C VAL B 99 0.87 -2.51 -12.39
N THR B 100 0.54 -2.59 -13.66
CA THR B 100 0.63 -3.82 -14.48
C THR B 100 2.06 -4.35 -14.48
N ASN B 101 3.05 -3.52 -14.83
CA ASN B 101 4.42 -3.99 -15.17
C ASN B 101 5.31 -3.99 -13.92
N ASN B 102 5.03 -3.15 -12.90
CA ASN B 102 5.87 -3.10 -11.67
C ASN B 102 5.23 -3.89 -10.54
N ILE B 103 3.89 -4.03 -10.48
CA ILE B 103 3.22 -4.75 -9.36
C ILE B 103 2.78 -6.16 -9.81
N MET B 104 1.97 -6.25 -10.88
CA MET B 104 1.30 -7.53 -11.28
C MET B 104 2.36 -8.49 -11.83
N VAL B 105 3.30 -7.99 -12.65
CA VAL B 105 4.44 -8.81 -13.17
C VAL B 105 5.12 -9.47 -11.98
N THR B 106 5.49 -8.70 -10.95
CA THR B 106 6.25 -9.24 -9.80
C THR B 106 5.41 -10.30 -9.09
N GLN B 107 4.13 -10.01 -8.88
CA GLN B 107 3.21 -10.93 -8.16
C GLN B 107 3.08 -12.25 -8.92
N GLN B 108 2.88 -12.20 -10.23
CA GLN B 108 2.68 -13.41 -11.08
C GLN B 108 4.00 -14.19 -11.16
N LEU B 109 5.13 -13.48 -11.31
CA LEU B 109 6.48 -14.10 -11.26
C LEU B 109 6.67 -14.81 -9.92
N LEU B 110 6.39 -14.11 -8.83
CA LEU B 110 6.57 -14.72 -7.49
C LEU B 110 5.60 -15.90 -7.36
N GLU B 111 4.39 -15.80 -7.89
CA GLU B 111 3.38 -16.87 -7.77
C GLU B 111 3.94 -18.13 -8.45
N ALA B 112 4.53 -17.95 -9.65
CA ALA B 112 5.07 -19.08 -10.45
C ALA B 112 6.30 -19.69 -9.77
N CYS B 113 6.97 -18.96 -8.88
CA CYS B 113 8.21 -19.41 -8.19
C CYS B 113 7.90 -20.02 -6.83
N LYS B 114 6.68 -19.79 -6.34
CA LYS B 114 6.21 -20.19 -4.99
C LYS B 114 6.54 -21.67 -4.75
N HIS B 115 6.33 -22.52 -5.75
CA HIS B 115 6.33 -23.99 -5.59
C HIS B 115 7.55 -24.61 -6.27
N ILE B 116 8.48 -23.79 -6.76
CA ILE B 116 9.77 -24.20 -7.38
C ILE B 116 10.90 -24.06 -6.35
N LYS B 117 11.88 -24.95 -6.38
CA LYS B 117 13.09 -24.85 -5.52
C LYS B 117 14.16 -23.96 -6.19
N LEU B 118 13.99 -22.64 -6.15
CA LEU B 118 15.05 -21.67 -6.53
C LEU B 118 16.13 -21.70 -5.47
N ASP B 119 17.39 -21.50 -5.84
CA ASP B 119 18.47 -21.07 -4.91
C ASP B 119 18.23 -19.62 -4.49
N LYS B 120 17.86 -18.74 -5.44
CA LYS B 120 17.65 -17.29 -5.16
C LYS B 120 16.68 -16.65 -6.17
N PHE B 121 15.88 -15.74 -5.66
CA PHE B 121 15.09 -14.77 -6.44
C PHE B 121 15.71 -13.41 -6.10
N ILE B 122 16.51 -12.88 -7.03
CA ILE B 122 17.18 -11.56 -6.90
C ILE B 122 16.31 -10.50 -7.59
N HIS B 123 15.57 -9.74 -6.79
CA HIS B 123 14.60 -8.71 -7.19
C HIS B 123 15.34 -7.37 -7.28
N ILE B 124 15.29 -6.73 -8.45
CA ILE B 124 16.01 -5.43 -8.64
C ILE B 124 14.99 -4.30 -8.40
N SER B 125 15.32 -3.46 -7.43
CA SER B 125 14.56 -2.26 -7.06
C SER B 125 15.45 -1.03 -7.27
N THR B 126 15.06 0.07 -6.65
CA THR B 126 15.51 1.43 -7.00
C THR B 126 15.56 2.31 -5.75
N SER B 127 16.55 3.21 -5.70
CA SER B 127 16.66 4.30 -4.70
C SER B 127 15.44 5.22 -4.75
N SER B 128 14.67 5.26 -5.84
CA SER B 128 13.43 6.07 -5.92
C SER B 128 12.43 5.63 -4.86
N VAL B 129 12.56 4.43 -4.26
CA VAL B 129 11.65 4.01 -3.15
C VAL B 129 11.89 4.91 -1.92
N TYR B 130 13.08 5.50 -1.76
CA TYR B 130 13.41 6.25 -0.52
C TYR B 130 12.65 7.57 -0.44
N GLY B 131 12.37 8.21 -1.58
CA GLY B 131 11.89 9.60 -1.58
C GLY B 131 13.02 10.55 -1.21
N GLU B 132 12.67 11.77 -0.78
CA GLU B 132 13.63 12.87 -0.50
C GLU B 132 14.44 12.53 0.75
N LYS B 133 15.76 12.38 0.66
CA LYS B 133 16.62 12.17 1.85
C LYS B 133 17.84 13.08 1.78
N SER B 134 18.41 13.40 2.94
CA SER B 134 19.63 14.23 3.10
C SER B 134 20.71 13.39 3.78
N GLY B 135 21.89 13.35 3.18
CA GLY B 135 23.03 12.58 3.69
C GLY B 135 23.04 11.15 3.18
N ALA B 136 23.62 10.26 3.98
CA ALA B 136 23.77 8.82 3.68
C ALA B 136 22.39 8.15 3.74
N VAL B 137 22.06 7.35 2.73
CA VAL B 137 20.77 6.61 2.65
C VAL B 137 21.09 5.14 2.88
N SER B 138 20.67 4.60 4.02
CA SER B 138 20.89 3.18 4.42
C SER B 138 19.56 2.45 4.31
N GLU B 139 19.60 1.11 4.29
CA GLU B 139 18.44 0.25 3.99
C GLU B 139 17.47 0.28 5.17
N ASP B 140 17.84 0.88 6.30
CA ASP B 140 16.94 0.96 7.48
C ASP B 140 16.06 2.22 7.40
N LEU B 141 16.35 3.19 6.53
CA LEU B 141 15.52 4.43 6.48
C LEU B 141 14.11 4.09 5.99
N LEU B 142 13.13 4.82 6.50
CA LEU B 142 11.69 4.73 6.16
C LEU B 142 11.52 5.20 4.72
N PRO B 143 11.10 4.34 3.76
CA PRO B 143 10.93 4.77 2.37
C PRO B 143 9.64 5.59 2.22
N ILE B 144 9.73 6.82 1.71
CA ILE B 144 8.52 7.65 1.43
C ILE B 144 8.52 7.98 -0.06
N PRO B 145 8.17 7.07 -0.98
CA PRO B 145 8.28 7.41 -2.40
C PRO B 145 7.51 8.70 -2.73
N LEU B 146 8.02 9.48 -3.68
CA LEU B 146 7.38 10.72 -4.18
C LEU B 146 6.83 10.60 -5.59
N SER B 147 7.04 9.46 -6.27
CA SER B 147 6.57 9.22 -7.65
C SER B 147 5.72 7.95 -7.73
N PRO B 148 4.93 7.77 -8.82
CA PRO B 148 4.22 6.52 -9.06
C PRO B 148 5.22 5.38 -9.29
N TYR B 149 6.34 5.68 -9.97
CA TYR B 149 7.42 4.70 -10.17
C TYR B 149 7.85 4.16 -8.79
N GLY B 150 8.18 5.07 -7.86
CA GLY B 150 8.64 4.74 -6.50
C GLY B 150 7.66 3.84 -5.77
N VAL B 151 6.38 4.24 -5.71
CA VAL B 151 5.28 3.49 -5.04
C VAL B 151 5.22 2.09 -5.65
N THR B 152 5.13 1.97 -6.98
CA THR B 152 4.93 0.66 -7.66
C THR B 152 6.19 -0.22 -7.45
N LYS B 153 7.39 0.33 -7.56
CA LYS B 153 8.63 -0.43 -7.28
C LYS B 153 8.65 -0.84 -5.80
N LEU B 154 8.25 0.05 -4.88
CA LEU B 154 8.23 -0.28 -3.42
C LEU B 154 7.26 -1.46 -3.20
N SER B 155 6.10 -1.47 -3.87
CA SER B 155 5.10 -2.55 -3.75
C SER B 155 5.69 -3.88 -4.25
N GLY B 156 6.48 -3.84 -5.31
CA GLY B 156 7.20 -5.03 -5.82
C GLY B 156 8.08 -5.62 -4.73
N GLU B 157 8.85 -4.78 -4.06
CA GLU B 157 9.74 -5.23 -2.95
C GLU B 157 8.86 -5.89 -1.90
N HIS B 158 7.76 -5.25 -1.52
CA HIS B 158 6.92 -5.76 -0.42
C HIS B 158 6.34 -7.13 -0.81
N LEU B 159 5.97 -7.32 -2.08
CA LEU B 159 5.49 -8.64 -2.54
C LEU B 159 6.58 -9.68 -2.30
N CYS B 160 7.84 -9.33 -2.54
CA CYS B 160 8.97 -10.27 -2.29
C CYS B 160 8.95 -10.73 -0.83
N HIS B 161 8.82 -9.81 0.13
CA HIS B 161 8.79 -10.15 1.59
C HIS B 161 7.57 -11.02 1.87
N VAL B 162 6.42 -10.70 1.30
CA VAL B 162 5.20 -11.52 1.49
C VAL B 162 5.52 -12.98 1.10
N TYR B 163 6.10 -13.20 -0.09
CA TYR B 163 6.37 -14.56 -0.62
C TYR B 163 7.54 -15.23 0.08
N HIS B 164 8.53 -14.46 0.53
CA HIS B 164 9.63 -15.00 1.40
C HIS B 164 9.04 -15.55 2.71
N LYS B 165 8.30 -14.76 3.46
CA LYS B 165 7.76 -15.12 4.80
C LYS B 165 6.79 -16.33 4.69
N ASN B 166 5.91 -16.36 3.68
CA ASN B 166 4.76 -17.30 3.60
C ASN B 166 5.11 -18.58 2.82
N PHE B 167 5.99 -18.51 1.82
CA PHE B 167 6.30 -19.63 0.88
C PHE B 167 7.80 -19.89 0.80
N HIS B 168 8.62 -19.20 1.60
CA HIS B 168 10.09 -19.40 1.65
C HIS B 168 10.72 -19.24 0.26
N ILE B 169 10.18 -18.39 -0.63
CA ILE B 169 10.95 -17.93 -1.82
C ILE B 169 12.21 -17.23 -1.32
N PRO B 170 13.41 -17.71 -1.69
CA PRO B 170 14.67 -17.14 -1.18
C PRO B 170 15.06 -15.82 -1.89
N ILE B 171 14.43 -14.73 -1.42
CA ILE B 171 14.45 -13.38 -2.07
C ILE B 171 15.67 -12.62 -1.57
N VAL B 172 16.13 -11.73 -2.45
CA VAL B 172 17.21 -10.77 -2.18
C VAL B 172 16.79 -9.53 -2.94
N ILE B 173 16.77 -8.39 -2.26
CA ILE B 173 16.39 -7.13 -2.93
C ILE B 173 17.66 -6.30 -3.05
N LEU B 174 17.95 -5.87 -4.26
CA LEU B 174 19.02 -4.88 -4.55
C LEU B 174 18.34 -3.57 -4.92
N ARG B 175 18.75 -2.49 -4.27
CA ARG B 175 18.28 -1.12 -4.61
C ARG B 175 19.40 -0.47 -5.39
N TYR B 176 19.24 -0.34 -6.70
CA TYR B 176 20.19 0.38 -7.55
C TYR B 176 19.97 1.89 -7.32
N PHE B 177 21.06 2.65 -7.16
CA PHE B 177 21.09 4.13 -7.35
C PHE B 177 21.34 4.32 -8.83
N THR B 178 21.33 5.54 -9.34
CA THR B 178 21.34 5.83 -10.79
C THR B 178 22.50 5.10 -11.47
N VAL B 179 22.19 4.34 -12.52
CA VAL B 179 23.20 3.55 -13.27
C VAL B 179 23.41 4.25 -14.62
N TYR B 180 24.65 4.28 -15.09
CA TYR B 180 25.02 4.97 -16.35
C TYR B 180 26.06 4.10 -17.08
N GLY B 181 26.41 4.48 -18.30
CA GLY B 181 27.35 3.74 -19.15
C GLY B 181 26.71 3.47 -20.52
N PRO B 182 27.42 2.72 -21.37
CA PRO B 182 26.89 2.28 -22.67
C PRO B 182 25.55 1.56 -22.51
N ARG B 183 24.62 1.83 -23.43
CA ARG B 183 23.22 1.33 -23.49
C ARG B 183 22.31 2.01 -22.45
N GLN B 184 22.78 3.04 -21.73
CA GLN B 184 21.87 3.81 -20.84
C GLN B 184 20.63 4.19 -21.67
N ARG B 185 19.45 4.10 -21.06
CA ARG B 185 18.16 4.41 -21.75
C ARG B 185 18.17 5.88 -22.21
N PRO B 186 17.52 6.19 -23.35
CA PRO B 186 17.48 7.54 -23.91
C PRO B 186 16.71 8.61 -23.10
N ASP B 187 15.87 8.20 -22.16
CA ASP B 187 15.19 9.12 -21.22
C ASP B 187 16.12 9.57 -20.09
N MET B 188 17.30 8.98 -19.91
CA MET B 188 18.12 9.24 -18.70
C MET B 188 19.06 10.44 -18.95
N ALA B 189 19.47 11.14 -17.89
CA ALA B 189 20.10 12.49 -17.94
C ALA B 189 21.43 12.45 -18.72
N PHE B 190 22.35 11.54 -18.42
CA PHE B 190 23.66 11.45 -19.10
C PHE B 190 23.44 11.21 -20.62
N HIS B 191 22.57 10.26 -20.98
CA HIS B 191 22.22 9.99 -22.41
C HIS B 191 21.81 11.32 -23.08
N ARG B 192 20.85 12.03 -22.48
CA ARG B 192 20.27 13.30 -23.01
C ARG B 192 21.35 14.39 -23.08
N LEU B 193 22.10 14.63 -22.01
CA LEU B 193 23.18 15.65 -21.95
C LEU B 193 24.21 15.35 -23.05
N ILE B 194 24.62 14.10 -23.21
CA ILE B 194 25.68 13.76 -24.20
C ILE B 194 25.14 14.00 -25.61
N LYS B 195 23.91 13.60 -25.86
CA LYS B 195 23.25 13.81 -27.17
C LYS B 195 23.22 15.31 -27.49
N GLN B 196 22.85 16.13 -26.50
CA GLN B 196 22.69 17.60 -26.70
C GLN B 196 24.05 18.20 -27.05
N MET B 197 25.09 17.85 -26.29
CA MET B 197 26.49 18.30 -26.51
C MET B 197 26.96 17.88 -27.92
N LEU B 198 26.61 16.68 -28.40
CA LEU B 198 27.02 16.21 -29.75
C LEU B 198 26.43 17.15 -30.80
N GLU B 199 25.22 17.68 -30.58
CA GLU B 199 24.49 18.56 -31.53
C GLU B 199 24.82 20.05 -31.24
N ASP B 200 25.74 20.35 -30.32
CA ASP B 200 26.10 21.74 -29.92
C ASP B 200 24.86 22.51 -29.46
N LYS B 201 23.87 21.82 -28.91
CA LYS B 201 22.64 22.44 -28.36
C LYS B 201 22.88 22.74 -26.89
N PRO B 202 22.10 23.66 -26.31
CA PRO B 202 22.17 23.90 -24.87
C PRO B 202 21.95 22.56 -24.14
N LEU B 203 22.68 22.33 -23.04
CA LEU B 203 22.51 21.17 -22.14
C LEU B 203 21.44 21.52 -21.12
N THR B 204 20.29 20.85 -21.18
CA THR B 204 19.12 21.20 -20.34
C THR B 204 19.30 20.59 -18.97
N ILE B 205 19.33 21.47 -17.95
CA ILE B 205 19.40 21.13 -16.51
C ILE B 205 18.03 21.49 -15.91
N PHE B 206 17.43 20.58 -15.15
CA PHE B 206 16.20 20.83 -14.35
C PHE B 206 16.64 21.20 -12.92
N GLY B 207 16.41 22.42 -12.47
CA GLY B 207 16.96 22.94 -11.19
C GLY B 207 18.23 23.71 -11.43
N ASP B 208 19.09 23.88 -10.41
CA ASP B 208 20.34 24.67 -10.51
C ASP B 208 21.58 23.76 -10.59
N GLY B 209 21.39 22.43 -10.62
CA GLY B 209 22.42 21.43 -10.97
C GLY B 209 23.58 21.35 -9.98
N THR B 210 23.42 21.79 -8.72
CA THR B 210 24.52 21.79 -7.72
C THR B 210 24.34 20.69 -6.67
N GLN B 211 23.16 20.06 -6.63
CA GLN B 211 22.86 18.92 -5.72
C GLN B 211 23.74 17.74 -6.17
N THR B 212 24.54 17.20 -5.25
CA THR B 212 25.49 16.12 -5.56
C THR B 212 24.80 14.78 -5.27
N ARG B 213 24.94 13.84 -6.18
CA ARG B 213 24.29 12.53 -6.06
C ARG B 213 25.25 11.43 -6.46
N ASP B 214 24.78 10.23 -6.18
CA ASP B 214 25.44 8.94 -6.36
C ASP B 214 25.20 8.48 -7.80
N PHE B 215 26.24 8.11 -8.55
CA PHE B 215 26.10 7.49 -9.90
C PHE B 215 26.89 6.18 -9.96
N THR B 216 26.27 5.10 -10.46
CA THR B 216 26.95 3.78 -10.52
C THR B 216 27.22 3.43 -11.99
N TYR B 217 28.49 3.27 -12.33
CA TYR B 217 28.89 2.74 -13.65
C TYR B 217 28.35 1.32 -13.77
N ILE B 218 27.83 1.01 -14.97
CA ILE B 218 27.11 -0.28 -15.24
C ILE B 218 27.98 -1.49 -14.82
N ASP B 219 29.27 -1.50 -15.13
CA ASP B 219 30.16 -2.66 -14.81
C ASP B 219 30.21 -2.88 -13.29
N ASP B 220 30.20 -1.80 -12.50
CA ASP B 220 30.24 -1.89 -11.02
C ASP B 220 28.87 -2.44 -10.55
N CYS B 221 27.79 -1.94 -11.15
CA CYS B 221 26.40 -2.41 -10.90
C CYS B 221 26.36 -3.91 -11.14
N ILE B 222 26.88 -4.39 -12.28
CA ILE B 222 26.80 -5.82 -12.66
C ILE B 222 27.64 -6.66 -11.68
N ARG B 223 28.82 -6.18 -11.26
CA ARG B 223 29.71 -6.95 -10.34
C ARG B 223 28.96 -7.17 -9.01
N GLY B 224 28.31 -6.15 -8.48
CA GLY B 224 27.48 -6.28 -7.25
C GLY B 224 26.29 -7.21 -7.46
N THR B 225 25.65 -7.15 -8.63
CA THR B 225 24.46 -7.97 -8.97
C THR B 225 24.91 -9.42 -9.07
N VAL B 226 26.06 -9.68 -9.69
CA VAL B 226 26.60 -11.08 -9.78
C VAL B 226 27.00 -11.53 -8.37
N ALA B 227 27.55 -10.66 -7.53
CA ALA B 227 27.99 -11.03 -6.16
C ALA B 227 26.77 -11.46 -5.33
N ALA B 228 25.59 -10.89 -5.61
CA ALA B 228 24.35 -11.25 -4.87
C ALA B 228 24.07 -12.74 -5.11
N LEU B 229 24.42 -13.25 -6.29
CA LEU B 229 24.35 -14.70 -6.57
C LEU B 229 25.52 -15.47 -5.92
N GLU B 230 26.77 -15.01 -6.10
CA GLU B 230 27.99 -15.85 -5.91
C GLU B 230 28.54 -15.71 -4.48
N THR B 231 28.07 -14.75 -3.70
CA THR B 231 28.60 -14.51 -2.33
C THR B 231 28.47 -15.80 -1.52
N LYS B 232 29.41 -16.05 -0.62
CA LYS B 232 29.38 -17.25 0.23
C LYS B 232 28.48 -16.96 1.43
N LYS B 233 28.20 -15.69 1.73
CA LYS B 233 27.31 -15.32 2.88
C LYS B 233 25.85 -15.61 2.54
N ASN B 234 25.05 -15.90 3.57
CA ASN B 234 23.57 -15.99 3.50
C ASN B 234 23.05 -14.57 3.52
N ILE B 235 22.42 -14.15 2.42
CA ILE B 235 21.83 -12.80 2.26
C ILE B 235 20.32 -12.95 2.02
N ILE B 236 19.77 -14.15 2.16
CA ILE B 236 18.31 -14.33 1.94
C ILE B 236 17.56 -13.36 2.84
N GLY B 237 16.62 -12.61 2.28
CA GLY B 237 15.72 -11.70 3.01
C GLY B 237 16.25 -10.28 3.14
N GLU B 238 17.52 -10.04 2.79
CA GLU B 238 18.22 -8.74 2.92
C GLU B 238 17.87 -7.79 1.77
N VAL B 239 17.77 -6.49 2.06
CA VAL B 239 17.74 -5.35 1.12
C VAL B 239 19.14 -4.74 1.08
N ILE B 240 19.73 -4.57 -0.09
CA ILE B 240 21.12 -4.08 -0.22
C ILE B 240 21.17 -2.95 -1.24
N ASN B 241 21.62 -1.78 -0.82
CA ASN B 241 21.91 -0.62 -1.70
C ASN B 241 23.11 -0.96 -2.56
N ILE B 242 22.98 -0.79 -3.89
CA ILE B 242 24.13 -0.80 -4.82
C ILE B 242 24.31 0.63 -5.34
N GLY B 243 25.45 1.25 -4.95
CA GLY B 243 25.82 2.64 -5.25
C GLY B 243 27.20 2.74 -5.86
N GLY B 244 27.63 3.97 -6.12
CA GLY B 244 28.74 4.26 -7.06
C GLY B 244 30.00 4.73 -6.34
N LYS B 245 31.10 4.80 -7.11
CA LYS B 245 32.44 5.18 -6.62
C LYS B 245 32.43 6.67 -6.22
N GLU B 246 32.09 7.56 -7.16
CA GLU B 246 32.22 9.03 -7.01
C GLU B 246 30.85 9.70 -6.98
N GLN B 247 30.69 10.68 -6.07
CA GLN B 247 29.56 11.64 -5.99
C GLN B 247 29.84 12.81 -6.93
N ALA B 248 28.81 13.28 -7.62
CA ALA B 248 28.90 14.46 -8.52
C ALA B 248 27.54 15.17 -8.61
N SER B 249 27.59 16.45 -8.87
CA SER B 249 26.45 17.29 -9.28
C SER B 249 26.34 17.20 -10.80
N ILE B 250 25.21 17.60 -11.36
CA ILE B 250 25.07 17.64 -12.84
C ILE B 250 26.09 18.65 -13.38
N LEU B 251 26.43 19.72 -12.64
CA LEU B 251 27.44 20.71 -13.12
C LEU B 251 28.81 20.04 -13.09
N ASP B 252 29.11 19.21 -12.10
CA ASP B 252 30.37 18.43 -12.14
C ASP B 252 30.40 17.58 -13.41
N ILE B 253 29.29 16.88 -13.69
CA ILE B 253 29.22 15.94 -14.83
C ILE B 253 29.45 16.74 -16.11
N ILE B 254 28.75 17.86 -16.28
CA ILE B 254 28.90 18.63 -17.54
C ILE B 254 30.35 19.10 -17.72
N SER B 255 31.05 19.50 -16.66
CA SER B 255 32.48 19.90 -16.72
C SER B 255 33.33 18.72 -17.23
N MET B 256 33.01 17.48 -16.83
CA MET B 256 33.74 16.29 -17.33
C MET B 256 33.37 16.05 -18.81
N LEU B 257 32.11 16.25 -19.18
CA LEU B 257 31.68 16.06 -20.59
C LEU B 257 32.43 17.09 -21.46
N GLU B 258 32.66 18.30 -20.96
CA GLU B 258 33.44 19.36 -21.68
C GLU B 258 34.89 18.89 -21.91
N LYS B 259 35.50 18.26 -20.92
CA LYS B 259 36.87 17.68 -20.98
C LYS B 259 36.90 16.61 -22.09
N ILE B 260 35.86 15.79 -22.22
CA ILE B 260 35.80 14.73 -23.26
C ILE B 260 35.65 15.37 -24.65
N SER B 261 34.70 16.30 -24.81
CA SER B 261 34.30 16.87 -26.12
C SER B 261 35.29 17.93 -26.57
N GLY B 262 36.15 18.43 -25.68
CA GLY B 262 37.10 19.52 -25.95
C GLY B 262 36.44 20.89 -26.19
N LYS B 263 35.23 21.13 -25.69
CA LYS B 263 34.51 22.41 -25.91
C LYS B 263 33.51 22.70 -24.78
N SER B 264 33.29 23.98 -24.54
CA SER B 264 32.41 24.55 -23.50
C SER B 264 30.94 24.37 -23.92
N ALA B 265 30.08 24.03 -22.98
CA ALA B 265 28.65 23.87 -23.33
C ALA B 265 27.89 25.15 -22.98
N THR B 266 26.86 25.43 -23.75
CA THR B 266 25.74 26.31 -23.35
C THR B 266 24.88 25.55 -22.33
N LYS B 267 24.58 26.20 -21.20
CA LYS B 267 23.82 25.55 -20.10
C LYS B 267 22.46 26.22 -20.03
N ASN B 268 21.40 25.42 -20.00
CA ASN B 268 19.99 25.86 -20.05
C ASN B 268 19.31 25.36 -18.78
N PHE B 269 19.09 26.26 -17.83
CA PHE B 269 18.46 25.94 -16.53
C PHE B 269 16.95 26.21 -16.60
N LEU B 270 16.15 25.16 -16.46
CA LEU B 270 14.68 25.27 -16.23
C LEU B 270 14.39 25.22 -14.71
N LYS B 271 13.22 25.69 -14.29
CA LYS B 271 12.56 25.45 -12.96
C LYS B 271 13.55 25.04 -11.86
N PRO B 277 17.36 19.31 -2.33
CA PRO B 277 18.15 18.60 -1.29
C PRO B 277 19.60 18.40 -1.78
N LYS B 278 20.55 19.06 -1.11
CA LYS B 278 21.90 19.43 -1.65
C LYS B 278 22.82 18.22 -1.77
N GLN B 279 22.81 17.32 -0.79
CA GLN B 279 23.77 16.21 -0.70
C GLN B 279 23.04 14.93 -0.34
N THR B 280 23.14 13.91 -1.18
CA THR B 280 22.50 12.60 -0.93
C THR B 280 23.34 11.52 -1.61
N TRP B 281 23.70 10.48 -0.86
CA TRP B 281 24.48 9.33 -1.40
C TRP B 281 23.99 8.04 -0.76
N ALA B 282 24.17 6.93 -1.49
CA ALA B 282 23.93 5.54 -1.04
C ALA B 282 24.91 5.22 0.11
N ASP B 283 24.40 4.69 1.21
CA ASP B 283 25.25 3.98 2.20
C ASP B 283 25.43 2.57 1.67
N ILE B 284 26.63 2.24 1.15
CA ILE B 284 26.91 0.87 0.60
C ILE B 284 27.71 0.01 1.61
N SER B 285 27.73 0.35 2.90
CA SER B 285 28.32 -0.47 4.00
C SER B 285 27.88 -1.94 3.92
N LYS B 286 26.56 -2.15 3.84
CA LYS B 286 25.95 -3.50 3.86
C LYS B 286 26.45 -4.31 2.66
N ALA B 287 26.42 -3.72 1.45
CA ALA B 287 26.98 -4.34 0.22
C ALA B 287 28.48 -4.62 0.40
N SER B 288 29.24 -3.73 1.03
CA SER B 288 30.68 -4.00 1.31
C SER B 288 30.83 -5.30 2.11
N THR B 289 30.15 -5.39 3.25
CA THR B 289 30.19 -6.55 4.19
C THR B 289 29.64 -7.83 3.56
N LEU B 290 28.49 -7.78 2.89
CA LEU B 290 27.77 -9.01 2.45
C LEU B 290 28.23 -9.44 1.05
N LEU B 291 28.64 -8.51 0.19
CA LEU B 291 28.92 -8.83 -1.25
C LEU B 291 30.39 -8.57 -1.62
N GLN B 292 31.23 -8.10 -0.69
CA GLN B 292 32.58 -7.51 -0.93
C GLN B 292 32.49 -6.56 -2.14
N TYR B 293 31.41 -5.78 -2.20
CA TYR B 293 31.16 -4.79 -3.27
C TYR B 293 32.00 -3.55 -2.97
N SER B 294 32.75 -3.17 -3.98
CA SER B 294 33.61 -1.96 -4.01
C SER B 294 33.57 -1.47 -5.45
N PRO B 295 32.82 -0.41 -5.78
CA PRO B 295 32.82 0.12 -7.14
C PRO B 295 34.19 0.72 -7.48
N THR B 296 34.74 0.41 -8.66
CA THR B 296 36.14 0.80 -9.04
C THR B 296 36.20 1.72 -10.25
N VAL B 297 35.13 1.92 -11.02
CA VAL B 297 35.25 2.71 -12.27
C VAL B 297 34.94 4.17 -11.95
N SER B 298 35.87 5.05 -12.30
CA SER B 298 35.80 6.52 -12.14
C SER B 298 34.77 7.12 -13.10
N LEU B 299 34.11 8.22 -12.70
CA LEU B 299 33.16 8.99 -13.53
C LEU B 299 33.79 9.29 -14.89
N SER B 300 35.01 9.79 -14.89
CA SER B 300 35.68 10.24 -16.13
C SER B 300 35.81 9.05 -17.09
N ASP B 301 36.17 7.86 -16.60
CA ASP B 301 36.28 6.63 -17.43
C ASP B 301 34.89 6.18 -17.90
N GLY B 302 33.90 6.21 -17.01
CA GLY B 302 32.53 5.79 -17.30
C GLY B 302 31.88 6.69 -18.34
N LEU B 303 32.09 8.01 -18.21
CA LEU B 303 31.46 9.03 -19.08
C LEU B 303 32.06 8.89 -20.46
N GLU B 304 33.37 8.61 -20.55
CA GLU B 304 34.04 8.35 -21.86
C GLU B 304 33.33 7.18 -22.56
N ALA B 305 33.08 6.06 -21.84
CA ALA B 305 32.47 4.85 -22.42
C ALA B 305 31.05 5.18 -22.88
N GLU B 306 30.27 5.90 -22.06
CA GLU B 306 28.90 6.27 -22.46
C GLU B 306 28.99 7.22 -23.66
N TYR B 307 29.85 8.22 -23.60
CA TYR B 307 29.98 9.25 -24.66
C TYR B 307 30.19 8.54 -26.00
N ASP B 308 31.12 7.57 -26.05
CA ASP B 308 31.43 6.81 -27.29
C ASP B 308 30.17 6.08 -27.74
N TYR B 309 29.41 5.46 -26.82
CA TYR B 309 28.16 4.73 -27.16
C TYR B 309 27.14 5.69 -27.76
N ILE B 310 26.94 6.87 -27.15
CA ILE B 310 25.93 7.87 -27.61
C ILE B 310 26.37 8.40 -29.00
N LYS B 311 27.65 8.78 -29.14
CA LYS B 311 28.22 9.25 -30.44
C LYS B 311 27.97 8.21 -31.54
N GLN B 312 28.22 6.92 -31.31
CA GLN B 312 28.04 5.90 -32.38
C GLN B 312 26.55 5.84 -32.78
N LEU B 313 25.61 6.20 -31.91
CA LEU B 313 24.17 6.28 -32.27
C LEU B 313 23.86 7.50 -33.16
N TYR B 314 24.26 8.69 -32.71
CA TYR B 314 23.79 10.00 -33.27
C TYR B 314 24.86 10.70 -34.10
N LYS B 315 25.99 10.04 -34.33
CA LYS B 315 27.17 10.58 -35.07
C LYS B 315 26.80 11.89 -35.78
N MET C 1 -4.28 -28.68 1.63
CA MET C 1 -3.09 -29.43 1.17
C MET C 1 -3.51 -30.30 -0.02
N LYS C 2 -2.64 -30.42 -1.02
CA LYS C 2 -2.96 -31.25 -2.21
C LYS C 2 -1.99 -32.42 -2.27
N ILE C 3 -2.51 -33.65 -2.31
CA ILE C 3 -1.70 -34.89 -2.12
C ILE C 3 -1.84 -35.77 -3.36
N LEU C 4 -0.72 -36.10 -4.01
CA LEU C 4 -0.67 -37.09 -5.11
C LEU C 4 -0.48 -38.47 -4.49
N VAL C 5 -1.35 -39.41 -4.84
CA VAL C 5 -1.23 -40.85 -4.47
C VAL C 5 -1.10 -41.65 -5.77
N THR C 6 0.07 -42.26 -5.99
CA THR C 6 0.31 -43.19 -7.11
C THR C 6 -0.13 -44.57 -6.67
N GLY C 7 -0.61 -45.38 -7.60
CA GLY C 7 -1.24 -46.68 -7.29
C GLY C 7 -2.55 -46.53 -6.56
N ALA C 8 -3.30 -45.47 -6.84
CA ALA C 8 -4.47 -45.02 -6.04
C ALA C 8 -5.67 -45.95 -6.18
N ALA C 9 -5.70 -46.81 -7.20
CA ALA C 9 -6.82 -47.73 -7.50
C ALA C 9 -6.50 -49.12 -6.93
N GLY C 10 -5.30 -49.29 -6.40
CA GLY C 10 -4.85 -50.57 -5.83
C GLY C 10 -5.44 -50.79 -4.45
N PHE C 11 -5.13 -51.95 -3.87
CA PHE C 11 -5.51 -52.39 -2.52
C PHE C 11 -5.27 -51.26 -1.49
N ILE C 12 -4.02 -50.88 -1.24
CA ILE C 12 -3.69 -49.96 -0.11
C ILE C 12 -3.97 -48.51 -0.55
N GLY C 13 -3.59 -48.13 -1.77
CA GLY C 13 -3.75 -46.78 -2.32
C GLY C 13 -5.20 -46.31 -2.28
N SER C 14 -6.16 -47.20 -2.60
CA SER C 14 -7.62 -46.86 -2.55
C SER C 14 -8.03 -46.51 -1.12
N HIS C 15 -7.65 -47.33 -0.14
CA HIS C 15 -7.96 -47.06 1.29
C HIS C 15 -7.28 -45.76 1.73
N LEU C 16 -6.06 -45.49 1.24
CA LEU C 16 -5.30 -44.31 1.67
C LEU C 16 -6.03 -43.05 1.18
N CYS C 17 -6.52 -43.03 -0.05
CA CYS C 17 -7.27 -41.87 -0.60
C CYS C 17 -8.53 -41.64 0.25
N GLN C 18 -9.24 -42.70 0.62
CA GLN C 18 -10.47 -42.56 1.44
C GLN C 18 -10.10 -42.00 2.83
N ALA C 19 -9.01 -42.45 3.46
CA ALA C 19 -8.64 -41.94 4.81
C ALA C 19 -8.28 -40.44 4.75
N LEU C 20 -7.51 -40.03 3.75
CA LEU C 20 -7.06 -38.62 3.64
C LEU C 20 -8.25 -37.70 3.39
N LEU C 21 -9.21 -38.13 2.59
CA LEU C 21 -10.38 -37.29 2.24
C LEU C 21 -11.32 -37.09 3.42
N LYS C 22 -11.16 -37.81 4.53
CA LYS C 22 -11.93 -37.61 5.78
C LYS C 22 -11.54 -36.27 6.40
N ASN C 23 -10.41 -35.69 5.98
CA ASN C 23 -9.94 -34.34 6.39
C ASN C 23 -10.34 -33.33 5.31
N SER C 24 -11.23 -32.38 5.63
CA SER C 24 -11.89 -31.48 4.65
C SER C 24 -10.85 -30.53 4.05
N ALA C 25 -9.72 -30.31 4.72
CA ALA C 25 -8.61 -29.47 4.22
C ALA C 25 -7.82 -30.17 3.10
N TYR C 26 -7.93 -31.50 2.97
CA TYR C 26 -7.09 -32.28 2.02
C TYR C 26 -7.83 -32.44 0.71
N HIS C 27 -7.06 -32.38 -0.37
CA HIS C 27 -7.47 -32.60 -1.79
C HIS C 27 -6.48 -33.63 -2.34
N VAL C 28 -6.95 -34.61 -3.12
CA VAL C 28 -6.16 -35.80 -3.52
C VAL C 28 -6.30 -35.99 -5.02
N VAL C 29 -5.15 -36.12 -5.68
CA VAL C 29 -5.01 -36.63 -7.07
C VAL C 29 -4.51 -38.07 -6.96
N GLY C 30 -5.23 -38.98 -7.60
CA GLY C 30 -4.89 -40.40 -7.74
C GLY C 30 -4.44 -40.68 -9.15
N ILE C 31 -3.32 -41.38 -9.30
CA ILE C 31 -2.88 -41.89 -10.64
C ILE C 31 -2.72 -43.41 -10.54
N ASP C 32 -3.29 -44.12 -11.54
CA ASP C 32 -3.26 -45.59 -11.62
C ASP C 32 -3.53 -46.04 -13.04
N HIS C 33 -2.75 -47.00 -13.51
CA HIS C 33 -2.73 -47.48 -14.91
C HIS C 33 -3.42 -48.85 -14.99
N PHE C 34 -3.95 -49.39 -13.87
CA PHE C 34 -4.76 -50.66 -13.87
C PHE C 34 -3.92 -51.82 -14.47
N ILE C 35 -2.75 -52.04 -13.89
CA ILE C 35 -1.83 -53.17 -14.25
C ILE C 35 -1.54 -53.99 -12.98
N GLY C 36 -0.69 -55.01 -13.09
CA GLY C 36 -0.29 -55.89 -11.99
C GLY C 36 -1.31 -57.02 -11.83
N PRO C 37 -1.24 -57.78 -10.71
CA PRO C 37 -2.01 -59.01 -10.57
C PRO C 37 -3.53 -58.85 -10.40
N THR C 38 -4.03 -57.73 -9.89
CA THR C 38 -5.48 -57.50 -9.72
C THR C 38 -6.09 -57.21 -11.10
N PRO C 39 -7.06 -58.01 -11.59
CA PRO C 39 -7.78 -57.68 -12.82
C PRO C 39 -8.47 -56.32 -12.71
N ALA C 40 -8.29 -55.51 -13.76
CA ALA C 40 -8.80 -54.13 -13.87
C ALA C 40 -10.29 -54.08 -13.52
N THR C 41 -11.05 -55.12 -13.84
CA THR C 41 -12.51 -55.16 -13.59
C THR C 41 -12.78 -55.22 -12.09
N LEU C 42 -11.89 -55.83 -11.31
CA LEU C 42 -12.03 -55.99 -9.83
C LEU C 42 -11.42 -54.79 -9.10
N LYS C 43 -10.90 -53.81 -9.83
CA LYS C 43 -10.19 -52.63 -9.28
C LYS C 43 -11.15 -51.45 -9.32
N THR C 44 -12.10 -51.43 -10.27
CA THR C 44 -12.98 -50.24 -10.47
C THR C 44 -13.77 -50.02 -9.19
N GLY C 45 -14.11 -51.10 -8.48
CA GLY C 45 -14.86 -51.02 -7.20
C GLY C 45 -14.09 -50.27 -6.15
N ASN C 46 -12.76 -50.36 -6.20
CA ASN C 46 -11.83 -49.76 -5.19
C ASN C 46 -12.01 -48.25 -5.15
N ILE C 47 -12.40 -47.61 -6.26
CA ILE C 47 -12.44 -46.13 -6.36
C ILE C 47 -13.86 -45.63 -6.67
N GLN C 48 -14.89 -46.47 -6.60
CA GLN C 48 -16.29 -46.08 -6.88
C GLN C 48 -16.64 -44.91 -5.95
N SER C 49 -16.37 -45.10 -4.66
CA SER C 49 -16.60 -44.09 -3.59
C SER C 49 -15.79 -42.83 -3.89
N LEU C 50 -14.50 -42.99 -4.12
CA LEU C 50 -13.57 -41.84 -4.29
C LEU C 50 -14.05 -41.00 -5.46
N GLU C 51 -14.44 -41.63 -6.58
CA GLU C 51 -14.86 -40.93 -7.82
C GLU C 51 -16.09 -40.05 -7.51
N LEU C 52 -16.96 -40.46 -6.58
CA LEU C 52 -18.16 -39.70 -6.14
C LEU C 52 -17.76 -38.47 -5.33
N ASN C 53 -16.52 -38.38 -4.83
CA ASN C 53 -16.01 -37.28 -3.99
C ASN C 53 -15.42 -36.17 -4.87
N SER C 54 -15.78 -34.91 -4.62
CA SER C 54 -15.40 -33.74 -5.45
C SER C 54 -13.95 -33.31 -5.17
N ARG C 55 -13.34 -33.76 -4.08
CA ARG C 55 -11.95 -33.36 -3.68
C ARG C 55 -10.94 -34.43 -4.14
N PHE C 56 -11.40 -35.44 -4.88
CA PHE C 56 -10.59 -36.52 -5.48
C PHE C 56 -10.59 -36.28 -6.99
N GLN C 57 -9.40 -36.21 -7.60
CA GLN C 57 -9.19 -36.23 -9.06
C GLN C 57 -8.47 -37.52 -9.42
N PHE C 58 -8.96 -38.25 -10.43
CA PHE C 58 -8.39 -39.53 -10.90
C PHE C 58 -7.75 -39.35 -12.28
N ILE C 59 -6.53 -39.84 -12.42
CA ILE C 59 -5.83 -39.98 -13.73
C ILE C 59 -5.58 -41.47 -13.98
N ARG C 60 -6.17 -41.99 -15.06
CA ARG C 60 -5.98 -43.38 -15.49
C ARG C 60 -4.88 -43.43 -16.56
N GLU C 61 -3.64 -43.30 -16.13
CA GLU C 61 -2.49 -43.26 -17.06
C GLU C 61 -1.27 -43.91 -16.40
N ASP C 62 -0.39 -44.47 -17.21
CA ASP C 62 0.97 -44.89 -16.82
C ASP C 62 1.76 -43.66 -16.36
N ILE C 63 2.36 -43.72 -15.17
CA ILE C 63 3.28 -42.67 -14.66
C ILE C 63 4.38 -42.40 -15.71
N LEU C 64 4.82 -43.41 -16.45
CA LEU C 64 5.90 -43.30 -17.45
C LEU C 64 5.42 -42.63 -18.76
N ASN C 65 4.11 -42.45 -18.97
CA ASN C 65 3.54 -41.91 -20.24
C ASN C 65 2.54 -40.80 -19.93
N THR C 66 2.82 -39.94 -18.95
CA THR C 66 1.91 -38.85 -18.46
C THR C 66 2.76 -37.59 -18.29
N ASP C 67 2.15 -36.41 -18.32
CA ASP C 67 2.82 -35.11 -18.09
C ASP C 67 3.02 -34.94 -16.58
N LEU C 68 4.20 -35.31 -16.07
CA LEU C 68 4.47 -35.31 -14.60
C LEU C 68 4.59 -33.89 -14.07
N SER C 69 5.10 -32.95 -14.86
CA SER C 69 5.23 -31.53 -14.44
C SER C 69 3.83 -30.90 -14.32
N LYS C 70 2.91 -31.21 -15.22
CA LYS C 70 1.48 -30.81 -15.06
C LYS C 70 0.88 -31.55 -13.85
N LEU C 71 1.07 -32.87 -13.74
CA LEU C 71 0.56 -33.69 -12.59
C LEU C 71 0.98 -33.08 -11.24
N LEU C 72 2.20 -32.54 -11.14
CA LEU C 72 2.81 -32.16 -9.84
C LEU C 72 2.77 -30.66 -9.57
N GLN C 73 2.26 -29.85 -10.49
CA GLN C 73 2.27 -28.36 -10.45
C GLN C 73 1.96 -27.87 -9.03
N ASP C 74 0.82 -28.27 -8.46
CA ASP C 74 0.36 -27.73 -7.15
C ASP C 74 0.32 -28.84 -6.09
N ILE C 75 1.26 -29.79 -6.12
CA ILE C 75 1.24 -30.94 -5.17
C ILE C 75 2.17 -30.64 -3.98
N ASP C 76 1.69 -30.85 -2.75
CA ASP C 76 2.45 -30.59 -1.51
C ASP C 76 3.05 -31.89 -1.00
N VAL C 77 2.37 -33.01 -1.23
CA VAL C 77 2.78 -34.33 -0.67
C VAL C 77 2.58 -35.39 -1.74
N VAL C 78 3.58 -36.25 -1.89
CA VAL C 78 3.48 -37.44 -2.78
C VAL C 78 3.48 -38.66 -1.88
N TYR C 79 2.49 -39.52 -2.03
CA TYR C 79 2.50 -40.92 -1.55
C TYR C 79 2.76 -41.78 -2.77
N HIS C 80 3.91 -42.46 -2.81
CA HIS C 80 4.28 -43.37 -3.92
C HIS C 80 4.04 -44.84 -3.55
N LEU C 81 2.91 -45.41 -4.01
CA LEU C 81 2.51 -46.83 -3.77
C LEU C 81 2.56 -47.62 -5.09
N ALA C 82 2.65 -46.95 -6.24
CA ALA C 82 2.55 -47.65 -7.53
C ALA C 82 3.76 -48.58 -7.63
N ALA C 83 3.50 -49.83 -7.98
CA ALA C 83 4.51 -50.90 -8.06
C ALA C 83 3.87 -52.13 -8.72
N ILE C 84 4.71 -53.07 -9.15
CA ILE C 84 4.32 -54.45 -9.52
C ILE C 84 4.86 -55.32 -8.41
N PRO C 85 3.97 -55.89 -7.59
CA PRO C 85 4.37 -56.69 -6.45
C PRO C 85 4.35 -58.20 -6.76
N GLY C 86 4.60 -59.04 -5.75
CA GLY C 86 4.64 -60.52 -5.87
C GLY C 86 5.44 -60.97 -7.08
N TRP C 91 11.43 -64.25 -13.97
CA TRP C 91 12.70 -64.90 -14.40
C TRP C 91 12.88 -64.69 -15.89
N GLY C 92 14.13 -64.51 -16.35
CA GLY C 92 14.46 -64.20 -17.74
C GLY C 92 13.67 -63.01 -18.28
N LYS C 93 12.54 -63.29 -18.95
CA LYS C 93 11.77 -62.31 -19.77
C LYS C 93 10.70 -61.64 -18.91
N ASP C 94 10.22 -62.31 -17.86
CA ASP C 94 9.27 -61.68 -16.90
C ASP C 94 9.99 -60.67 -15.99
N PHE C 95 11.25 -60.25 -16.22
CA PHE C 95 11.99 -59.36 -15.26
C PHE C 95 11.75 -57.89 -15.62
N GLN C 96 11.58 -57.54 -16.90
CA GLN C 96 11.46 -56.14 -17.40
C GLN C 96 10.31 -55.41 -16.70
N PRO C 97 9.11 -56.00 -16.51
CA PRO C 97 8.04 -55.33 -15.76
C PRO C 97 8.41 -54.85 -14.35
N TYR C 98 9.15 -55.65 -13.57
CA TYR C 98 9.61 -55.25 -12.21
C TYR C 98 10.50 -54.01 -12.32
N VAL C 99 11.46 -54.05 -13.25
CA VAL C 99 12.43 -52.95 -13.50
C VAL C 99 11.71 -51.67 -13.96
N THR C 100 10.87 -51.77 -14.98
CA THR C 100 10.05 -50.67 -15.53
C THR C 100 9.23 -50.06 -14.38
N ASN C 101 8.45 -50.84 -13.63
CA ASN C 101 7.40 -50.23 -12.77
C ASN C 101 7.93 -49.99 -11.34
N ASN C 102 8.99 -50.65 -10.91
CA ASN C 102 9.52 -50.52 -9.52
C ASN C 102 10.78 -49.66 -9.53
N ILE C 103 11.55 -49.60 -10.63
CA ILE C 103 12.81 -48.79 -10.70
C ILE C 103 12.57 -47.55 -11.58
N MET C 104 12.23 -47.71 -12.87
CA MET C 104 12.10 -46.57 -13.83
C MET C 104 10.99 -45.62 -13.38
N VAL C 105 9.85 -46.15 -12.91
CA VAL C 105 8.72 -45.30 -12.45
C VAL C 105 9.23 -44.42 -11.31
N THR C 106 9.91 -45.01 -10.32
CA THR C 106 10.37 -44.28 -9.12
C THR C 106 11.39 -43.23 -9.55
N GLN C 107 12.27 -43.56 -10.51
CA GLN C 107 13.34 -42.62 -10.93
C GLN C 107 12.72 -41.42 -11.63
N GLN C 108 11.79 -41.64 -12.55
CA GLN C 108 11.15 -40.56 -13.34
C GLN C 108 10.26 -39.71 -12.42
N LEU C 109 9.62 -40.30 -11.41
CA LEU C 109 8.76 -39.55 -10.46
C LEU C 109 9.63 -38.66 -9.56
N LEU C 110 10.73 -39.21 -9.06
CA LEU C 110 11.67 -38.41 -8.25
C LEU C 110 12.28 -37.30 -9.13
N GLU C 111 12.56 -37.57 -10.41
CA GLU C 111 13.18 -36.58 -11.31
C GLU C 111 12.24 -35.37 -11.43
N ALA C 112 10.96 -35.61 -11.72
CA ALA C 112 9.89 -34.59 -11.80
C ALA C 112 9.65 -33.90 -10.45
N CYS C 113 10.00 -34.48 -9.30
CA CYS C 113 9.79 -33.82 -7.96
C CYS C 113 11.02 -33.01 -7.54
N LYS C 114 12.14 -33.23 -8.22
CA LYS C 114 13.48 -32.69 -7.87
C LYS C 114 13.37 -31.16 -7.70
N HIS C 115 12.62 -30.50 -8.56
CA HIS C 115 12.57 -29.02 -8.61
C HIS C 115 11.24 -28.48 -8.05
N ILE C 116 10.44 -29.30 -7.38
CA ILE C 116 9.15 -28.87 -6.77
C ILE C 116 9.33 -28.80 -5.26
N LYS C 117 8.71 -27.85 -4.58
CA LYS C 117 8.84 -27.67 -3.11
C LYS C 117 7.83 -28.56 -2.36
N LEU C 118 8.04 -29.88 -2.37
CA LEU C 118 7.25 -30.87 -1.58
C LEU C 118 7.46 -30.65 -0.07
N ASP C 119 6.42 -30.79 0.75
CA ASP C 119 6.56 -30.99 2.22
C ASP C 119 7.17 -32.38 2.45
N LYS C 120 6.64 -33.40 1.74
CA LYS C 120 7.14 -34.79 1.87
C LYS C 120 6.95 -35.58 0.59
N PHE C 121 7.83 -36.54 0.40
CA PHE C 121 7.71 -37.64 -0.57
C PHE C 121 7.71 -38.91 0.27
N ILE C 122 6.55 -39.56 0.43
CA ILE C 122 6.46 -40.77 1.30
C ILE C 122 6.43 -42.00 0.40
N HIS C 123 7.56 -42.68 0.34
CA HIS C 123 7.81 -43.78 -0.61
C HIS C 123 7.42 -45.09 0.08
N ILE C 124 6.54 -45.89 -0.53
CA ILE C 124 6.08 -47.16 0.11
C ILE C 124 6.94 -48.28 -0.44
N SER C 125 7.64 -48.93 0.48
CA SER C 125 8.46 -50.14 0.21
C SER C 125 7.86 -51.36 0.90
N THR C 126 8.63 -52.41 0.97
CA THR C 126 8.14 -53.76 1.32
C THR C 126 9.15 -54.45 2.24
N SER C 127 8.66 -55.26 3.14
CA SER C 127 9.48 -56.20 3.97
C SER C 127 10.22 -57.20 3.09
N SER C 128 9.79 -57.41 1.82
CA SER C 128 10.51 -58.34 0.91
C SER C 128 11.92 -57.82 0.59
N VAL C 129 12.26 -56.55 0.85
CA VAL C 129 13.66 -56.04 0.63
C VAL C 129 14.63 -56.74 1.59
N TYR C 130 14.15 -57.22 2.74
CA TYR C 130 15.04 -57.81 3.78
C TYR C 130 15.49 -59.21 3.41
N GLY C 131 14.65 -59.96 2.72
CA GLY C 131 14.86 -61.41 2.53
C GLY C 131 14.65 -62.17 3.83
N GLU C 132 15.17 -63.39 3.88
CA GLU C 132 14.94 -64.36 4.98
C GLU C 132 15.58 -63.84 6.26
N LYS C 133 14.79 -63.44 7.24
CA LYS C 133 15.32 -63.06 8.57
C LYS C 133 14.60 -63.92 9.61
N SER C 134 15.33 -64.28 10.66
CA SER C 134 14.83 -65.05 11.83
C SER C 134 14.61 -64.07 13.00
N GLY C 135 13.43 -64.07 13.61
CA GLY C 135 13.14 -63.19 14.75
C GLY C 135 12.69 -61.80 14.35
N ALA C 136 12.96 -60.82 15.20
CA ALA C 136 12.59 -59.39 15.08
C ALA C 136 13.38 -58.78 13.93
N VAL C 137 12.72 -58.05 13.03
CA VAL C 137 13.33 -57.47 11.80
C VAL C 137 13.32 -55.95 11.94
N SER C 138 14.48 -55.36 12.17
CA SER C 138 14.64 -53.91 12.45
C SER C 138 15.23 -53.26 11.21
N GLU C 139 15.08 -51.93 11.10
CA GLU C 139 15.41 -51.12 9.90
C GLU C 139 16.94 -51.02 9.73
N ASP C 140 17.73 -51.41 10.74
CA ASP C 140 19.21 -51.43 10.62
C ASP C 140 19.69 -52.80 10.09
N LEU C 141 18.83 -53.81 9.90
CA LEU C 141 19.37 -55.10 9.36
C LEU C 141 19.76 -54.92 7.90
N LEU C 142 20.79 -55.63 7.48
CA LEU C 142 21.31 -55.68 6.10
C LEU C 142 20.25 -56.32 5.18
N PRO C 143 19.73 -55.61 4.15
CA PRO C 143 18.73 -56.23 3.28
C PRO C 143 19.40 -57.14 2.24
N ILE C 144 18.93 -58.38 2.14
CA ILE C 144 19.41 -59.41 1.18
C ILE C 144 18.19 -59.92 0.43
N PRO C 145 17.57 -59.13 -0.48
CA PRO C 145 16.31 -59.58 -1.10
C PRO C 145 16.56 -60.87 -1.88
N LEU C 146 15.57 -61.76 -1.95
CA LEU C 146 15.68 -63.08 -2.61
C LEU C 146 14.77 -63.19 -3.83
N SER C 147 13.94 -62.17 -4.11
CA SER C 147 12.98 -62.16 -5.24
C SER C 147 13.28 -60.96 -6.16
N PRO C 148 12.79 -60.99 -7.41
CA PRO C 148 12.94 -59.85 -8.30
C PRO C 148 12.15 -58.65 -7.75
N TYR C 149 11.01 -58.91 -7.09
CA TYR C 149 10.19 -57.90 -6.38
C TYR C 149 11.05 -57.19 -5.31
N GLY C 150 11.75 -57.96 -4.49
CA GLY C 150 12.58 -57.41 -3.41
C GLY C 150 13.73 -56.58 -3.95
N VAL C 151 14.40 -57.07 -5.00
CA VAL C 151 15.58 -56.39 -5.63
C VAL C 151 15.11 -55.06 -6.21
N THR C 152 14.04 -55.07 -7.01
CA THR C 152 13.58 -53.85 -7.70
C THR C 152 13.01 -52.86 -6.67
N LYS C 153 12.28 -53.30 -5.66
CA LYS C 153 11.73 -52.38 -4.64
C LYS C 153 12.89 -51.81 -3.82
N LEU C 154 13.93 -52.59 -3.56
CA LEU C 154 15.08 -52.08 -2.74
C LEU C 154 15.79 -50.96 -3.54
N SER C 155 15.94 -51.18 -4.84
CA SER C 155 16.53 -50.21 -5.80
C SER C 155 15.67 -48.92 -5.83
N GLY C 156 14.35 -49.02 -5.70
CA GLY C 156 13.44 -47.86 -5.57
C GLY C 156 13.73 -47.03 -4.33
N GLU C 157 13.89 -47.68 -3.19
CA GLU C 157 14.32 -47.01 -1.91
C GLU C 157 15.63 -46.27 -2.11
N HIS C 158 16.67 -46.92 -2.63
CA HIS C 158 18.00 -46.32 -2.87
C HIS C 158 17.89 -45.06 -3.74
N LEU C 159 17.06 -45.07 -4.79
CA LEU C 159 16.83 -43.85 -5.60
C LEU C 159 16.30 -42.72 -4.71
N CYS C 160 15.43 -43.00 -3.75
CA CYS C 160 14.94 -41.96 -2.83
C CYS C 160 16.14 -41.36 -2.07
N HIS C 161 17.07 -42.18 -1.61
CA HIS C 161 18.27 -41.69 -0.85
C HIS C 161 19.08 -40.83 -1.81
N VAL C 162 19.13 -41.20 -3.08
CA VAL C 162 19.94 -40.46 -4.09
C VAL C 162 19.36 -39.06 -4.20
N TYR C 163 18.05 -38.95 -4.40
CA TYR C 163 17.40 -37.65 -4.64
C TYR C 163 17.34 -36.84 -3.34
N HIS C 164 17.29 -37.50 -2.19
CA HIS C 164 17.31 -36.81 -0.87
C HIS C 164 18.69 -36.18 -0.65
N LYS C 165 19.76 -36.94 -0.90
CA LYS C 165 21.15 -36.47 -0.65
C LYS C 165 21.46 -35.32 -1.61
N ASN C 166 21.10 -35.46 -2.88
CA ASN C 166 21.61 -34.61 -3.99
C ASN C 166 20.63 -33.46 -4.29
N PHE C 167 19.32 -33.61 -4.07
CA PHE C 167 18.35 -32.59 -4.54
C PHE C 167 17.39 -32.21 -3.43
N HIS C 168 17.61 -32.75 -2.23
CA HIS C 168 16.91 -32.35 -0.99
C HIS C 168 15.43 -32.76 -1.05
N ILE C 169 15.04 -33.69 -1.92
CA ILE C 169 13.66 -34.27 -1.84
C ILE C 169 13.44 -34.82 -0.43
N PRO C 170 12.42 -34.32 0.29
CA PRO C 170 12.14 -34.72 1.67
C PRO C 170 11.44 -36.08 1.75
N ILE C 171 12.22 -37.15 1.59
CA ILE C 171 11.72 -38.56 1.53
C ILE C 171 11.49 -39.13 2.93
N VAL C 172 10.48 -39.99 2.99
CA VAL C 172 10.20 -40.95 4.08
C VAL C 172 9.91 -42.29 3.40
N ILE C 173 10.56 -43.35 3.86
CA ILE C 173 10.38 -44.71 3.34
C ILE C 173 9.65 -45.49 4.42
N LEU C 174 8.54 -46.11 4.03
CA LEU C 174 7.77 -47.03 4.91
C LEU C 174 7.96 -48.42 4.33
N ARG C 175 8.39 -49.37 5.17
CA ARG C 175 8.46 -50.81 4.78
C ARG C 175 7.24 -51.49 5.37
N TYR C 176 6.21 -51.77 4.55
CA TYR C 176 5.00 -52.51 4.96
C TYR C 176 5.41 -53.98 5.06
N PHE C 177 4.95 -54.67 6.08
CA PHE C 177 4.91 -56.15 6.17
C PHE C 177 3.53 -56.53 5.63
N THR C 178 3.20 -57.82 5.50
CA THR C 178 2.01 -58.31 4.77
C THR C 178 0.75 -57.58 5.28
N VAL C 179 0.04 -56.93 4.37
CA VAL C 179 -1.22 -56.18 4.65
C VAL C 179 -2.40 -57.01 4.13
N TYR C 180 -3.50 -57.04 4.87
CA TYR C 180 -4.68 -57.86 4.56
C TYR C 180 -5.92 -57.03 4.89
N GLY C 181 -7.07 -57.47 4.41
CA GLY C 181 -8.37 -56.81 4.64
C GLY C 181 -9.15 -56.73 3.34
N PRO C 182 -10.29 -56.03 3.32
CA PRO C 182 -11.05 -55.76 2.10
C PRO C 182 -10.15 -55.16 1.02
N ARG C 183 -10.39 -55.56 -0.22
CA ARG C 183 -9.63 -55.20 -1.45
C ARG C 183 -8.23 -55.81 -1.49
N GLN C 184 -7.87 -56.69 -0.54
CA GLN C 184 -6.57 -57.41 -0.59
C GLN C 184 -6.45 -58.04 -1.99
N ARG C 185 -5.27 -57.93 -2.63
CA ARG C 185 -5.08 -58.42 -4.02
C ARG C 185 -5.38 -59.93 -4.08
N PRO C 186 -5.90 -60.41 -5.21
CA PRO C 186 -6.20 -61.84 -5.42
C PRO C 186 -5.01 -62.82 -5.47
N ASP C 187 -3.77 -62.36 -5.66
CA ASP C 187 -2.55 -63.22 -5.60
C ASP C 187 -2.15 -63.46 -4.14
N MET C 188 -2.70 -62.73 -3.18
CA MET C 188 -2.16 -62.82 -1.79
C MET C 188 -2.87 -63.98 -1.09
N ALA C 189 -2.21 -64.57 -0.08
CA ALA C 189 -2.55 -65.84 0.59
C ALA C 189 -3.96 -65.80 1.19
N PHE C 190 -4.36 -64.74 1.91
CA PHE C 190 -5.67 -64.74 2.61
C PHE C 190 -6.79 -64.71 1.56
N HIS C 191 -6.61 -63.88 0.55
CA HIS C 191 -7.56 -63.78 -0.58
C HIS C 191 -7.74 -65.17 -1.19
N ARG C 192 -6.64 -65.89 -1.45
CA ARG C 192 -6.69 -67.23 -2.11
C ARG C 192 -7.36 -68.25 -1.18
N LEU C 193 -6.98 -68.31 0.10
CA LEU C 193 -7.57 -69.26 1.09
C LEU C 193 -9.07 -69.00 1.24
N ILE C 194 -9.49 -67.73 1.37
CA ILE C 194 -10.93 -67.35 1.54
C ILE C 194 -11.70 -67.83 0.29
N LYS C 195 -11.19 -67.51 -0.89
CA LYS C 195 -11.84 -67.85 -2.17
C LYS C 195 -12.00 -69.36 -2.27
N GLN C 196 -10.99 -70.13 -1.84
CA GLN C 196 -11.02 -71.61 -1.91
C GLN C 196 -12.09 -72.14 -0.94
N MET C 197 -12.16 -71.58 0.27
CA MET C 197 -13.14 -72.00 1.31
C MET C 197 -14.57 -71.73 0.82
N LEU C 198 -14.79 -70.56 0.20
CA LEU C 198 -16.06 -70.15 -0.44
C LEU C 198 -16.43 -71.15 -1.54
N GLU C 199 -15.47 -71.68 -2.28
CA GLU C 199 -15.76 -72.57 -3.45
C GLU C 199 -15.73 -74.04 -3.00
N ASP C 200 -15.56 -74.31 -1.70
CA ASP C 200 -15.44 -75.69 -1.15
C ASP C 200 -14.35 -76.45 -1.89
N LYS C 201 -13.25 -75.77 -2.22
CA LYS C 201 -12.03 -76.39 -2.74
C LYS C 201 -11.10 -76.58 -1.56
N PRO C 202 -10.11 -77.49 -1.69
CA PRO C 202 -9.06 -77.63 -0.68
C PRO C 202 -8.29 -76.30 -0.49
N LEU C 203 -7.85 -75.98 0.72
CA LEU C 203 -7.05 -74.77 1.00
C LEU C 203 -5.58 -75.10 0.75
N THR C 204 -4.99 -74.50 -0.29
CA THR C 204 -3.60 -74.80 -0.70
C THR C 204 -2.64 -73.99 0.18
N ILE C 205 -1.79 -74.70 0.91
CA ILE C 205 -0.67 -74.17 1.72
C ILE C 205 0.63 -74.48 0.95
N PHE C 206 1.57 -73.55 0.91
CA PHE C 206 2.95 -73.79 0.40
C PHE C 206 3.87 -73.98 1.61
N GLY C 207 4.34 -75.22 1.86
CA GLY C 207 5.13 -75.55 3.05
C GLY C 207 4.25 -76.25 4.06
N ASP C 208 4.65 -76.31 5.34
CA ASP C 208 3.83 -76.99 6.38
C ASP C 208 2.97 -75.96 7.14
N GLY C 209 3.01 -74.67 6.76
CA GLY C 209 2.14 -73.62 7.31
C GLY C 209 2.26 -73.44 8.82
N THR C 210 3.39 -73.79 9.43
CA THR C 210 3.64 -73.58 10.89
C THR C 210 4.51 -72.35 11.13
N GLN C 211 5.11 -71.77 10.08
CA GLN C 211 5.96 -70.55 10.21
C GLN C 211 5.03 -69.38 10.56
N THR C 212 5.34 -68.70 11.66
CA THR C 212 4.55 -67.55 12.15
C THR C 212 5.16 -66.25 11.59
N ARG C 213 4.29 -65.30 11.34
CA ARG C 213 4.60 -64.06 10.63
C ARG C 213 3.66 -62.97 11.14
N ASP C 214 4.07 -61.77 10.78
CA ASP C 214 3.48 -60.46 11.09
C ASP C 214 2.39 -60.20 10.03
N PHE C 215 1.15 -59.88 10.39
CA PHE C 215 0.11 -59.42 9.42
C PHE C 215 -0.52 -58.11 9.90
N THR C 216 -0.76 -57.18 8.98
CA THR C 216 -1.25 -55.82 9.31
C THR C 216 -2.60 -55.65 8.63
N TYR C 217 -3.62 -55.37 9.42
CA TYR C 217 -4.96 -54.97 8.91
C TYR C 217 -4.80 -53.61 8.22
N ILE C 218 -5.42 -53.51 7.04
CA ILE C 218 -5.34 -52.31 6.16
C ILE C 218 -5.58 -51.04 6.98
N ASP C 219 -6.58 -51.00 7.88
CA ASP C 219 -6.89 -49.78 8.68
C ASP C 219 -5.68 -49.39 9.55
N ASP C 220 -4.92 -50.36 10.08
CA ASP C 220 -3.72 -50.09 10.91
C ASP C 220 -2.60 -49.55 9.99
N CYS C 221 -2.40 -50.19 8.84
CA CYS C 221 -1.44 -49.77 7.82
C CYS C 221 -1.69 -48.30 7.45
N ILE C 222 -2.95 -47.96 7.24
CA ILE C 222 -3.37 -46.62 6.76
C ILE C 222 -3.13 -45.59 7.89
N ARG C 223 -3.44 -45.91 9.15
CA ARG C 223 -3.20 -44.98 10.29
C ARG C 223 -1.71 -44.64 10.37
N GLY C 224 -0.84 -45.62 10.23
CA GLY C 224 0.62 -45.39 10.25
C GLY C 224 1.09 -44.58 9.05
N THR C 225 0.50 -44.81 7.88
CA THR C 225 0.83 -44.13 6.61
C THR C 225 0.46 -42.65 6.70
N VAL C 226 -0.73 -42.38 7.23
CA VAL C 226 -1.25 -41.01 7.46
C VAL C 226 -0.38 -40.36 8.55
N ALA C 227 0.00 -41.10 9.59
CA ALA C 227 0.87 -40.53 10.66
C ALA C 227 2.21 -40.03 10.06
N ALA C 228 2.75 -40.72 9.02
CA ALA C 228 4.03 -40.34 8.37
C ALA C 228 3.91 -38.92 7.84
N LEU C 229 2.71 -38.53 7.45
CA LEU C 229 2.43 -37.17 6.95
C LEU C 229 2.23 -36.23 8.15
N GLU C 230 1.46 -36.65 9.17
CA GLU C 230 0.87 -35.70 10.14
C GLU C 230 1.70 -35.64 11.43
N THR C 231 2.70 -36.51 11.57
CA THR C 231 3.53 -36.57 12.79
C THR C 231 4.19 -35.21 13.02
N LYS C 232 4.43 -34.87 14.28
CA LYS C 232 5.11 -33.62 14.70
C LYS C 232 6.63 -33.85 14.66
N LYS C 233 7.12 -35.10 14.79
CA LYS C 233 8.58 -35.40 14.75
C LYS C 233 9.10 -35.23 13.32
N ASN C 234 10.40 -34.95 13.20
CA ASN C 234 11.12 -34.79 11.91
C ASN C 234 11.57 -36.18 11.46
N ILE C 235 10.94 -36.73 10.43
CA ILE C 235 11.24 -38.13 10.01
C ILE C 235 11.83 -38.13 8.61
N ILE C 236 12.23 -36.96 8.09
CA ILE C 236 12.82 -36.86 6.72
C ILE C 236 14.08 -37.74 6.72
N GLY C 237 14.24 -38.60 5.71
CA GLY C 237 15.40 -39.50 5.56
C GLY C 237 15.24 -40.83 6.27
N GLU C 238 14.17 -41.01 7.07
CA GLU C 238 13.99 -42.22 7.92
C GLU C 238 13.40 -43.38 7.09
N VAL C 239 13.84 -44.60 7.35
CA VAL C 239 13.18 -45.88 6.94
C VAL C 239 12.37 -46.37 8.13
N ILE C 240 11.09 -46.68 7.95
CA ILE C 240 10.19 -47.07 9.08
C ILE C 240 9.42 -48.34 8.70
N ASN C 241 9.57 -49.39 9.49
CA ASN C 241 8.76 -50.63 9.41
C ASN C 241 7.35 -50.34 9.88
N ILE C 242 6.37 -50.76 9.08
CA ILE C 242 4.94 -50.80 9.46
C ILE C 242 4.51 -52.27 9.46
N GLY C 243 4.22 -52.81 10.64
CA GLY C 243 3.86 -54.22 10.87
C GLY C 243 2.66 -54.31 11.78
N GLY C 244 2.18 -55.51 12.03
CA GLY C 244 0.81 -55.71 12.53
C GLY C 244 0.77 -56.01 14.00
N LYS C 245 -0.47 -56.14 14.53
CA LYS C 245 -0.79 -56.42 15.95
C LYS C 245 -0.35 -57.86 16.30
N GLU C 246 -0.97 -58.86 15.66
CA GLU C 246 -0.78 -60.29 15.99
C GLU C 246 0.07 -61.02 14.95
N GLN C 247 0.89 -61.92 15.48
CA GLN C 247 1.59 -63.02 14.78
C GLN C 247 0.61 -64.16 14.53
N ALA C 248 0.76 -64.86 13.42
CA ALA C 248 0.03 -66.10 13.14
C ALA C 248 0.77 -66.92 12.08
N SER C 249 0.59 -68.24 12.15
CA SER C 249 0.91 -69.22 11.08
C SER C 249 -0.26 -69.24 10.11
N ILE C 250 -0.07 -69.81 8.93
CA ILE C 250 -1.17 -70.05 7.95
C ILE C 250 -2.17 -71.05 8.58
N LEU C 251 -1.71 -72.03 9.37
CA LEU C 251 -2.61 -73.01 10.05
C LEU C 251 -3.49 -72.29 11.08
N ASP C 252 -2.93 -71.34 11.84
CA ASP C 252 -3.72 -70.46 12.73
C ASP C 252 -4.75 -69.68 11.90
N ILE C 253 -4.34 -69.17 10.73
CA ILE C 253 -5.26 -68.31 9.92
C ILE C 253 -6.42 -69.21 9.47
N ILE C 254 -6.11 -70.41 8.99
CA ILE C 254 -7.13 -71.34 8.41
C ILE C 254 -8.12 -71.69 9.52
N SER C 255 -7.64 -71.91 10.73
CA SER C 255 -8.48 -72.26 11.89
C SER C 255 -9.44 -71.10 12.19
N MET C 256 -9.00 -69.86 12.02
CA MET C 256 -9.90 -68.69 12.20
C MET C 256 -10.84 -68.60 11.00
N LEU C 257 -10.42 -68.97 9.80
CA LEU C 257 -11.35 -68.92 8.63
C LEU C 257 -12.50 -69.92 8.85
N GLU C 258 -12.21 -71.06 9.49
CA GLU C 258 -13.19 -72.17 9.71
C GLU C 258 -14.28 -71.70 10.69
N LYS C 259 -13.88 -70.96 11.73
CA LYS C 259 -14.80 -70.36 12.73
C LYS C 259 -15.70 -69.35 12.02
N ILE C 260 -15.15 -68.62 11.05
CA ILE C 260 -15.94 -67.64 10.26
C ILE C 260 -16.94 -68.40 9.36
N SER C 261 -16.48 -69.39 8.58
CA SER C 261 -17.31 -70.11 7.58
C SER C 261 -18.24 -71.15 8.26
N GLY C 262 -17.96 -71.50 9.51
CA GLY C 262 -18.56 -72.61 10.28
C GLY C 262 -18.33 -74.01 9.69
N LYS C 263 -17.35 -74.22 8.81
CA LYS C 263 -17.06 -75.57 8.23
C LYS C 263 -15.53 -75.81 8.24
N SER C 264 -15.16 -77.09 8.30
CA SER C 264 -13.75 -77.59 8.26
C SER C 264 -13.27 -77.51 6.82
N ALA C 265 -12.02 -77.11 6.62
CA ALA C 265 -11.42 -77.12 5.27
C ALA C 265 -10.62 -78.41 5.07
N THR C 266 -10.69 -78.97 3.89
CA THR C 266 -9.62 -79.84 3.35
C THR C 266 -8.36 -78.98 3.17
N LYS C 267 -7.23 -79.47 3.67
CA LYS C 267 -5.94 -78.73 3.60
C LYS C 267 -5.02 -79.49 2.65
N ASN C 268 -4.43 -78.74 1.72
CA ASN C 268 -3.67 -79.22 0.56
C ASN C 268 -2.26 -78.62 0.66
N PHE C 269 -1.30 -79.35 1.25
CA PHE C 269 0.08 -78.87 1.49
C PHE C 269 1.01 -79.30 0.34
N LEU C 270 1.65 -78.32 -0.30
CA LEU C 270 2.72 -78.53 -1.30
C LEU C 270 4.08 -78.43 -0.59
N LYS C 271 5.20 -78.80 -1.24
CA LYS C 271 6.50 -78.99 -0.55
C LYS C 271 6.99 -77.66 0.03
N LYS C 278 9.83 -69.57 9.61
CA LYS C 278 10.38 -70.02 10.93
C LYS C 278 9.61 -69.26 12.05
N GLN C 279 10.25 -68.37 12.79
CA GLN C 279 9.59 -67.25 13.52
C GLN C 279 10.17 -65.94 12.97
N THR C 280 9.36 -65.08 12.35
CA THR C 280 9.80 -63.74 11.84
C THR C 280 8.70 -62.70 12.12
N TRP C 281 9.09 -61.52 12.62
CA TRP C 281 8.13 -60.41 12.86
C TRP C 281 8.81 -59.06 12.67
N ALA C 282 8.03 -58.05 12.33
CA ALA C 282 8.46 -56.66 12.18
C ALA C 282 8.82 -56.09 13.56
N ASP C 283 9.99 -55.50 13.70
CA ASP C 283 10.25 -54.62 14.86
C ASP C 283 9.61 -53.27 14.52
N ILE C 284 8.58 -52.87 15.27
CA ILE C 284 7.84 -51.59 15.03
C ILE C 284 8.16 -50.58 16.13
N SER C 285 9.29 -50.74 16.84
CA SER C 285 9.82 -49.77 17.86
C SER C 285 9.89 -48.37 17.27
N LYS C 286 10.51 -48.25 16.09
CA LYS C 286 10.73 -46.94 15.42
C LYS C 286 9.38 -46.31 15.06
N ALA C 287 8.46 -47.08 14.46
CA ALA C 287 7.08 -46.59 14.16
C ALA C 287 6.40 -46.14 15.46
N SER C 288 6.55 -46.91 16.54
CA SER C 288 5.99 -46.56 17.87
C SER C 288 6.44 -45.15 18.30
N THR C 289 7.75 -44.94 18.30
CA THR C 289 8.39 -43.65 18.71
C THR C 289 8.04 -42.50 17.74
N LEU C 290 8.30 -42.64 16.44
CA LEU C 290 8.24 -41.49 15.51
C LEU C 290 6.80 -41.19 15.06
N LEU C 291 5.91 -42.19 15.00
CA LEU C 291 4.56 -42.05 14.38
C LEU C 291 3.45 -42.23 15.43
N GLN C 292 3.78 -42.60 16.66
CA GLN C 292 2.77 -43.01 17.67
C GLN C 292 1.98 -44.20 17.11
N TYR C 293 2.64 -45.07 16.34
CA TYR C 293 2.02 -46.24 15.66
C TYR C 293 1.81 -47.38 16.66
N SER C 294 0.57 -47.81 16.74
CA SER C 294 0.12 -48.97 17.55
C SER C 294 -1.04 -49.64 16.81
N PRO C 295 -0.88 -50.83 16.21
CA PRO C 295 -1.97 -51.45 15.45
C PRO C 295 -3.00 -52.07 16.41
N THR C 296 -4.29 -51.86 16.15
CA THR C 296 -5.38 -52.17 17.14
C THR C 296 -6.34 -53.25 16.65
N VAL C 297 -6.40 -53.58 15.36
CA VAL C 297 -7.40 -54.54 14.79
C VAL C 297 -6.88 -55.97 14.91
N SER C 298 -7.68 -56.83 15.53
CA SER C 298 -7.42 -58.27 15.73
C SER C 298 -7.56 -59.02 14.40
N LEU C 299 -6.86 -60.14 14.28
CA LEU C 299 -6.91 -60.99 13.09
C LEU C 299 -8.35 -61.43 12.85
N SER C 300 -9.10 -61.82 13.90
CA SER C 300 -10.47 -62.38 13.74
C SER C 300 -11.38 -61.31 13.12
N ASP C 301 -11.35 -60.09 13.63
CA ASP C 301 -12.13 -58.95 13.09
C ASP C 301 -11.70 -58.62 11.66
N GLY C 302 -10.39 -58.62 11.39
CA GLY C 302 -9.83 -58.31 10.07
C GLY C 302 -10.24 -59.35 9.06
N LEU C 303 -10.07 -60.63 9.41
CA LEU C 303 -10.43 -61.77 8.54
C LEU C 303 -11.92 -61.74 8.26
N GLU C 304 -12.74 -61.42 9.26
CA GLU C 304 -14.21 -61.31 9.02
C GLU C 304 -14.43 -60.27 7.91
N ALA C 305 -13.78 -59.10 8.03
CA ALA C 305 -13.95 -58.01 7.04
C ALA C 305 -13.50 -58.52 5.68
N GLU C 306 -12.34 -59.18 5.61
CA GLU C 306 -11.84 -59.66 4.30
C GLU C 306 -12.81 -60.70 3.72
N TYR C 307 -13.28 -61.63 4.55
CA TYR C 307 -14.15 -62.75 4.13
C TYR C 307 -15.40 -62.16 3.47
N ASP C 308 -16.06 -61.23 4.16
CA ASP C 308 -17.24 -60.52 3.62
C ASP C 308 -16.89 -59.91 2.26
N TYR C 309 -15.80 -59.15 2.18
CA TYR C 309 -15.35 -58.52 0.92
C TYR C 309 -15.22 -59.57 -0.20
N ILE C 310 -14.58 -60.70 0.08
CA ILE C 310 -14.29 -61.70 -1.00
C ILE C 310 -15.62 -62.29 -1.47
N LYS C 311 -16.51 -62.67 -0.56
CA LYS C 311 -17.83 -63.24 -0.91
C LYS C 311 -18.60 -62.25 -1.80
N GLN C 312 -18.76 -60.99 -1.39
CA GLN C 312 -19.48 -59.97 -2.20
C GLN C 312 -18.73 -59.78 -3.53
N LEU C 313 -17.39 -59.87 -3.57
CA LEU C 313 -16.61 -59.61 -4.82
C LEU C 313 -16.97 -60.61 -5.93
N TYR C 314 -17.03 -61.89 -5.61
CA TYR C 314 -17.41 -62.99 -6.53
C TYR C 314 -18.82 -63.46 -6.15
N LYS C 315 -19.82 -63.24 -6.99
CA LYS C 315 -21.21 -63.62 -6.63
C LYS C 315 -22.10 -63.66 -7.88
N MET D 1 -3.01 29.69 -3.47
CA MET D 1 -4.15 30.46 -2.91
C MET D 1 -4.55 31.54 -3.92
N LYS D 2 -5.84 31.78 -4.10
CA LYS D 2 -6.35 32.79 -5.05
C LYS D 2 -7.18 33.79 -4.24
N ILE D 3 -6.88 35.07 -4.43
CA ILE D 3 -7.32 36.18 -3.55
C ILE D 3 -7.98 37.22 -4.44
N LEU D 4 -9.24 37.58 -4.17
CA LEU D 4 -9.94 38.73 -4.81
C LEU D 4 -9.64 39.96 -3.96
N VAL D 5 -9.10 41.00 -4.57
CA VAL D 5 -8.99 42.34 -3.95
C VAL D 5 -9.92 43.30 -4.68
N THR D 6 -10.95 43.78 -4.00
CA THR D 6 -11.84 44.81 -4.55
C THR D 6 -11.19 46.16 -4.25
N GLY D 7 -11.34 47.09 -5.19
CA GLY D 7 -10.74 48.43 -5.07
C GLY D 7 -9.25 48.39 -5.30
N ALA D 8 -8.81 47.44 -6.13
CA ALA D 8 -7.40 47.09 -6.40
C ALA D 8 -6.61 48.22 -7.09
N ALA D 9 -7.26 49.22 -7.71
CA ALA D 9 -6.55 50.33 -8.38
C ALA D 9 -6.41 51.53 -7.43
N GLY D 10 -6.97 51.47 -6.23
CA GLY D 10 -6.94 52.62 -5.32
C GLY D 10 -5.67 52.64 -4.50
N PHE D 11 -5.60 53.59 -3.60
CA PHE D 11 -4.42 53.85 -2.75
C PHE D 11 -4.00 52.54 -2.06
N ILE D 12 -4.82 52.03 -1.17
CA ILE D 12 -4.41 50.88 -0.30
C ILE D 12 -4.47 49.58 -1.11
N GLY D 13 -5.49 49.43 -1.97
CA GLY D 13 -5.72 48.23 -2.78
C GLY D 13 -4.52 47.89 -3.65
N SER D 14 -3.93 48.90 -4.29
CA SER D 14 -2.81 48.73 -5.24
C SER D 14 -1.59 48.22 -4.47
N HIS D 15 -1.31 48.80 -3.32
CA HIS D 15 -0.22 48.35 -2.41
C HIS D 15 -0.50 46.92 -1.92
N LEU D 16 -1.75 46.60 -1.56
CA LEU D 16 -2.06 45.26 -0.99
C LEU D 16 -1.82 44.20 -2.07
N CYS D 17 -2.35 44.41 -3.26
CA CYS D 17 -2.15 43.44 -4.37
C CYS D 17 -0.64 43.20 -4.50
N GLN D 18 0.19 44.26 -4.47
CA GLN D 18 1.63 44.09 -4.75
C GLN D 18 2.29 43.27 -3.64
N ALA D 19 1.93 43.52 -2.38
CA ALA D 19 2.48 42.79 -1.22
C ALA D 19 2.03 41.32 -1.27
N LEU D 20 0.78 41.02 -1.58
CA LEU D 20 0.34 39.61 -1.71
C LEU D 20 1.18 38.88 -2.77
N LEU D 21 1.53 39.57 -3.86
CA LEU D 21 2.21 38.91 -5.00
C LEU D 21 3.70 38.66 -4.68
N LYS D 22 4.26 39.30 -3.65
CA LYS D 22 5.63 38.98 -3.18
C LYS D 22 5.65 37.50 -2.74
N ASN D 23 4.50 36.90 -2.39
CA ASN D 23 4.38 35.44 -2.14
C ASN D 23 4.07 34.74 -3.47
N SER D 24 4.99 33.87 -3.92
CA SER D 24 4.97 33.24 -5.26
C SER D 24 3.85 32.20 -5.34
N ALA D 25 3.30 31.75 -4.20
CA ALA D 25 2.14 30.84 -4.11
C ALA D 25 0.81 31.59 -4.34
N TYR D 26 0.78 32.93 -4.19
CA TYR D 26 -0.48 33.72 -4.24
C TYR D 26 -0.77 34.16 -5.67
N HIS D 27 -2.02 34.00 -6.09
CA HIS D 27 -2.57 34.55 -7.34
C HIS D 27 -3.63 35.61 -6.95
N VAL D 28 -3.63 36.77 -7.58
CA VAL D 28 -4.52 37.89 -7.20
C VAL D 28 -5.37 38.33 -8.39
N VAL D 29 -6.67 38.47 -8.14
CA VAL D 29 -7.67 39.13 -9.03
C VAL D 29 -8.05 40.45 -8.36
N GLY D 30 -7.81 41.56 -9.06
CA GLY D 30 -8.22 42.90 -8.63
C GLY D 30 -9.36 43.36 -9.49
N ILE D 31 -10.39 43.95 -8.87
CA ILE D 31 -11.50 44.59 -9.60
C ILE D 31 -11.59 46.06 -9.16
N ASP D 32 -11.76 46.99 -10.11
CA ASP D 32 -11.84 48.44 -9.81
C ASP D 32 -12.53 49.17 -10.96
N HIS D 33 -13.48 50.05 -10.64
CA HIS D 33 -14.35 50.75 -11.64
C HIS D 33 -13.85 52.19 -11.88
N PHE D 34 -12.79 52.62 -11.21
CA PHE D 34 -12.15 53.97 -11.36
C PHE D 34 -13.16 55.08 -11.06
N ILE D 35 -13.72 55.04 -9.86
CA ILE D 35 -14.67 56.07 -9.35
C ILE D 35 -14.15 56.53 -7.97
N GLY D 36 -14.96 57.31 -7.26
CA GLY D 36 -14.57 58.00 -6.01
C GLY D 36 -13.71 59.24 -6.28
N PRO D 37 -13.06 59.76 -5.23
CA PRO D 37 -12.46 61.10 -5.30
C PRO D 37 -11.12 61.18 -6.05
N THR D 38 -10.45 60.06 -6.27
CA THR D 38 -9.21 60.04 -7.07
C THR D 38 -9.58 60.01 -8.55
N PRO D 39 -9.18 61.03 -9.37
CA PRO D 39 -9.47 61.01 -10.80
C PRO D 39 -8.77 59.80 -11.45
N ALA D 40 -9.44 59.21 -12.41
CA ALA D 40 -9.07 57.96 -13.10
C ALA D 40 -7.67 58.10 -13.72
N THR D 41 -7.34 59.28 -14.26
CA THR D 41 -6.02 59.55 -14.88
C THR D 41 -4.89 59.30 -13.87
N LEU D 42 -4.92 59.98 -12.71
CA LEU D 42 -3.96 59.81 -11.57
C LEU D 42 -3.89 58.36 -11.06
N LYS D 43 -4.97 57.61 -11.19
CA LYS D 43 -5.15 56.25 -10.60
C LYS D 43 -4.47 55.17 -11.46
N THR D 44 -4.39 55.35 -12.77
CA THR D 44 -3.80 54.39 -13.75
C THR D 44 -2.39 53.97 -13.28
N GLY D 45 -1.63 54.93 -12.74
CA GLY D 45 -0.27 54.77 -12.21
C GLY D 45 -0.20 53.78 -11.05
N ASN D 46 -1.30 53.59 -10.31
CA ASN D 46 -1.29 52.79 -9.08
C ASN D 46 -1.07 51.32 -9.46
N ILE D 47 -1.47 50.94 -10.68
CA ILE D 47 -1.40 49.51 -11.12
C ILE D 47 -0.36 49.33 -12.24
N GLN D 48 0.50 50.32 -12.50
CA GLN D 48 1.54 50.20 -13.57
C GLN D 48 2.30 48.89 -13.36
N SER D 49 2.91 48.70 -12.20
CA SER D 49 3.73 47.50 -11.89
C SER D 49 2.85 46.23 -11.78
N LEU D 50 1.62 46.34 -11.22
CA LEU D 50 0.70 45.19 -11.02
C LEU D 50 0.42 44.50 -12.35
N GLU D 51 0.19 45.28 -13.41
CA GLU D 51 -0.19 44.76 -14.74
C GLU D 51 1.02 44.10 -15.40
N LEU D 52 2.19 44.11 -14.76
CA LEU D 52 3.38 43.42 -15.32
C LEU D 52 3.44 41.99 -14.76
N ASN D 53 2.68 41.72 -13.68
CA ASN D 53 2.76 40.47 -12.89
C ASN D 53 1.77 39.45 -13.47
N SER D 54 2.31 38.38 -14.05
CA SER D 54 1.56 37.28 -14.72
C SER D 54 0.55 36.68 -13.74
N ARG D 55 0.78 36.76 -12.42
CA ARG D 55 -0.14 36.18 -11.40
C ARG D 55 -1.19 37.21 -10.96
N PHE D 56 -1.26 38.36 -11.61
CA PHE D 56 -2.31 39.38 -11.35
C PHE D 56 -3.28 39.44 -12.53
N GLN D 57 -4.57 39.33 -12.27
CA GLN D 57 -5.61 39.60 -13.28
C GLN D 57 -6.42 40.81 -12.81
N PHE D 58 -6.59 41.79 -13.70
CA PHE D 58 -7.32 43.05 -13.43
C PHE D 58 -8.64 43.04 -14.21
N ILE D 59 -9.75 43.30 -13.51
CA ILE D 59 -11.10 43.52 -14.11
C ILE D 59 -11.49 44.97 -13.87
N ARG D 60 -11.67 45.70 -14.96
CA ARG D 60 -12.11 47.12 -14.96
C ARG D 60 -13.63 47.10 -15.12
N GLU D 61 -14.34 46.81 -14.03
CA GLU D 61 -15.83 46.82 -14.03
C GLU D 61 -16.34 47.19 -12.63
N ASP D 62 -17.58 47.66 -12.61
CA ASP D 62 -18.37 47.93 -11.39
C ASP D 62 -18.71 46.59 -10.77
N ILE D 63 -18.45 46.42 -9.48
CA ILE D 63 -18.81 45.20 -8.73
C ILE D 63 -20.30 44.93 -8.91
N LEU D 64 -21.14 45.96 -8.98
CA LEU D 64 -22.61 45.80 -9.18
C LEU D 64 -22.98 45.31 -10.59
N ASN D 65 -22.10 45.43 -11.59
CA ASN D 65 -22.46 45.02 -12.99
C ASN D 65 -21.90 43.62 -13.26
N THR D 66 -20.84 43.25 -12.56
CA THR D 66 -20.01 42.06 -12.86
C THR D 66 -20.74 40.76 -12.47
N ASP D 67 -20.37 39.70 -13.17
CA ASP D 67 -20.89 38.35 -12.90
C ASP D 67 -20.13 37.84 -11.68
N LEU D 68 -20.72 37.94 -10.49
CA LEU D 68 -20.02 37.66 -9.21
C LEU D 68 -19.73 36.16 -9.04
N SER D 69 -20.68 35.32 -9.46
CA SER D 69 -20.56 33.83 -9.46
C SER D 69 -19.31 33.46 -10.28
N LYS D 70 -19.12 34.07 -11.45
CA LYS D 70 -17.91 33.95 -12.29
C LYS D 70 -16.66 34.51 -11.59
N LEU D 71 -16.71 35.76 -11.13
CA LEU D 71 -15.58 36.44 -10.42
C LEU D 71 -15.09 35.58 -9.23
N LEU D 72 -15.98 34.84 -8.54
CA LEU D 72 -15.67 34.24 -7.22
C LEU D 72 -15.39 32.73 -7.31
N GLN D 73 -15.66 32.11 -8.47
CA GLN D 73 -15.66 30.64 -8.64
C GLN D 73 -14.45 29.98 -7.94
N ASP D 74 -13.23 30.49 -8.16
CA ASP D 74 -12.00 29.79 -7.67
C ASP D 74 -11.29 30.65 -6.61
N ILE D 75 -12.04 31.42 -5.83
CA ILE D 75 -11.45 32.41 -4.89
C ILE D 75 -11.45 31.76 -3.51
N ASP D 76 -10.31 31.83 -2.84
CA ASP D 76 -10.11 31.33 -1.47
C ASP D 76 -10.36 32.45 -0.46
N VAL D 77 -9.91 33.67 -0.78
CA VAL D 77 -9.99 34.82 0.15
C VAL D 77 -10.50 36.04 -0.60
N VAL D 78 -11.34 36.84 0.05
CA VAL D 78 -11.74 38.19 -0.40
C VAL D 78 -11.19 39.23 0.58
N TYR D 79 -10.46 40.20 0.02
CA TYR D 79 -10.19 41.51 0.64
C TYR D 79 -11.10 42.53 -0.02
N HIS D 80 -12.04 43.09 0.74
CA HIS D 80 -13.05 44.03 0.22
C HIS D 80 -12.68 45.46 0.63
N LEU D 81 -11.92 46.15 -0.22
CA LEU D 81 -11.51 47.57 0.03
C LEU D 81 -12.31 48.55 -0.84
N ALA D 82 -13.06 48.09 -1.84
CA ALA D 82 -13.83 48.99 -2.74
C ALA D 82 -14.83 49.77 -1.90
N ALA D 83 -14.84 51.09 -2.05
CA ALA D 83 -15.70 52.01 -1.29
C ALA D 83 -15.67 53.39 -1.94
N ILE D 84 -16.62 54.26 -1.58
CA ILE D 84 -16.44 55.74 -1.75
C ILE D 84 -16.06 56.32 -0.39
N PRO D 85 -14.79 56.69 -0.19
CA PRO D 85 -14.37 57.31 1.07
C PRO D 85 -14.35 58.84 1.01
N GLY D 86 -14.18 59.52 2.14
CA GLY D 86 -14.01 60.99 2.17
C GLY D 86 -15.37 61.67 2.12
N VAL D 87 -15.46 62.99 1.88
CA VAL D 87 -16.78 63.70 1.98
C VAL D 87 -17.03 64.47 0.67
N TRP D 91 -22.50 66.55 -0.93
CA TRP D 91 -23.27 65.48 -0.25
C TRP D 91 -24.48 66.16 0.37
N GLY D 92 -25.59 65.48 0.40
CA GLY D 92 -26.86 66.13 0.75
C GLY D 92 -27.83 65.85 -0.36
N LYS D 93 -27.40 66.18 -1.59
CA LYS D 93 -28.12 65.94 -2.85
C LYS D 93 -27.36 64.90 -3.70
N ASP D 94 -26.27 64.33 -3.17
CA ASP D 94 -25.48 63.28 -3.85
C ASP D 94 -25.02 62.26 -2.80
N PHE D 95 -25.99 61.71 -2.09
CA PHE D 95 -25.77 60.71 -1.01
C PHE D 95 -25.75 59.32 -1.64
N GLN D 96 -26.38 59.16 -2.79
CA GLN D 96 -26.61 57.84 -3.44
C GLN D 96 -25.30 57.07 -3.61
N PRO D 97 -24.21 57.69 -4.10
CA PRO D 97 -22.94 56.99 -4.33
C PRO D 97 -22.37 56.36 -3.05
N TYR D 98 -22.49 57.02 -1.90
CA TYR D 98 -22.15 56.41 -0.60
C TYR D 98 -23.00 55.15 -0.38
N VAL D 99 -24.32 55.24 -0.61
CA VAL D 99 -25.23 54.10 -0.38
C VAL D 99 -24.91 52.98 -1.38
N THR D 100 -24.85 53.31 -2.67
CA THR D 100 -24.59 52.32 -3.74
C THR D 100 -23.28 51.57 -3.43
N ASN D 101 -22.20 52.28 -3.17
CA ASN D 101 -20.85 51.69 -3.24
C ASN D 101 -20.41 51.17 -1.87
N ASN D 102 -20.95 51.68 -0.77
CA ASN D 102 -20.54 51.23 0.60
C ASN D 102 -21.56 50.23 1.17
N ILE D 103 -22.85 50.31 0.81
CA ILE D 103 -23.88 49.35 1.33
C ILE D 103 -24.21 48.29 0.29
N MET D 104 -24.71 48.66 -0.89
CA MET D 104 -25.28 47.71 -1.90
C MET D 104 -24.16 46.83 -2.46
N VAL D 105 -23.00 47.40 -2.76
CA VAL D 105 -21.78 46.63 -3.17
C VAL D 105 -21.48 45.56 -2.12
N THR D 106 -21.40 45.92 -0.83
CA THR D 106 -21.04 44.96 0.25
C THR D 106 -22.14 43.88 0.36
N GLN D 107 -23.39 44.30 0.35
CA GLN D 107 -24.52 43.37 0.40
C GLN D 107 -24.42 42.38 -0.74
N GLN D 108 -24.22 42.84 -1.98
CA GLN D 108 -24.21 41.97 -3.18
C GLN D 108 -23.01 41.01 -3.12
N LEU D 109 -21.83 41.49 -2.73
CA LEU D 109 -20.62 40.63 -2.55
C LEU D 109 -20.93 39.54 -1.53
N LEU D 110 -21.44 39.90 -0.36
CA LEU D 110 -21.74 38.92 0.72
C LEU D 110 -22.74 37.88 0.19
N GLU D 111 -23.78 38.31 -0.52
CA GLU D 111 -24.81 37.42 -1.12
C GLU D 111 -24.14 36.37 -1.98
N ALA D 112 -23.20 36.78 -2.84
CA ALA D 112 -22.53 35.90 -3.82
C ALA D 112 -21.56 34.95 -3.10
N CYS D 113 -21.01 35.38 -1.96
CA CYS D 113 -20.06 34.57 -1.15
C CYS D 113 -20.79 33.46 -0.35
N LYS D 114 -22.11 33.47 -0.19
CA LYS D 114 -22.85 32.32 0.42
C LYS D 114 -22.62 31.00 -0.34
N HIS D 115 -22.42 31.09 -1.66
CA HIS D 115 -22.40 29.94 -2.59
C HIS D 115 -20.97 29.41 -2.78
N ILE D 116 -20.02 29.76 -1.90
CA ILE D 116 -18.55 29.74 -2.16
C ILE D 116 -17.84 29.19 -0.92
N LYS D 117 -16.73 28.46 -1.08
CA LYS D 117 -15.89 27.98 0.04
C LYS D 117 -14.79 29.01 0.28
N LEU D 118 -15.06 30.01 1.13
CA LEU D 118 -14.06 31.05 1.48
C LEU D 118 -13.36 30.58 2.75
N ASP D 119 -12.04 30.78 2.84
CA ASP D 119 -11.26 30.77 4.09
C ASP D 119 -11.56 32.05 4.87
N LYS D 120 -11.52 33.22 4.23
CA LYS D 120 -11.78 34.53 4.90
C LYS D 120 -12.43 35.53 3.93
N PHE D 121 -13.35 36.32 4.45
CA PHE D 121 -13.84 37.56 3.82
C PHE D 121 -13.34 38.69 4.73
N ILE D 122 -12.25 39.33 4.30
CA ILE D 122 -11.58 40.39 5.11
C ILE D 122 -12.13 41.74 4.65
N HIS D 123 -13.00 42.29 5.46
CA HIS D 123 -13.79 43.50 5.17
C HIS D 123 -13.03 44.70 5.71
N ILE D 124 -12.63 45.62 4.85
CA ILE D 124 -11.87 46.84 5.27
C ILE D 124 -12.91 47.94 5.54
N SER D 125 -12.93 48.40 6.77
CA SER D 125 -13.78 49.50 7.26
C SER D 125 -12.89 50.68 7.67
N THR D 126 -13.43 51.61 8.46
CA THR D 126 -12.83 52.95 8.62
C THR D 126 -13.08 53.46 10.04
N SER D 127 -12.13 54.21 10.62
CA SER D 127 -12.33 54.88 11.94
C SER D 127 -13.47 55.89 11.87
N SER D 128 -13.92 56.26 10.66
CA SER D 128 -15.03 57.22 10.49
C SER D 128 -16.31 56.63 11.09
N VAL D 129 -16.42 55.31 11.26
CA VAL D 129 -17.64 54.71 11.89
C VAL D 129 -17.77 55.19 13.34
N TYR D 130 -16.67 55.53 14.00
CA TYR D 130 -16.73 55.84 15.45
C TYR D 130 -17.37 57.20 15.65
N GLY D 131 -17.14 58.14 14.73
CA GLY D 131 -17.53 59.55 14.89
C GLY D 131 -16.56 60.28 15.82
N GLU D 132 -17.03 61.24 16.61
CA GLU D 132 -16.15 62.14 17.40
C GLU D 132 -15.79 61.42 18.69
N LYS D 133 -14.53 61.02 18.85
CA LYS D 133 -14.06 60.42 20.11
C LYS D 133 -12.82 61.18 20.56
N SER D 134 -12.86 61.71 21.77
CA SER D 134 -11.69 62.27 22.50
C SER D 134 -10.89 61.10 23.06
N GLY D 135 -9.57 61.09 22.86
CA GLY D 135 -8.69 60.07 23.46
C GLY D 135 -8.74 58.74 22.71
N ALA D 136 -8.57 57.64 23.45
CA ALA D 136 -8.37 56.29 22.90
C ALA D 136 -9.66 55.78 22.27
N VAL D 137 -9.53 55.16 21.11
CA VAL D 137 -10.67 54.60 20.34
C VAL D 137 -10.44 53.11 20.25
N SER D 138 -11.17 52.32 21.02
CA SER D 138 -11.05 50.84 21.00
C SER D 138 -12.29 50.25 20.31
N GLU D 139 -12.21 48.96 19.95
CA GLU D 139 -13.25 48.24 19.18
C GLU D 139 -14.56 48.09 19.99
N ASP D 140 -14.54 48.26 21.32
CA ASP D 140 -15.78 48.06 22.15
C ASP D 140 -16.53 49.38 22.34
N LEU D 141 -16.04 50.47 21.75
CA LEU D 141 -16.69 51.80 21.84
C LEU D 141 -17.92 51.85 20.94
N LEU D 142 -18.97 52.47 21.45
CA LEU D 142 -20.26 52.71 20.78
C LEU D 142 -20.05 53.67 19.61
N PRO D 143 -20.17 53.17 18.36
CA PRO D 143 -19.94 54.02 17.18
C PRO D 143 -21.14 54.96 16.96
N ILE D 144 -20.89 56.24 16.73
CA ILE D 144 -21.90 57.29 16.43
C ILE D 144 -21.35 58.11 15.26
N PRO D 145 -21.34 57.53 14.05
CA PRO D 145 -20.70 58.17 12.90
C PRO D 145 -21.32 59.54 12.62
N LEU D 146 -20.51 60.50 12.16
CA LEU D 146 -20.97 61.91 11.95
C LEU D 146 -20.78 62.33 10.50
N SER D 147 -20.47 61.41 9.61
CA SER D 147 -20.31 61.69 8.16
C SER D 147 -21.08 60.62 7.39
N PRO D 148 -21.51 60.94 6.16
CA PRO D 148 -22.12 59.94 5.27
C PRO D 148 -21.20 58.74 5.01
N TYR D 149 -19.90 59.01 4.88
CA TYR D 149 -18.84 57.99 4.76
C TYR D 149 -18.96 57.01 5.94
N GLY D 150 -18.86 57.53 7.18
CA GLY D 150 -18.96 56.71 8.38
C GLY D 150 -20.31 55.96 8.46
N VAL D 151 -21.43 56.63 8.19
CA VAL D 151 -22.77 55.97 8.33
C VAL D 151 -22.77 54.76 7.38
N THR D 152 -22.35 54.97 6.13
CA THR D 152 -22.54 53.97 5.04
C THR D 152 -21.52 52.86 5.24
N LYS D 153 -20.31 53.18 5.72
CA LYS D 153 -19.31 52.12 6.02
C LYS D 153 -19.81 51.28 7.21
N LEU D 154 -20.42 51.88 8.22
CA LEU D 154 -20.82 51.12 9.43
C LEU D 154 -21.97 50.15 9.08
N SER D 155 -22.91 50.58 8.26
CA SER D 155 -23.95 49.71 7.64
C SER D 155 -23.30 48.47 6.95
N GLY D 156 -22.20 48.64 6.23
CA GLY D 156 -21.48 47.52 5.57
C GLY D 156 -20.92 46.55 6.59
N GLU D 157 -20.33 47.07 7.67
CA GLU D 157 -19.87 46.23 8.81
C GLU D 157 -21.04 45.40 9.35
N HIS D 158 -22.17 46.05 9.62
CA HIS D 158 -23.36 45.37 10.18
C HIS D 158 -23.83 44.31 9.20
N LEU D 159 -23.76 44.56 7.88
CA LEU D 159 -24.14 43.50 6.89
C LEU D 159 -23.17 42.33 7.04
N CYS D 160 -21.87 42.61 7.21
CA CYS D 160 -20.86 41.53 7.42
C CYS D 160 -21.31 40.62 8.58
N HIS D 161 -21.87 41.17 9.65
CA HIS D 161 -22.22 40.39 10.88
C HIS D 161 -23.49 39.58 10.58
N VAL D 162 -24.47 40.21 9.91
CA VAL D 162 -25.71 39.53 9.44
C VAL D 162 -25.27 38.29 8.65
N TYR D 163 -24.37 38.43 7.67
CA TYR D 163 -24.01 37.28 6.80
C TYR D 163 -23.12 36.27 7.53
N HIS D 164 -22.28 36.71 8.47
CA HIS D 164 -21.51 35.78 9.31
C HIS D 164 -22.47 34.92 10.13
N LYS D 165 -23.38 35.56 10.85
CA LYS D 165 -24.31 34.84 11.77
C LYS D 165 -25.20 33.90 10.93
N ASN D 166 -25.84 34.42 9.89
CA ASN D 166 -26.94 33.72 9.16
C ASN D 166 -26.38 32.71 8.16
N PHE D 167 -25.25 32.98 7.48
CA PHE D 167 -24.76 32.10 6.38
C PHE D 167 -23.31 31.65 6.59
N HIS D 168 -22.74 31.87 7.77
CA HIS D 168 -21.36 31.41 8.11
C HIS D 168 -20.30 32.01 7.19
N ILE D 169 -20.53 33.18 6.58
CA ILE D 169 -19.42 33.83 5.81
C ILE D 169 -18.33 34.15 6.82
N PRO D 170 -17.07 33.69 6.59
CA PRO D 170 -16.01 33.88 7.58
C PRO D 170 -15.42 35.30 7.52
N ILE D 171 -16.11 36.26 8.11
CA ILE D 171 -15.82 37.71 7.99
C ILE D 171 -14.78 38.06 9.03
N VAL D 172 -13.88 38.96 8.66
CA VAL D 172 -12.98 39.69 9.58
C VAL D 172 -13.15 41.16 9.25
N ILE D 173 -13.31 42.04 10.24
CA ILE D 173 -13.42 43.50 9.95
C ILE D 173 -12.14 44.20 10.41
N LEU D 174 -11.46 44.90 9.51
CA LEU D 174 -10.36 45.85 9.89
C LEU D 174 -10.84 47.29 9.77
N ARG D 175 -10.77 48.03 10.88
CA ARG D 175 -11.01 49.49 10.91
C ARG D 175 -9.65 50.18 10.77
N TYR D 176 -9.36 50.64 9.56
CA TYR D 176 -8.18 51.49 9.27
C TYR D 176 -8.43 52.88 9.86
N PHE D 177 -7.39 53.42 10.48
CA PHE D 177 -7.30 54.85 10.83
C PHE D 177 -6.55 55.49 9.67
N THR D 178 -6.28 56.79 9.73
CA THR D 178 -5.74 57.56 8.59
C THR D 178 -4.47 56.89 8.05
N VAL D 179 -4.48 56.54 6.76
CA VAL D 179 -3.30 55.94 6.08
C VAL D 179 -2.64 56.97 5.16
N TYR D 180 -1.30 56.97 5.09
CA TYR D 180 -0.51 57.92 4.27
C TYR D 180 0.70 57.20 3.68
N GLY D 181 1.40 57.88 2.78
CA GLY D 181 2.52 57.30 2.01
C GLY D 181 2.28 57.48 0.52
N PRO D 182 3.20 56.94 -0.32
CA PRO D 182 3.06 56.95 -1.78
C PRO D 182 1.66 56.46 -2.20
N ARG D 183 1.08 57.12 -3.19
CA ARG D 183 -0.26 56.87 -3.78
C ARG D 183 -1.39 57.35 -2.85
N GLN D 184 -1.09 58.06 -1.77
CA GLN D 184 -2.20 58.58 -0.93
C GLN D 184 -3.17 59.37 -1.81
N ARG D 185 -4.49 59.22 -1.62
CA ARG D 185 -5.51 59.87 -2.49
C ARG D 185 -5.32 61.39 -2.44
N PRO D 186 -5.66 62.12 -3.53
CA PRO D 186 -5.46 63.57 -3.59
C PRO D 186 -6.40 64.41 -2.71
N ASP D 187 -7.49 63.84 -2.19
CA ASP D 187 -8.41 64.56 -1.27
C ASP D 187 -7.83 64.56 0.16
N MET D 188 -6.74 63.84 0.45
CA MET D 188 -6.34 63.60 1.86
C MET D 188 -5.31 64.67 2.28
N ALA D 189 -5.27 64.98 3.58
CA ALA D 189 -4.50 66.11 4.16
C ALA D 189 -3.04 66.10 3.67
N PHE D 190 -2.30 65.00 3.83
CA PHE D 190 -0.83 64.94 3.57
C PHE D 190 -0.57 65.19 2.09
N HIS D 191 -1.38 64.60 1.22
CA HIS D 191 -1.32 64.81 -0.25
C HIS D 191 -1.53 66.30 -0.56
N ARG D 192 -2.55 66.93 -0.01
CA ARG D 192 -2.90 68.35 -0.33
C ARG D 192 -1.79 69.28 0.19
N LEU D 193 -1.28 69.05 1.40
CA LEU D 193 -0.27 69.92 2.02
C LEU D 193 1.02 69.82 1.20
N ILE D 194 1.41 68.61 0.81
CA ILE D 194 2.69 68.39 0.08
C ILE D 194 2.54 69.09 -1.27
N LYS D 195 1.43 68.88 -1.96
CA LYS D 195 1.18 69.52 -3.28
C LYS D 195 1.34 71.03 -3.09
N GLN D 196 0.76 71.60 -2.02
CA GLN D 196 0.79 73.06 -1.73
C GLN D 196 2.25 73.47 -1.44
N MET D 197 3.03 72.69 -0.69
CA MET D 197 4.45 73.02 -0.36
C MET D 197 5.30 72.96 -1.63
N LEU D 198 5.02 72.03 -2.55
CA LEU D 198 5.75 71.88 -3.84
C LEU D 198 5.41 73.04 -4.80
N GLU D 199 4.17 73.52 -4.79
CA GLU D 199 3.73 74.61 -5.70
C GLU D 199 3.95 75.98 -5.06
N ASP D 200 4.73 76.06 -3.98
CA ASP D 200 5.02 77.30 -3.22
C ASP D 200 3.72 78.04 -2.89
N LYS D 201 2.62 77.31 -2.68
CA LYS D 201 1.31 77.89 -2.29
C LYS D 201 1.16 77.81 -0.76
N PRO D 202 0.25 78.62 -0.18
CA PRO D 202 -0.02 78.53 1.25
C PRO D 202 -0.71 77.21 1.65
N LEU D 203 -0.18 76.58 2.69
CA LEU D 203 -0.69 75.33 3.29
C LEU D 203 -1.97 75.64 4.06
N THR D 204 -3.10 75.11 3.59
CA THR D 204 -4.43 75.27 4.23
C THR D 204 -4.49 74.37 5.47
N ILE D 205 -4.95 74.93 6.59
CA ILE D 205 -4.99 74.29 7.94
C ILE D 205 -6.34 74.63 8.58
N PHE D 206 -7.17 73.63 8.90
CA PHE D 206 -8.47 73.86 9.61
C PHE D 206 -8.20 73.89 11.12
N GLY D 207 -8.61 74.96 11.81
CA GLY D 207 -8.30 75.18 13.23
C GLY D 207 -6.91 75.75 13.40
N ASP D 208 -6.26 75.57 14.55
CA ASP D 208 -4.87 76.09 14.74
C ASP D 208 -3.84 75.02 14.34
N GLY D 209 -4.28 73.83 13.94
CA GLY D 209 -3.42 72.72 13.52
C GLY D 209 -2.65 72.10 14.68
N THR D 210 -3.16 72.20 15.92
CA THR D 210 -2.61 71.45 17.09
C THR D 210 -3.35 70.12 17.23
N GLN D 211 -4.55 70.01 16.64
CA GLN D 211 -5.35 68.76 16.48
C GLN D 211 -4.37 67.62 16.26
N THR D 212 -4.36 66.62 17.14
CA THR D 212 -3.42 65.48 17.13
C THR D 212 -4.15 64.16 16.88
N ARG D 213 -3.52 63.27 16.12
CA ARG D 213 -4.05 61.97 15.64
C ARG D 213 -2.88 61.04 15.39
N ASP D 214 -3.13 59.73 15.44
CA ASP D 214 -2.17 58.74 14.94
C ASP D 214 -2.29 58.70 13.40
N PHE D 215 -1.23 58.24 12.73
CA PHE D 215 -1.18 58.10 11.25
C PHE D 215 -0.48 56.79 10.94
N THR D 216 -0.96 56.05 9.94
CA THR D 216 -0.39 54.73 9.61
C THR D 216 0.27 54.80 8.24
N TYR D 217 1.56 54.51 8.21
CA TYR D 217 2.31 54.42 6.94
C TYR D 217 1.77 53.23 6.13
N ILE D 218 1.59 53.44 4.83
CA ILE D 218 0.96 52.44 3.93
C ILE D 218 1.56 51.06 4.21
N ASP D 219 2.89 50.93 4.31
CA ASP D 219 3.54 49.60 4.47
C ASP D 219 3.18 48.96 5.81
N ASP D 220 3.00 49.74 6.87
CA ASP D 220 2.51 49.20 8.18
C ASP D 220 1.04 48.74 8.02
N CYS D 221 0.19 49.56 7.40
CA CYS D 221 -1.24 49.19 7.15
C CYS D 221 -1.26 47.84 6.43
N ILE D 222 -0.40 47.64 5.45
CA ILE D 222 -0.41 46.45 4.54
C ILE D 222 0.11 45.22 5.30
N ARG D 223 1.14 45.33 6.15
CA ARG D 223 1.62 44.15 6.93
C ARG D 223 0.49 43.66 7.88
N GLY D 224 -0.22 44.57 8.52
CA GLY D 224 -1.35 44.20 9.39
C GLY D 224 -2.48 43.54 8.59
N THR D 225 -2.78 44.09 7.41
CA THR D 225 -3.79 43.55 6.46
C THR D 225 -3.41 42.13 6.01
N VAL D 226 -2.15 41.93 5.60
CA VAL D 226 -1.61 40.60 5.22
C VAL D 226 -1.63 39.69 6.46
N ALA D 227 -1.30 40.19 7.66
CA ALA D 227 -1.30 39.35 8.89
C ALA D 227 -2.73 38.89 9.19
N ALA D 228 -3.76 39.63 8.77
CA ALA D 228 -5.17 39.20 9.00
C ALA D 228 -5.47 37.93 8.24
N LEU D 229 -4.78 37.68 7.12
CA LEU D 229 -4.93 36.44 6.33
C LEU D 229 -4.00 35.35 6.90
N GLU D 230 -2.79 35.70 7.31
CA GLU D 230 -1.69 34.72 7.54
C GLU D 230 -1.65 34.29 9.03
N THR D 231 -2.36 34.97 9.94
CA THR D 231 -2.37 34.66 11.40
C THR D 231 -2.81 33.20 11.61
N LYS D 232 -2.29 32.61 12.67
CA LYS D 232 -2.57 31.22 13.12
C LYS D 232 -3.76 31.28 14.08
N LYS D 233 -3.96 32.44 14.73
CA LYS D 233 -5.13 32.70 15.59
C LYS D 233 -6.42 32.63 14.75
N ASN D 234 -7.51 32.14 15.34
CA ASN D 234 -8.87 32.25 14.78
C ASN D 234 -9.40 33.65 15.06
N ILE D 235 -9.56 34.49 14.04
CA ILE D 235 -10.04 35.88 14.20
C ILE D 235 -11.40 36.05 13.51
N ILE D 236 -12.03 34.96 13.05
CA ILE D 236 -13.34 35.03 12.32
C ILE D 236 -14.34 35.69 13.25
N GLY D 237 -15.04 36.72 12.77
CA GLY D 237 -16.00 37.50 13.56
C GLY D 237 -15.36 38.64 14.34
N GLU D 238 -14.04 38.85 14.28
CA GLU D 238 -13.39 39.94 15.07
C GLU D 238 -13.43 41.26 14.29
N VAL D 239 -13.62 42.36 15.02
CA VAL D 239 -13.35 43.74 14.55
C VAL D 239 -12.01 44.16 15.13
N ILE D 240 -11.08 44.59 14.28
CA ILE D 240 -9.68 44.94 14.69
C ILE D 240 -9.31 46.33 14.16
N ASN D 241 -8.91 47.22 15.06
CA ASN D 241 -8.33 48.54 14.67
C ASN D 241 -6.94 48.32 14.09
N ILE D 242 -6.64 49.04 13.03
CA ILE D 242 -5.30 49.20 12.40
C ILE D 242 -4.98 50.68 12.36
N GLY D 243 -4.04 51.09 13.20
CA GLY D 243 -3.68 52.50 13.44
C GLY D 243 -2.21 52.64 13.73
N GLY D 244 -1.75 53.87 13.94
CA GLY D 244 -0.32 54.17 14.07
C GLY D 244 0.10 54.18 15.52
N LYS D 245 1.40 54.17 15.79
CA LYS D 245 1.95 54.40 17.16
C LYS D 245 2.14 55.90 17.30
N GLU D 246 2.79 56.49 16.30
CA GLU D 246 3.30 57.87 16.38
C GLU D 246 2.17 58.84 16.04
N GLN D 247 1.94 59.79 16.93
CA GLN D 247 0.93 60.84 16.76
C GLN D 247 1.58 62.16 16.34
N ALA D 248 0.80 63.02 15.69
CA ALA D 248 1.26 64.34 15.23
C ALA D 248 0.06 65.26 15.02
N SER D 249 0.29 66.54 15.29
CA SER D 249 -0.58 67.66 14.87
C SER D 249 -0.28 67.97 13.42
N ILE D 250 -1.17 68.68 12.75
CA ILE D 250 -0.86 69.19 11.38
C ILE D 250 0.44 70.03 11.44
N LEU D 251 0.67 70.76 12.54
CA LEU D 251 1.86 71.66 12.68
C LEU D 251 3.12 70.80 12.78
N ASP D 252 3.09 69.67 13.51
CA ASP D 252 4.24 68.73 13.54
C ASP D 252 4.52 68.26 12.11
N ILE D 253 3.48 67.96 11.33
CA ILE D 253 3.60 67.35 9.97
C ILE D 253 4.35 68.37 9.10
N ILE D 254 3.80 69.58 9.03
CA ILE D 254 4.38 70.74 8.29
C ILE D 254 5.85 70.94 8.68
N SER D 255 6.16 70.94 9.97
CA SER D 255 7.57 71.07 10.45
C SER D 255 8.43 69.95 9.86
N MET D 256 7.93 68.71 9.84
CA MET D 256 8.72 67.57 9.28
C MET D 256 8.89 67.73 7.75
N LEU D 257 7.90 68.31 7.06
CA LEU D 257 7.94 68.57 5.60
C LEU D 257 8.99 69.65 5.31
N GLU D 258 9.09 70.68 6.15
CA GLU D 258 10.14 71.75 6.06
C GLU D 258 11.52 71.10 6.17
N LYS D 259 11.75 70.32 7.20
CA LYS D 259 13.01 69.57 7.41
C LYS D 259 13.28 68.64 6.21
N ILE D 260 12.24 68.23 5.48
CA ILE D 260 12.39 67.28 4.32
C ILE D 260 12.70 68.09 3.06
N SER D 261 11.87 69.08 2.75
CA SER D 261 11.92 69.87 1.51
C SER D 261 13.00 70.96 1.60
N GLY D 262 13.29 71.43 2.83
CA GLY D 262 14.18 72.59 3.07
C GLY D 262 13.50 73.92 2.80
N LYS D 263 12.22 73.91 2.38
CA LYS D 263 11.40 75.13 2.12
C LYS D 263 10.70 75.53 3.43
N SER D 264 10.01 76.68 3.42
CA SER D 264 9.28 77.25 4.58
C SER D 264 7.87 77.65 4.15
N ALA D 265 6.87 77.34 4.98
CA ALA D 265 5.44 77.29 4.58
C ALA D 265 4.71 78.56 4.99
N THR D 266 3.91 79.13 4.09
CA THR D 266 2.92 80.17 4.43
C THR D 266 1.67 79.47 4.96
N LYS D 267 1.54 79.42 6.28
CA LYS D 267 0.42 78.71 6.96
C LYS D 267 -0.81 79.61 6.81
N ASN D 268 -1.91 79.09 6.28
CA ASN D 268 -3.22 79.78 6.13
C ASN D 268 -4.27 79.01 6.95
N PHE D 269 -4.74 79.57 8.08
CA PHE D 269 -5.64 78.91 9.07
C PHE D 269 -7.09 79.31 8.84
N LEU D 270 -7.97 78.32 8.62
CA LEU D 270 -9.45 78.50 8.56
C LEU D 270 -10.05 78.05 9.90
N GLN D 279 -7.35 65.87 20.54
CA GLN D 279 -6.50 64.64 20.41
C GLN D 279 -7.34 63.35 20.38
N THR D 280 -7.01 62.44 19.45
CA THR D 280 -7.63 61.11 19.30
C THR D 280 -6.64 60.14 18.68
N TRP D 281 -6.66 58.87 19.08
CA TRP D 281 -5.76 57.86 18.48
C TRP D 281 -6.47 56.51 18.49
N ALA D 282 -6.10 55.63 17.57
CA ALA D 282 -6.48 54.18 17.64
C ALA D 282 -5.86 53.54 18.88
N ASP D 283 -6.66 52.74 19.58
CA ASP D 283 -6.10 51.69 20.46
C ASP D 283 -5.86 50.49 19.54
N ILE D 284 -4.59 50.13 19.40
CA ILE D 284 -4.08 49.00 18.55
C ILE D 284 -3.66 47.79 19.40
N SER D 285 -4.11 47.66 20.65
CA SER D 285 -3.84 46.49 21.54
C SER D 285 -4.36 45.19 20.94
N LYS D 286 -5.63 45.18 20.54
CA LYS D 286 -6.26 44.00 19.92
C LYS D 286 -5.43 43.53 18.73
N ALA D 287 -5.02 44.43 17.83
CA ALA D 287 -4.20 44.09 16.64
C ALA D 287 -2.85 43.53 17.09
N SER D 288 -2.26 44.07 18.14
CA SER D 288 -0.98 43.59 18.69
C SER D 288 -1.10 42.11 19.09
N THR D 289 -2.14 41.78 19.85
CA THR D 289 -2.43 40.43 20.41
C THR D 289 -2.85 39.47 19.29
N LEU D 290 -3.79 39.86 18.43
CA LEU D 290 -4.35 38.92 17.44
C LEU D 290 -3.44 38.80 16.22
N LEU D 291 -2.72 39.86 15.82
CA LEU D 291 -2.03 39.91 14.50
C LEU D 291 -0.52 40.10 14.65
N GLN D 292 -0.02 40.29 15.87
CA GLN D 292 1.42 40.66 16.08
C GLN D 292 1.66 41.98 15.33
N TYR D 293 0.64 42.84 15.27
CA TYR D 293 0.71 44.14 14.59
C TYR D 293 1.47 45.14 15.45
N SER D 294 2.47 45.74 14.83
CA SER D 294 3.39 46.73 15.45
C SER D 294 3.95 47.63 14.35
N PRO D 295 3.36 48.83 14.11
CA PRO D 295 3.86 49.70 13.06
C PRO D 295 5.32 50.10 13.35
N THR D 296 6.17 50.04 12.32
CA THR D 296 7.64 50.23 12.38
C THR D 296 8.13 51.44 11.56
N VAL D 297 7.36 52.03 10.65
CA VAL D 297 7.84 53.20 9.85
C VAL D 297 7.52 54.49 10.62
N SER D 298 8.51 55.34 10.86
CA SER D 298 8.34 56.64 11.56
C SER D 298 7.70 57.63 10.58
N LEU D 299 7.11 58.70 11.13
CA LEU D 299 6.46 59.76 10.34
C LEU D 299 7.49 60.40 9.41
N SER D 300 8.71 60.67 9.89
CA SER D 300 9.70 61.43 9.07
C SER D 300 10.08 60.57 7.86
N ASP D 301 10.32 59.27 8.05
CA ASP D 301 10.61 58.36 6.91
C ASP D 301 9.39 58.27 5.97
N GLY D 302 8.18 58.12 6.54
CA GLY D 302 6.92 57.97 5.78
C GLY D 302 6.59 59.21 4.99
N LEU D 303 6.63 60.37 5.65
CA LEU D 303 6.40 61.70 5.00
C LEU D 303 7.41 61.94 3.88
N GLU D 304 8.65 61.48 4.03
CA GLU D 304 9.69 61.63 2.99
C GLU D 304 9.32 60.81 1.76
N ALA D 305 8.93 59.56 1.94
CA ALA D 305 8.47 58.69 0.85
C ALA D 305 7.26 59.34 0.17
N GLU D 306 6.31 59.90 0.92
CA GLU D 306 5.12 60.54 0.29
C GLU D 306 5.52 61.83 -0.42
N TYR D 307 6.44 62.59 0.16
CA TYR D 307 6.96 63.83 -0.47
C TYR D 307 7.56 63.49 -1.84
N ASP D 308 8.47 62.51 -1.88
CA ASP D 308 9.10 62.00 -3.14
C ASP D 308 8.03 61.62 -4.15
N TYR D 309 7.00 60.86 -3.72
CA TYR D 309 5.94 60.33 -4.63
C TYR D 309 5.20 61.52 -5.25
N ILE D 310 4.80 62.49 -4.43
CA ILE D 310 3.98 63.67 -4.88
C ILE D 310 4.83 64.55 -5.82
N LYS D 311 6.11 64.75 -5.48
CA LYS D 311 7.05 65.51 -6.35
C LYS D 311 6.99 64.89 -7.74
N GLN D 312 7.30 63.61 -7.83
CA GLN D 312 7.31 62.80 -9.06
C GLN D 312 5.95 62.82 -9.74
N LEU D 313 4.87 62.70 -8.98
CA LEU D 313 3.49 62.67 -9.54
C LEU D 313 3.22 63.93 -10.37
N TYR D 314 3.49 65.13 -9.83
CA TYR D 314 3.09 66.43 -10.46
C TYR D 314 4.27 67.07 -11.25
N LYS D 315 5.52 66.93 -10.82
CA LYS D 315 6.66 67.67 -11.42
C LYS D 315 7.52 66.74 -12.30
N GLY D 316 7.26 65.43 -12.28
CA GLY D 316 8.16 64.40 -12.83
C GLY D 316 7.75 64.00 -14.22
N ASP D 317 8.48 63.04 -14.82
CA ASP D 317 8.28 62.54 -16.22
C ASP D 317 8.14 61.01 -16.26
N ALA D 318 7.75 60.36 -15.16
CA ALA D 318 7.46 58.91 -15.14
C ALA D 318 6.20 58.67 -15.96
N ALA D 319 6.02 57.44 -16.44
CA ALA D 319 4.80 56.95 -17.14
C ALA D 319 3.56 57.21 -16.27
N TRP D 320 3.69 57.21 -14.95
CA TRP D 320 2.56 57.43 -14.02
C TRP D 320 2.40 58.90 -13.61
N SER D 321 3.25 59.81 -14.10
CA SER D 321 3.19 61.27 -13.79
C SER D 321 2.00 61.92 -14.52
N HIS D 322 1.52 63.04 -13.98
CA HIS D 322 0.48 63.92 -14.58
C HIS D 322 1.07 65.32 -14.76
PA NAD E . -15.86 -3.72 4.80
O1A NAD E . -16.99 -3.96 5.76
O2A NAD E . -15.62 -4.68 3.70
O5B NAD E . -16.07 -2.27 4.16
C5B NAD E . -15.40 -1.89 2.96
C4B NAD E . -16.47 -1.49 1.98
O4B NAD E . -15.85 -0.94 0.81
C3B NAD E . -17.39 -2.63 1.51
O3B NAD E . -18.74 -2.38 1.89
C2B NAD E . -17.22 -2.63 -0.02
O2B NAD E . -18.45 -2.86 -0.66
C1B NAD E . -16.69 -1.22 -0.29
N9A NAD E . -15.94 -1.09 -1.52
C8A NAD E . -14.78 -1.76 -1.84
N7A NAD E . -14.33 -1.46 -3.03
C5A NAD E . -15.22 -0.51 -3.52
C6A NAD E . -15.28 0.19 -4.75
N6A NAD E . -14.40 0.03 -5.75
N1A NAD E . -16.29 1.08 -4.90
C2A NAD E . -17.18 1.22 -3.90
N3A NAD E . -17.23 0.59 -2.73
C4A NAD E . -16.21 -0.27 -2.59
O3 NAD E . -14.50 -3.41 5.60
PN NAD E . -14.31 -2.79 7.06
O1N NAD E . -15.45 -1.88 7.34
O2N NAD E . -13.88 -3.84 8.04
O5D NAD E . -13.02 -1.91 6.74
C5D NAD E . -13.17 -0.53 6.33
C4D NAD E . -11.81 0.08 6.11
O4D NAD E . -11.08 -0.01 7.35
C3D NAD E . -10.94 -0.59 5.05
O3D NAD E . -10.19 0.39 4.35
C2D NAD E . -10.02 -1.50 5.87
O2D NAD E . -8.77 -1.79 5.24
C1D NAD E . -9.82 -0.65 7.12
N1N NAD E . -9.49 -1.45 8.32
C2N NAD E . -10.45 -2.20 8.98
C3N NAD E . -10.06 -3.03 10.05
C7N NAD E . -11.05 -3.90 10.79
O7N NAD E . -10.68 -4.41 11.85
N7N NAD E . -12.26 -4.11 10.27
C4N NAD E . -8.71 -3.08 10.43
C5N NAD E . -7.78 -2.27 9.78
C6N NAD E . -8.22 -1.39 8.82
PA NAD F . 15.05 -0.89 -19.27
O1A NAD F . 16.26 -0.69 -20.14
O2A NAD F . 13.74 -0.29 -19.59
O5B NAD F . 14.96 -2.45 -18.99
C5B NAD F . 13.79 -3.07 -18.40
C4B NAD F . 13.24 -4.04 -19.41
O4B NAD F . 12.07 -4.67 -18.83
C3B NAD F . 12.76 -3.44 -20.74
O3B NAD F . 13.62 -3.83 -21.81
C2B NAD F . 11.32 -3.95 -20.91
O2B NAD F . 10.98 -4.31 -22.23
C1B NAD F . 11.25 -5.09 -19.89
N9A NAD F . 9.89 -5.35 -19.40
C8A NAD F . 9.08 -4.48 -18.73
N7A NAD F . 7.89 -4.95 -18.48
C5A NAD F . 7.90 -6.22 -19.02
C6A NAD F . 6.92 -7.22 -19.09
N6A NAD F . 5.69 -7.09 -18.58
N1A NAD F . 7.25 -8.37 -19.73
C2A NAD F . 8.49 -8.49 -20.22
N3A NAD F . 9.49 -7.62 -20.23
C4A NAD F . 9.13 -6.48 -19.60
O3 NAD F . 15.40 -0.40 -17.79
PN NAD F . 16.78 -0.48 -16.97
O1N NAD F . 17.66 -1.56 -17.55
O2N NAD F . 17.32 0.90 -16.89
O5D NAD F . 16.32 -0.95 -15.52
C5D NAD F . 16.29 -2.38 -15.14
C4D NAD F . 15.87 -2.53 -13.70
O4D NAD F . 16.75 -1.74 -12.85
C3D NAD F . 14.46 -2.06 -13.34
O3D NAD F . 13.87 -2.98 -12.42
C2D NAD F . 14.69 -0.66 -12.79
O2D NAD F . 13.60 -0.24 -11.99
C1D NAD F . 15.97 -0.86 -12.01
N1N NAD F . 16.77 0.38 -11.76
C2N NAD F . 17.42 1.02 -12.78
C3N NAD F . 18.09 2.21 -12.58
C7N NAD F . 18.86 2.88 -13.70
O7N NAD F . 19.58 3.81 -13.39
N7N NAD F . 18.67 2.48 -14.96
C4N NAD F . 18.07 2.78 -11.32
C5N NAD F . 17.64 2.02 -10.26
C6N NAD F . 16.92 0.86 -10.50
PA NAD G . -1.79 -53.06 -5.94
O1A NAD G . -3.16 -53.31 -5.41
O2A NAD G . -1.22 -53.78 -7.11
O5B NAD G . -1.60 -51.48 -6.09
C5B NAD G . -0.51 -50.97 -6.88
C4B NAD G . -1.08 -50.15 -8.00
O4B NAD G . 0.00 -49.53 -8.74
C3B NAD G . -1.89 -50.94 -9.04
O3B NAD G . -3.26 -50.62 -8.93
C2B NAD G . -1.23 -50.57 -10.37
O2B NAD G . -2.20 -50.41 -11.40
C1B NAD G . -0.46 -49.30 -10.03
N9A NAD G . 0.67 -49.06 -10.93
C8A NAD G . 1.71 -49.92 -11.16
N7A NAD G . 2.55 -49.48 -12.06
C5A NAD G . 2.04 -48.26 -12.46
C6A NAD G . 2.48 -47.33 -13.41
N6A NAD G . 3.55 -47.53 -14.18
N1A NAD G . 1.71 -46.22 -13.59
C2A NAD G . 0.60 -46.09 -12.86
N3A NAD G . 0.09 -46.90 -11.93
C4A NAD G . 0.87 -47.98 -11.77
O3 NAD G . -0.71 -53.32 -4.77
PN NAD G . -0.86 -53.10 -3.22
O1N NAD G . -1.93 -52.10 -2.92
O2N NAD G . -0.97 -54.41 -2.53
O5D NAD G . 0.59 -52.47 -2.91
C5D NAD G . 0.72 -51.01 -2.79
C4D NAD G . 2.14 -50.68 -2.40
O4D NAD G . 2.41 -51.25 -1.09
C3D NAD G . 3.22 -51.22 -3.33
O3D NAD G . 4.26 -50.28 -3.44
C2D NAD G . 3.68 -52.50 -2.64
O2D NAD G . 5.01 -52.85 -2.98
C1D NAD G . 3.56 -52.08 -1.19
N1N NAD G . 3.39 -53.24 -0.28
C2N NAD G . 2.23 -53.97 -0.24
C3N NAD G . 2.11 -55.03 0.65
C7N NAD G . 0.84 -55.85 0.79
O7N NAD G . 0.83 -56.76 1.61
N7N NAD G . -0.18 -55.59 -0.03
C4N NAD G . 3.21 -55.41 1.41
C5N NAD G . 4.32 -54.62 1.42
C6N NAD G . 4.42 -53.57 0.54
PA NAD H . -9.50 54.63 -2.98
O1A NAD H . -8.10 54.90 -3.38
O2A NAD H . -10.60 55.56 -3.40
O5B NAD H . -9.79 53.13 -3.33
C5B NAD H . -11.12 52.59 -3.40
C4B NAD H . -11.35 52.05 -4.78
O4B NAD H . -12.65 51.40 -4.84
C3B NAD H . -11.34 53.09 -5.90
O3B NAD H . -10.18 52.84 -6.71
C2B NAD H . -12.69 52.89 -6.63
O2B NAD H . -12.54 52.96 -8.03
C1B NAD H . -13.11 51.51 -6.17
N9A NAD H . -14.55 51.25 -6.20
C8A NAD H . -15.53 51.90 -5.50
N7A NAD H . -16.73 51.46 -5.76
C5A NAD H . -16.54 50.42 -6.65
C6A NAD H . -17.45 49.55 -7.31
N6A NAD H . -18.77 49.63 -7.20
N1A NAD H . -16.92 48.62 -8.13
C2A NAD H . -15.59 48.59 -8.28
N3A NAD H . -14.65 49.35 -7.74
C4A NAD H . -15.19 50.26 -6.92
O3 NAD H . -9.56 54.53 -1.40
PN NAD H . -8.46 54.10 -0.34
O1N NAD H . -7.52 53.20 -1.06
O2N NAD H . -8.01 55.27 0.45
O5D NAD H . -9.45 53.25 0.58
C5D NAD H . -9.48 51.82 0.48
C4D NAD H . -10.37 51.28 1.57
O4D NAD H . -9.73 51.56 2.85
C3D NAD H . -11.77 51.89 1.63
O3D NAD H . -12.76 50.94 2.00
C2D NAD H . -11.64 52.93 2.76
O2D NAD H . -12.90 53.19 3.39
C1D NAD H . -10.65 52.24 3.69
N1N NAD H . -9.89 53.22 4.52
C2N NAD H . -8.85 53.97 3.97
C3N NAD H . -8.23 54.96 4.74
C7N NAD H . -7.16 55.87 4.21
O7N NAD H . -6.60 56.63 5.00
N7N NAD H . -6.92 55.90 2.91
C4N NAD H . -8.64 55.16 6.07
C5N NAD H . -9.77 54.48 6.54
C6N NAD H . -10.27 53.43 5.80
#